data_3W69
# 
_entry.id   3W69 
# 
_audit_conform.dict_name       mmcif_pdbx.dic 
_audit_conform.dict_version    5.381 
_audit_conform.dict_location   http://mmcif.pdb.org/dictionaries/ascii/mmcif_pdbx.dic 
# 
loop_
_database_2.database_id 
_database_2.database_code 
_database_2.pdbx_database_accession 
_database_2.pdbx_DOI 
PDB   3W69         pdb_00003w69 10.2210/pdb3w69/pdb 
RCSB  RCSB095938   ?            ?                   
WWPDB D_1000095938 ?            ?                   
# 
_pdbx_database_status.status_code                     REL 
_pdbx_database_status.entry_id                        3W69 
_pdbx_database_status.recvd_initial_deposition_date   2013-02-12 
_pdbx_database_status.deposit_site                    PDBJ 
_pdbx_database_status.process_site                    PDBJ 
_pdbx_database_status.methods_development_category    ? 
_pdbx_database_status.status_code_sf                  REL 
_pdbx_database_status.status_code_mr                  ? 
_pdbx_database_status.SG_entry                        ? 
_pdbx_database_status.status_code_cs                  ? 
_pdbx_database_status.pdb_format_compatible           Y 
_pdbx_database_status.status_code_nmr_data            ? 
# 
loop_
_audit_author.name 
_audit_author.pdbx_ordinal 
'Shimizu, H.'  1 
'Katakura, S.' 2 
'Miyazaki, M.' 3 
'Naito, H.'    4 
'Sugimoto, Y.' 5 
'Kawato, H.'   6 
'Okayama, T.'  7 
'Soga, T.'     8 
# 
_citation.id                        primary 
_citation.title                     'Synthesis and evaluation of novel orally active p53-MDM2 interaction inhibitors' 
_citation.journal_abbrev            Bioorg.Med.Chem. 
_citation.journal_volume            21 
_citation.page_first                4319 
_citation.page_last                 4331 
_citation.year                      2013 
_citation.journal_id_ASTM           BMECEP 
_citation.country                   UK 
_citation.journal_id_ISSN           0968-0896 
_citation.journal_id_CSD            1200 
_citation.book_publisher            ? 
_citation.pdbx_database_id_PubMed   23685175 
_citation.pdbx_database_id_DOI      10.1016/j.bmc.2013.04.056 
# 
loop_
_citation_author.citation_id 
_citation_author.name 
_citation_author.ordinal 
_citation_author.identifier_ORCID 
primary 'Miyazaki, M.' 1  ? 
primary 'Naito, H.'    2  ? 
primary 'Sugimoto, Y.' 3  ? 
primary 'Yoshida, K.'  4  ? 
primary 'Kawato, H.'   5  ? 
primary 'Okayama, T.'  6  ? 
primary 'Shimizu, H.'  7  ? 
primary 'Miyazaki, M.' 8  ? 
primary 'Kitagawa, M.' 9  ? 
primary 'Seki, T.'     10 ? 
primary 'Fukutake, S.' 11 ? 
primary 'Shiose, Y.'   12 ? 
primary 'Aonuma, M.'   13 ? 
primary 'Soga, T.'     14 ? 
# 
_cell.entry_id           3W69 
_cell.length_a           53.562 
_cell.length_b           65.761 
_cell.length_c           81.436 
_cell.angle_alpha        90.00 
_cell.angle_beta         90.00 
_cell.angle_gamma        90.00 
_cell.Z_PDB              8 
_cell.pdbx_unique_axis   ? 
_cell.length_a_esd       ? 
_cell.length_b_esd       ? 
_cell.length_c_esd       ? 
_cell.angle_alpha_esd    ? 
_cell.angle_beta_esd     ? 
_cell.angle_gamma_esd    ? 
# 
_symmetry.entry_id                         3W69 
_symmetry.space_group_name_H-M             'P 21 21 21' 
_symmetry.pdbx_full_space_group_name_H-M   ? 
_symmetry.cell_setting                     ? 
_symmetry.Int_Tables_number                19 
_symmetry.space_group_name_Hall            ? 
# 
loop_
_entity.id 
_entity.type 
_entity.src_method 
_entity.pdbx_description 
_entity.formula_weight 
_entity.pdbx_number_of_molecules 
_entity.pdbx_ec 
_entity.pdbx_mutation 
_entity.pdbx_fragment 
_entity.details 
1 polymer     man 'E3 ubiquitin-protein ligase Mdm2' 10204.974 2   6.3.2.- L33E 'UNP residues 25-109' ? 
2 non-polymer syn 
;(5R,6S)-2-[((2S,5R)-2-{[(3R)-4-acetyl-3-methylpiperazin-1-yl]carbonyl}-5-ethylpyrrolidin-1-yl)carbonyl]-5,6-bis(4-chlorophenyl)-3-isopropyl-6-methyl-5,6-dihydroimidazo[2,1-b][1,3]thiazole
;
696.729   2   ?       ?    ?                     ? 
3 non-polymer syn 'SULFATE ION' 96.063    3   ?       ?    ?                     ? 
4 water       nat water 18.015    135 ?       ?    ?                     ? 
# 
_entity_name_com.entity_id   1 
_entity_name_com.name        'Double minute 2 protein, Hdm2, Oncoprotein Mdm2, p53-binding protein Mdm2' 
# 
_entity_poly.entity_id                      1 
_entity_poly.type                           'polypeptide(L)' 
_entity_poly.nstd_linkage                   no 
_entity_poly.nstd_monomer                   no 
_entity_poly.pdbx_seq_one_letter_code       
;GSETLVRPKPELLKLLKSVGAQKDTYTMKEVLFYLGQYIMTKRLYDEKQQHIVYCSNDLLGDLFGVPSFSVKEHRKIYTM
IYRNLVV
;
_entity_poly.pdbx_seq_one_letter_code_can   
;GSETLVRPKPELLKLLKSVGAQKDTYTMKEVLFYLGQYIMTKRLYDEKQQHIVYCSNDLLGDLFGVPSFSVKEHRKIYTM
IYRNLVV
;
_entity_poly.pdbx_strand_id                 A,B 
_entity_poly.pdbx_target_identifier         ? 
# 
loop_
_entity_poly_seq.entity_id 
_entity_poly_seq.num 
_entity_poly_seq.mon_id 
_entity_poly_seq.hetero 
1 1  GLY n 
1 2  SER n 
1 3  GLU n 
1 4  THR n 
1 5  LEU n 
1 6  VAL n 
1 7  ARG n 
1 8  PRO n 
1 9  LYS n 
1 10 PRO n 
1 11 GLU n 
1 12 LEU n 
1 13 LEU n 
1 14 LYS n 
1 15 LEU n 
1 16 LEU n 
1 17 LYS n 
1 18 SER n 
1 19 VAL n 
1 20 GLY n 
1 21 ALA n 
1 22 GLN n 
1 23 LYS n 
1 24 ASP n 
1 25 THR n 
1 26 TYR n 
1 27 THR n 
1 28 MET n 
1 29 LYS n 
1 30 GLU n 
1 31 VAL n 
1 32 LEU n 
1 33 PHE n 
1 34 TYR n 
1 35 LEU n 
1 36 GLY n 
1 37 GLN n 
1 38 TYR n 
1 39 ILE n 
1 40 MET n 
1 41 THR n 
1 42 LYS n 
1 43 ARG n 
1 44 LEU n 
1 45 TYR n 
1 46 ASP n 
1 47 GLU n 
1 48 LYS n 
1 49 GLN n 
1 50 GLN n 
1 51 HIS n 
1 52 ILE n 
1 53 VAL n 
1 54 TYR n 
1 55 CYS n 
1 56 SER n 
1 57 ASN n 
1 58 ASP n 
1 59 LEU n 
1 60 LEU n 
1 61 GLY n 
1 62 ASP n 
1 63 LEU n 
1 64 PHE n 
1 65 GLY n 
1 66 VAL n 
1 67 PRO n 
1 68 SER n 
1 69 PHE n 
1 70 SER n 
1 71 VAL n 
1 72 LYS n 
1 73 GLU n 
1 74 HIS n 
1 75 ARG n 
1 76 LYS n 
1 77 ILE n 
1 78 TYR n 
1 79 THR n 
1 80 MET n 
1 81 ILE n 
1 82 TYR n 
1 83 ARG n 
1 84 ASN n 
1 85 LEU n 
1 86 VAL n 
1 87 VAL n 
# 
_entity_src_gen.entity_id                          1 
_entity_src_gen.pdbx_src_id                        1 
_entity_src_gen.pdbx_alt_source_flag               sample 
_entity_src_gen.pdbx_seq_type                      ? 
_entity_src_gen.pdbx_beg_seq_num                   ? 
_entity_src_gen.pdbx_end_seq_num                   ? 
_entity_src_gen.gene_src_common_name               human 
_entity_src_gen.gene_src_genus                     ? 
_entity_src_gen.pdbx_gene_src_gene                 MDM2 
_entity_src_gen.gene_src_species                   ? 
_entity_src_gen.gene_src_strain                    ? 
_entity_src_gen.gene_src_tissue                    ? 
_entity_src_gen.gene_src_tissue_fraction           ? 
_entity_src_gen.gene_src_details                   ? 
_entity_src_gen.pdbx_gene_src_fragment             ? 
_entity_src_gen.pdbx_gene_src_scientific_name      'Homo sapiens' 
_entity_src_gen.pdbx_gene_src_ncbi_taxonomy_id     9606 
_entity_src_gen.pdbx_gene_src_variant              ? 
_entity_src_gen.pdbx_gene_src_cell_line            ? 
_entity_src_gen.pdbx_gene_src_atcc                 ? 
_entity_src_gen.pdbx_gene_src_organ                ? 
_entity_src_gen.pdbx_gene_src_organelle            ? 
_entity_src_gen.pdbx_gene_src_cell                 ? 
_entity_src_gen.pdbx_gene_src_cellular_location    ? 
_entity_src_gen.host_org_common_name               ? 
_entity_src_gen.pdbx_host_org_scientific_name      'Escherichia coli' 
_entity_src_gen.pdbx_host_org_ncbi_taxonomy_id     562 
_entity_src_gen.host_org_genus                     ? 
_entity_src_gen.pdbx_host_org_gene                 ? 
_entity_src_gen.pdbx_host_org_organ                ? 
_entity_src_gen.host_org_species                   ? 
_entity_src_gen.pdbx_host_org_tissue               ? 
_entity_src_gen.pdbx_host_org_tissue_fraction      ? 
_entity_src_gen.pdbx_host_org_strain               BL21 
_entity_src_gen.pdbx_host_org_variant              ? 
_entity_src_gen.pdbx_host_org_cell_line            ? 
_entity_src_gen.pdbx_host_org_atcc                 ? 
_entity_src_gen.pdbx_host_org_culture_collection   ? 
_entity_src_gen.pdbx_host_org_cell                 ? 
_entity_src_gen.pdbx_host_org_organelle            ? 
_entity_src_gen.pdbx_host_org_cellular_location    ? 
_entity_src_gen.pdbx_host_org_vector_type          plasmid 
_entity_src_gen.pdbx_host_org_vector               ? 
_entity_src_gen.host_org_details                   ? 
_entity_src_gen.expression_system_id               ? 
_entity_src_gen.plasmid_name                       pGEX4T3 
_entity_src_gen.plasmid_details                    ? 
_entity_src_gen.pdbx_description                   ? 
# 
_struct_ref.id                         1 
_struct_ref.db_name                    UNP 
_struct_ref.db_code                    MDM2_HUMAN 
_struct_ref.pdbx_db_accession          Q00987 
_struct_ref.entity_id                  1 
_struct_ref.pdbx_seq_one_letter_code   
;ETLVRPKPLLLKLLKSVGAQKDTYTMKEVLFYLGQYIMTKRLYDEKQQHIVYCSNDLLGDLFGVPSFSVKEHRKIYTMIY
RNLVV
;
_struct_ref.pdbx_align_begin           25 
_struct_ref.pdbx_db_isoform            ? 
# 
loop_
_struct_ref_seq.align_id 
_struct_ref_seq.ref_id 
_struct_ref_seq.pdbx_PDB_id_code 
_struct_ref_seq.pdbx_strand_id 
_struct_ref_seq.seq_align_beg 
_struct_ref_seq.pdbx_seq_align_beg_ins_code 
_struct_ref_seq.seq_align_end 
_struct_ref_seq.pdbx_seq_align_end_ins_code 
_struct_ref_seq.pdbx_db_accession 
_struct_ref_seq.db_align_beg 
_struct_ref_seq.pdbx_db_align_beg_ins_code 
_struct_ref_seq.db_align_end 
_struct_ref_seq.pdbx_db_align_end_ins_code 
_struct_ref_seq.pdbx_auth_seq_align_beg 
_struct_ref_seq.pdbx_auth_seq_align_end 
1 1 3W69 A 3 ? 87 ? Q00987 25 ? 109 ? 25 109 
2 1 3W69 B 3 ? 87 ? Q00987 25 ? 109 ? 25 109 
# 
loop_
_struct_ref_seq_dif.align_id 
_struct_ref_seq_dif.pdbx_pdb_id_code 
_struct_ref_seq_dif.mon_id 
_struct_ref_seq_dif.pdbx_pdb_strand_id 
_struct_ref_seq_dif.seq_num 
_struct_ref_seq_dif.pdbx_pdb_ins_code 
_struct_ref_seq_dif.pdbx_seq_db_name 
_struct_ref_seq_dif.pdbx_seq_db_accession_code 
_struct_ref_seq_dif.db_mon_id 
_struct_ref_seq_dif.pdbx_seq_db_seq_num 
_struct_ref_seq_dif.details 
_struct_ref_seq_dif.pdbx_auth_seq_num 
_struct_ref_seq_dif.pdbx_ordinal 
1 3W69 GLY A 1  ? UNP Q00987 ?   ?  'expression tag'      23 1 
1 3W69 SER A 2  ? UNP Q00987 ?   ?  'expression tag'      24 2 
1 3W69 GLU A 11 ? UNP Q00987 LEU 33 'engineered mutation' 33 3 
2 3W69 GLY B 1  ? UNP Q00987 ?   ?  'expression tag'      23 4 
2 3W69 SER B 2  ? UNP Q00987 ?   ?  'expression tag'      24 5 
2 3W69 GLU B 11 ? UNP Q00987 LEU 33 'engineered mutation' 33 6 
# 
loop_
_chem_comp.id 
_chem_comp.type 
_chem_comp.mon_nstd_flag 
_chem_comp.name 
_chem_comp.pdbx_synonyms 
_chem_comp.formula 
_chem_comp.formula_weight 
ALA 'L-peptide linking' y ALANINE ? 'C3 H7 N O2'          89.093  
ARG 'L-peptide linking' y ARGININE ? 'C6 H15 N4 O2 1'      175.209 
ASN 'L-peptide linking' y ASPARAGINE ? 'C4 H8 N2 O3'         132.118 
ASP 'L-peptide linking' y 'ASPARTIC ACID' ? 'C4 H7 N O4'          133.103 
CYS 'L-peptide linking' y CYSTEINE ? 'C3 H7 N O2 S'        121.158 
GLN 'L-peptide linking' y GLUTAMINE ? 'C5 H10 N2 O3'        146.144 
GLU 'L-peptide linking' y 'GLUTAMIC ACID' ? 'C5 H9 N O4'          147.129 
GLY 'peptide linking'   y GLYCINE ? 'C2 H5 N O2'          75.067  
HIS 'L-peptide linking' y HISTIDINE ? 'C6 H10 N3 O2 1'      156.162 
HOH non-polymer         . WATER ? 'H2 O'                18.015  
ILE 'L-peptide linking' y ISOLEUCINE ? 'C6 H13 N O2'         131.173 
LEU 'L-peptide linking' y LEUCINE ? 'C6 H13 N O2'         131.173 
LTZ non-polymer         . 
;(5R,6S)-2-[((2S,5R)-2-{[(3R)-4-acetyl-3-methylpiperazin-1-yl]carbonyl}-5-ethylpyrrolidin-1-yl)carbonyl]-5,6-bis(4-chlorophenyl)-3-isopropyl-6-methyl-5,6-dihydroimidazo[2,1-b][1,3]thiazole
;
? 'C36 H43 Cl2 N5 O3 S' 696.729 
LYS 'L-peptide linking' y LYSINE ? 'C6 H15 N2 O2 1'      147.195 
MET 'L-peptide linking' y METHIONINE ? 'C5 H11 N O2 S'       149.211 
PHE 'L-peptide linking' y PHENYLALANINE ? 'C9 H11 N O2'         165.189 
PRO 'L-peptide linking' y PROLINE ? 'C5 H9 N O2'          115.130 
SER 'L-peptide linking' y SERINE ? 'C3 H7 N O3'          105.093 
SO4 non-polymer         . 'SULFATE ION' ? 'O4 S -2'             96.063  
THR 'L-peptide linking' y THREONINE ? 'C4 H9 N O3'          119.119 
TYR 'L-peptide linking' y TYROSINE ? 'C9 H11 N O3'         181.189 
VAL 'L-peptide linking' y VALINE ? 'C5 H11 N O2'         117.146 
# 
_exptl.entry_id          3W69 
_exptl.method            'X-RAY DIFFRACTION' 
_exptl.crystals_number   1 
# 
_exptl_crystal.id                    1 
_exptl_crystal.density_meas          ? 
_exptl_crystal.density_Matthews      3.51 
_exptl_crystal.density_percent_sol   64.99 
_exptl_crystal.description           ? 
_exptl_crystal.F_000                 ? 
_exptl_crystal.preparation           ? 
# 
_exptl_crystal_grow.crystal_id      1 
_exptl_crystal_grow.method          'VAPOR DIFFUSION, SITTING DROP' 
_exptl_crystal_grow.temp            293 
_exptl_crystal_grow.temp_details    ? 
_exptl_crystal_grow.pH              8.1 
_exptl_crystal_grow.pdbx_details    
'2.4M Ammonium sulfate, 5% PEG 200, 0.1M Tris HCl, pH 8.1 , VAPOR DIFFUSION, SITTING DROP, temperature 293K' 
_exptl_crystal_grow.pdbx_pH_range   . 
# 
_diffrn.id                     1 
_diffrn.ambient_temp           100 
_diffrn.ambient_temp_details   ? 
_diffrn.crystal_id             1 
# 
_diffrn_detector.diffrn_id              1 
_diffrn_detector.detector               'IMAGE PLATE' 
_diffrn_detector.type                   'RIGAKU RAXIS VII' 
_diffrn_detector.pdbx_collection_date   2007-03-02 
_diffrn_detector.details                'confocal mirrors' 
# 
_diffrn_radiation.diffrn_id                        1 
_diffrn_radiation.wavelength_id                    1 
_diffrn_radiation.pdbx_monochromatic_or_laue_m_l   M 
_diffrn_radiation.monochromator                    graphite 
_diffrn_radiation.pdbx_diffrn_protocol             'SINGLE WAVELENGTH' 
_diffrn_radiation.pdbx_scattering_type             x-ray 
# 
_diffrn_radiation_wavelength.id           1 
_diffrn_radiation_wavelength.wavelength   1.54178 
_diffrn_radiation_wavelength.wt           1.0 
# 
_diffrn_source.diffrn_id                   1 
_diffrn_source.source                      'ROTATING ANODE' 
_diffrn_source.type                        'RIGAKU MICROMAX-007 HF' 
_diffrn_source.pdbx_synchrotron_site       ? 
_diffrn_source.pdbx_synchrotron_beamline   ? 
_diffrn_source.pdbx_wavelength             ? 
_diffrn_source.pdbx_wavelength_list        1.54178 
# 
_reflns.entry_id                     3W69 
_reflns.observed_criterion_sigma_I   0 
_reflns.observed_criterion_sigma_F   0 
_reflns.d_resolution_low             44.8 
_reflns.d_resolution_high            1.9 
_reflns.number_obs                   22162 
_reflns.number_all                   22427 
_reflns.percent_possible_obs         95.5 
_reflns.pdbx_Rmerge_I_obs            0.069 
_reflns.pdbx_Rsym_value              ? 
_reflns.pdbx_netI_over_sigmaI        8.3 
_reflns.B_iso_Wilson_estimate        ? 
_reflns.pdbx_redundancy              2.1 
_reflns.R_free_details               ? 
_reflns.limit_h_max                  ? 
_reflns.limit_h_min                  ? 
_reflns.limit_k_max                  ? 
_reflns.limit_k_min                  ? 
_reflns.limit_l_max                  ? 
_reflns.limit_l_min                  ? 
_reflns.observed_criterion_F_max     ? 
_reflns.observed_criterion_F_min     ? 
_reflns.pdbx_chi_squared             ? 
_reflns.pdbx_scaling_rejects         ? 
_reflns.pdbx_ordinal                 1 
_reflns.pdbx_diffrn_id               1 
# 
_reflns_shell.d_res_high                  1.90 
_reflns_shell.d_res_low                   2.00 
_reflns_shell.percent_possible_all        95.2 
_reflns_shell.Rmerge_I_obs                0.475 
_reflns_shell.pdbx_Rsym_value             ? 
_reflns_shell.meanI_over_sigI_obs         1.5 
_reflns_shell.pdbx_redundancy             2.0 
_reflns_shell.percent_possible_obs        ? 
_reflns_shell.number_unique_all           2930 
_reflns_shell.number_measured_all         ? 
_reflns_shell.number_measured_obs         ? 
_reflns_shell.number_unique_obs           ? 
_reflns_shell.pdbx_chi_squared            ? 
_reflns_shell.pdbx_rejects                ? 
_reflns_shell.pdbx_netI_over_sigmaI_obs   ? 
_reflns_shell.number_possible             ? 
_reflns_shell.Rmerge_F_all                ? 
_reflns_shell.Rmerge_F_obs                ? 
_reflns_shell.Rmerge_I_all                ? 
_reflns_shell.meanI_over_sigI_all         ? 
_reflns_shell.pdbx_Rrim_I_all             ? 
_reflns_shell.pdbx_Rpim_I_all             ? 
_reflns_shell.pdbx_ordinal                1 
_reflns_shell.pdbx_diffrn_id              1 
# 
_refine.entry_id                                 3W69 
_refine.ls_number_reflns_obs                     20969 
_refine.ls_number_reflns_all                     22162 
_refine.pdbx_ls_sigma_I                          ? 
_refine.pdbx_ls_sigma_F                          ? 
_refine.pdbx_data_cutoff_high_absF               ? 
_refine.pdbx_data_cutoff_low_absF                ? 
_refine.pdbx_data_cutoff_high_rms_absF           ? 
_refine.ls_d_res_low                             21.18 
_refine.ls_d_res_high                            1.90 
_refine.ls_percent_reflns_obs                    100.00 
_refine.ls_R_factor_obs                          0.21038 
_refine.ls_R_factor_all                          ? 
_refine.ls_R_factor_R_work                       0.20894 
_refine.ls_R_factor_R_free                       0.23810 
_refine.ls_R_factor_R_free_error                 ? 
_refine.ls_R_factor_R_free_error_details         ? 
_refine.ls_percent_reflns_R_free                 4.9 
_refine.ls_number_reflns_R_free                  1079 
_refine.ls_number_parameters                     ? 
_refine.ls_number_restraints                     ? 
_refine.occupancy_min                            ? 
_refine.occupancy_max                            ? 
_refine.correlation_coeff_Fo_to_Fc               0.950 
_refine.correlation_coeff_Fo_to_Fc_free          0.930 
_refine.B_iso_mean                               30.626 
_refine.aniso_B[1][1]                            1.23 
_refine.aniso_B[2][2]                            0.19 
_refine.aniso_B[3][3]                            -1.42 
_refine.aniso_B[1][2]                            0.00 
_refine.aniso_B[1][3]                            0.00 
_refine.aniso_B[2][3]                            0.00 
_refine.solvent_model_details                    'BABINET MODEL WITH MASK' 
_refine.solvent_model_param_ksol                 ? 
_refine.solvent_model_param_bsol                 ? 
_refine.pdbx_solvent_vdw_probe_radii             1.20 
_refine.pdbx_solvent_ion_probe_radii             0.80 
_refine.pdbx_solvent_shrinkage_radii             0.80 
_refine.pdbx_ls_cross_valid_method               THROUGHOUT 
_refine.details                                  ? 
_refine.pdbx_starting_model                      1RV1 
_refine.pdbx_method_to_determine_struct          'MOLECULAR REPLACEMENT' 
_refine.pdbx_isotropic_thermal_model             ? 
_refine.pdbx_stereochemistry_target_values       'MAXIMUM LIKELIHOOD' 
_refine.pdbx_stereochem_target_val_spec_case     ? 
_refine.pdbx_R_Free_selection_details            RANDOM 
_refine.pdbx_overall_ESU_R                       0.137 
_refine.pdbx_overall_ESU_R_Free                  0.129 
_refine.overall_SU_ML                            0.104 
_refine.pdbx_overall_phase_error                 ? 
_refine.overall_SU_B                             3.658 
_refine.overall_SU_R_Cruickshank_DPI             ? 
_refine.ls_redundancy_reflns_obs                 ? 
_refine.B_iso_min                                ? 
_refine.B_iso_max                                ? 
_refine.overall_SU_R_free                        ? 
_refine.ls_wR_factor_R_free                      ? 
_refine.ls_wR_factor_R_work                      ? 
_refine.overall_FOM_free_R_set                   ? 
_refine.overall_FOM_work_R_set                   ? 
_refine.pdbx_diffrn_id                           1 
_refine.pdbx_refine_id                           'X-RAY DIFFRACTION' 
_refine.pdbx_TLS_residual_ADP_flag               ? 
_refine.pdbx_overall_SU_R_free_Cruickshank_DPI   ? 
_refine.pdbx_overall_SU_R_Blow_DPI               ? 
_refine.pdbx_overall_SU_R_free_Blow_DPI          ? 
# 
_refine_hist.pdbx_refine_id                   'X-RAY DIFFRACTION' 
_refine_hist.cycle_id                         LAST 
_refine_hist.pdbx_number_atoms_protein        1414 
_refine_hist.pdbx_number_atoms_nucleic_acid   0 
_refine_hist.pdbx_number_atoms_ligand         109 
_refine_hist.number_atoms_solvent             135 
_refine_hist.number_atoms_total               1658 
_refine_hist.d_res_high                       1.90 
_refine_hist.d_res_low                        21.18 
# 
loop_
_refine_ls_restr.type 
_refine_ls_restr.dev_ideal 
_refine_ls_restr.dev_ideal_target 
_refine_ls_restr.weight 
_refine_ls_restr.number 
_refine_ls_restr.pdbx_restraint_function 
_refine_ls_restr.pdbx_refine_id 
r_bond_refined_d             0.013  0.022  ? 1558 ? 'X-RAY DIFFRACTION' 
r_bond_other_d               ?      ?      ? ?    ? 'X-RAY DIFFRACTION' 
r_angle_refined_deg          2.127  2.081  ? 2118 ? 'X-RAY DIFFRACTION' 
r_angle_other_deg            ?      ?      ? ?    ? 'X-RAY DIFFRACTION' 
r_dihedral_angle_1_deg       5.582  5.000  ? 168  ? 'X-RAY DIFFRACTION' 
r_dihedral_angle_2_deg       42.590 23.548 ? 62   ? 'X-RAY DIFFRACTION' 
r_dihedral_angle_3_deg       17.486 15.000 ? 286  ? 'X-RAY DIFFRACTION' 
r_dihedral_angle_4_deg       25.888 15.000 ? 8    ? 'X-RAY DIFFRACTION' 
r_chiral_restr               0.103  0.200  ? 232  ? 'X-RAY DIFFRACTION' 
r_gen_planes_refined         0.007  0.020  ? 1140 ? 'X-RAY DIFFRACTION' 
r_gen_planes_other           ?      ?      ? ?    ? 'X-RAY DIFFRACTION' 
r_nbd_refined                0.219  0.200  ? 735  ? 'X-RAY DIFFRACTION' 
r_nbd_other                  ?      ?      ? ?    ? 'X-RAY DIFFRACTION' 
r_nbtor_refined              0.317  0.200  ? 1084 ? 'X-RAY DIFFRACTION' 
r_nbtor_other                ?      ?      ? ?    ? 'X-RAY DIFFRACTION' 
r_xyhbond_nbd_refined        0.155  0.200  ? 113  ? 'X-RAY DIFFRACTION' 
r_xyhbond_nbd_other          ?      ?      ? ?    ? 'X-RAY DIFFRACTION' 
r_metal_ion_refined          ?      ?      ? ?    ? 'X-RAY DIFFRACTION' 
r_metal_ion_other            ?      ?      ? ?    ? 'X-RAY DIFFRACTION' 
r_symmetry_vdw_refined       0.196  0.200  ? 36   ? 'X-RAY DIFFRACTION' 
r_symmetry_vdw_other         ?      ?      ? ?    ? 'X-RAY DIFFRACTION' 
r_symmetry_hbond_refined     0.197  0.200  ? 15   ? 'X-RAY DIFFRACTION' 
r_symmetry_hbond_other       ?      ?      ? ?    ? 'X-RAY DIFFRACTION' 
r_symmetry_metal_ion_refined ?      ?      ? ?    ? 'X-RAY DIFFRACTION' 
r_symmetry_metal_ion_other   ?      ?      ? ?    ? 'X-RAY DIFFRACTION' 
r_mcbond_it                  0.867  1.500  ? 872  ? 'X-RAY DIFFRACTION' 
r_mcbond_other               ?      ?      ? ?    ? 'X-RAY DIFFRACTION' 
r_mcangle_it                 1.555  2.000  ? 1384 ? 'X-RAY DIFFRACTION' 
r_scbond_it                  2.076  3.000  ? 787  ? 'X-RAY DIFFRACTION' 
r_scangle_it                 3.292  4.500  ? 734  ? 'X-RAY DIFFRACTION' 
r_rigid_bond_restr           ?      ?      ? ?    ? 'X-RAY DIFFRACTION' 
r_sphericity_free            ?      ?      ? ?    ? 'X-RAY DIFFRACTION' 
r_sphericity_bonded          ?      ?      ? ?    ? 'X-RAY DIFFRACTION' 
# 
_refine_ls_shell.pdbx_refine_id                   'X-RAY DIFFRACTION' 
_refine_ls_shell.pdbx_total_number_of_bins_used   20 
_refine_ls_shell.d_res_high                       1.900 
_refine_ls_shell.d_res_low                        1.949 
_refine_ls_shell.number_reflns_R_work             1487 
_refine_ls_shell.R_factor_R_work                  0.317 
_refine_ls_shell.percent_reflns_obs               100.00 
_refine_ls_shell.R_factor_R_free                  0.405 
_refine_ls_shell.R_factor_R_free_error            ? 
_refine_ls_shell.percent_reflns_R_free            ? 
_refine_ls_shell.number_reflns_R_free             87 
_refine_ls_shell.number_reflns_all                ? 
_refine_ls_shell.R_factor_all                     ? 
_refine_ls_shell.number_reflns_obs                ? 
_refine_ls_shell.redundancy_reflns_obs            ? 
# 
_struct.entry_id                  3W69 
_struct.title                     'Crystal structure of human mdm2 with a dihydroimidazothiazole inhibitor' 
_struct.pdbx_model_details        ? 
_struct.pdbx_CASP_flag            ? 
_struct.pdbx_model_type_details   ? 
# 
_struct_keywords.entry_id        3W69 
_struct_keywords.pdbx_keywords   'LIGASE/LIGASE INHIBITOR' 
_struct_keywords.text            'Ubiquitin-protein ligase E3 Mdm2, p53, LIGASE-LIGASE INHIBITOR complex' 
# 
loop_
_struct_asym.id 
_struct_asym.pdbx_blank_PDB_chainid_flag 
_struct_asym.pdbx_modified 
_struct_asym.entity_id 
_struct_asym.details 
A N N 1 ? 
B N N 1 ? 
C N N 2 ? 
D N N 3 ? 
E N N 2 ? 
F N N 3 ? 
G N N 3 ? 
H N N 4 ? 
I N N 4 ? 
# 
_struct_biol.id        1 
_struct_biol.details   ? 
# 
loop_
_struct_conf.conf_type_id 
_struct_conf.id 
_struct_conf.pdbx_PDB_helix_id 
_struct_conf.beg_label_comp_id 
_struct_conf.beg_label_asym_id 
_struct_conf.beg_label_seq_id 
_struct_conf.pdbx_beg_PDB_ins_code 
_struct_conf.end_label_comp_id 
_struct_conf.end_label_asym_id 
_struct_conf.end_label_seq_id 
_struct_conf.pdbx_end_PDB_ins_code 
_struct_conf.beg_auth_comp_id 
_struct_conf.beg_auth_asym_id 
_struct_conf.beg_auth_seq_id 
_struct_conf.end_auth_comp_id 
_struct_conf.end_auth_asym_id 
_struct_conf.end_auth_seq_id 
_struct_conf.pdbx_PDB_helix_class 
_struct_conf.details 
_struct_conf.pdbx_PDB_helix_length 
HELX_P HELX_P1 1 LYS A 9  ? VAL A 19 ? LYS A 31 VAL A 41  1 ? 11 
HELX_P HELX_P2 2 THR A 27 ? LYS A 42 ? THR A 49 LYS A 64  1 ? 16 
HELX_P HELX_P3 3 ASP A 58 ? GLY A 65 ? ASP A 80 GLY A 87  1 ? 8  
HELX_P HELX_P4 4 GLU A 73 ? ARG A 83 ? GLU A 95 ARG A 105 1 ? 11 
HELX_P HELX_P5 5 LYS B 9  ? SER B 18 ? LYS B 31 SER B 40  1 ? 10 
HELX_P HELX_P6 6 THR B 27 ? ARG B 43 ? THR B 49 ARG B 65  1 ? 17 
HELX_P HELX_P7 7 ASP B 58 ? GLY B 65 ? ASP B 80 GLY B 87  1 ? 8  
HELX_P HELX_P8 8 GLU B 73 ? ARG B 83 ? GLU B 95 ARG B 105 1 ? 11 
# 
_struct_conf_type.id          HELX_P 
_struct_conf_type.criteria    ? 
_struct_conf_type.reference   ? 
# 
loop_
_struct_sheet.id 
_struct_sheet.type 
_struct_sheet.number_strands 
_struct_sheet.details 
A ? 2 ? 
B ? 2 ? 
C ? 2 ? 
# 
loop_
_struct_sheet_order.sheet_id 
_struct_sheet_order.range_id_1 
_struct_sheet_order.range_id_2 
_struct_sheet_order.offset 
_struct_sheet_order.sense 
A 1 2 ? anti-parallel 
B 1 2 ? anti-parallel 
C 1 2 ? anti-parallel 
# 
loop_
_struct_sheet_range.sheet_id 
_struct_sheet_range.id 
_struct_sheet_range.beg_label_comp_id 
_struct_sheet_range.beg_label_asym_id 
_struct_sheet_range.beg_label_seq_id 
_struct_sheet_range.pdbx_beg_PDB_ins_code 
_struct_sheet_range.end_label_comp_id 
_struct_sheet_range.end_label_asym_id 
_struct_sheet_range.end_label_seq_id 
_struct_sheet_range.pdbx_end_PDB_ins_code 
_struct_sheet_range.beg_auth_comp_id 
_struct_sheet_range.beg_auth_asym_id 
_struct_sheet_range.beg_auth_seq_id 
_struct_sheet_range.end_auth_comp_id 
_struct_sheet_range.end_auth_asym_id 
_struct_sheet_range.end_auth_seq_id 
A 1 ARG A 7  ? PRO A 8  ? ARG A 29  PRO A 30  
A 2 LEU A 85 ? VAL A 86 ? LEU A 107 VAL A 108 
B 1 ILE A 52 ? TYR A 54 ? ILE A 74  TYR A 76  
B 2 SER A 68 ? SER A 70 ? SER A 90  SER A 92  
C 1 ILE B 52 ? TYR B 54 ? ILE B 74  TYR B 76  
C 2 SER B 68 ? SER B 70 ? SER B 90  SER B 92  
# 
loop_
_pdbx_struct_sheet_hbond.sheet_id 
_pdbx_struct_sheet_hbond.range_id_1 
_pdbx_struct_sheet_hbond.range_id_2 
_pdbx_struct_sheet_hbond.range_1_label_atom_id 
_pdbx_struct_sheet_hbond.range_1_label_comp_id 
_pdbx_struct_sheet_hbond.range_1_label_asym_id 
_pdbx_struct_sheet_hbond.range_1_label_seq_id 
_pdbx_struct_sheet_hbond.range_1_PDB_ins_code 
_pdbx_struct_sheet_hbond.range_1_auth_atom_id 
_pdbx_struct_sheet_hbond.range_1_auth_comp_id 
_pdbx_struct_sheet_hbond.range_1_auth_asym_id 
_pdbx_struct_sheet_hbond.range_1_auth_seq_id 
_pdbx_struct_sheet_hbond.range_2_label_atom_id 
_pdbx_struct_sheet_hbond.range_2_label_comp_id 
_pdbx_struct_sheet_hbond.range_2_label_asym_id 
_pdbx_struct_sheet_hbond.range_2_label_seq_id 
_pdbx_struct_sheet_hbond.range_2_PDB_ins_code 
_pdbx_struct_sheet_hbond.range_2_auth_atom_id 
_pdbx_struct_sheet_hbond.range_2_auth_comp_id 
_pdbx_struct_sheet_hbond.range_2_auth_asym_id 
_pdbx_struct_sheet_hbond.range_2_auth_seq_id 
A 1 2 N ARG A 7  ? N ARG A 29 O VAL A 86 ? O VAL A 108 
B 1 2 N VAL A 53 ? N VAL A 75 O PHE A 69 ? O PHE A 91  
C 1 2 N VAL B 53 ? N VAL B 75 O PHE B 69 ? O PHE B 91  
# 
loop_
_struct_site.id 
_struct_site.pdbx_evidence_code 
_struct_site.pdbx_auth_asym_id 
_struct_site.pdbx_auth_comp_id 
_struct_site.pdbx_auth_seq_id 
_struct_site.pdbx_auth_ins_code 
_struct_site.pdbx_num_residues 
_struct_site.details 
AC1 Software A LTZ 201 ? 15 'BINDING SITE FOR RESIDUE LTZ A 201' 
AC2 Software A SO4 202 ? 7  'BINDING SITE FOR RESIDUE SO4 A 202' 
AC3 Software B LTZ 201 ? 16 'BINDING SITE FOR RESIDUE LTZ B 201' 
AC4 Software B SO4 202 ? 6  'BINDING SITE FOR RESIDUE SO4 B 202' 
AC5 Software B SO4 203 ? 4  'BINDING SITE FOR RESIDUE SO4 B 203' 
# 
loop_
_struct_site_gen.id 
_struct_site_gen.site_id 
_struct_site_gen.pdbx_num_res 
_struct_site_gen.label_comp_id 
_struct_site_gen.label_asym_id 
_struct_site_gen.label_seq_id 
_struct_site_gen.pdbx_auth_ins_code 
_struct_site_gen.auth_comp_id 
_struct_site_gen.auth_asym_id 
_struct_site_gen.auth_seq_id 
_struct_site_gen.label_atom_id 
_struct_site_gen.label_alt_id 
_struct_site_gen.symmetry 
_struct_site_gen.details 
1  AC1 15 LEU A 32 ? LEU A 54  . ? 1_555 ? 
2  AC1 15 GLY A 36 ? GLY A 58  . ? 1_555 ? 
3  AC1 15 ILE A 39 ? ILE A 61  . ? 1_555 ? 
4  AC1 15 GLN A 50 ? GLN A 72  . ? 1_555 ? 
5  AC1 15 VAL A 71 ? VAL A 93  . ? 1_555 ? 
6  AC1 15 HIS A 74 ? HIS A 96  . ? 1_555 ? 
7  AC1 15 TYR A 78 ? TYR A 100 . ? 1_555 ? 
8  AC1 15 HOH H .  ? HOH A 306 . ? 1_555 ? 
9  AC1 15 HOH H .  ? HOH A 313 . ? 1_555 ? 
10 AC1 15 THR B 4  ? THR B 26  . ? 3_444 ? 
11 AC1 15 MET B 28 ? MET B 50  . ? 3_444 ? 
12 AC1 15 LEU B 32 ? LEU B 54  . ? 3_444 ? 
13 AC1 15 TYR B 78 ? TYR B 100 . ? 3_444 ? 
14 AC1 15 TYR B 82 ? TYR B 104 . ? 3_444 ? 
15 AC1 15 LTZ E .  ? LTZ B 201 . ? 3_444 ? 
16 AC2 7  GLU A 73 ? GLU A 95  . ? 1_555 ? 
17 AC2 7  HIS A 74 ? HIS A 96  . ? 1_555 ? 
18 AC2 7  ARG A 75 ? ARG A 97  . ? 1_555 ? 
19 AC2 7  LYS A 76 ? LYS A 98  . ? 1_555 ? 
20 AC2 7  HOH H .  ? HOH A 343 . ? 1_555 ? 
21 AC2 7  HOH H .  ? HOH A 361 . ? 1_555 ? 
22 AC2 7  HOH H .  ? HOH A 365 . ? 1_555 ? 
23 AC3 16 GLU A 3  ? GLU A 25  . ? 4_455 ? 
24 AC3 16 LEU A 32 ? LEU A 54  . ? 4_455 ? 
25 AC3 16 TYR A 82 ? TYR A 104 . ? 4_455 ? 
26 AC3 16 LTZ C .  ? LTZ A 201 . ? 3_454 ? 
27 AC3 16 HOH H .  ? HOH A 308 . ? 4_455 ? 
28 AC3 16 HOH H .  ? HOH A 310 . ? 4_455 ? 
29 AC3 16 LEU B 32 ? LEU B 54  . ? 1_555 ? 
30 AC3 16 GLY B 36 ? GLY B 58  . ? 1_555 ? 
31 AC3 16 ILE B 39 ? ILE B 61  . ? 1_555 ? 
32 AC3 16 GLN B 50 ? GLN B 72  . ? 1_555 ? 
33 AC3 16 VAL B 71 ? VAL B 93  . ? 1_555 ? 
34 AC3 16 HIS B 74 ? HIS B 96  . ? 1_555 ? 
35 AC3 16 ILE B 77 ? ILE B 99  . ? 1_555 ? 
36 AC3 16 TYR B 78 ? TYR B 100 . ? 1_555 ? 
37 AC3 16 SO4 G .  ? SO4 B 203 . ? 1_555 ? 
38 AC3 16 HOH I .  ? HOH B 316 . ? 1_555 ? 
39 AC4 6  ARG A 43 ? ARG A 65  . ? 3_454 ? 
40 AC4 6  LYS B 72 ? LYS B 94  . ? 1_555 ? 
41 AC4 6  HIS B 74 ? HIS B 96  . ? 1_555 ? 
42 AC4 6  ARG B 75 ? ARG B 97  . ? 1_555 ? 
43 AC4 6  HOH I .  ? HOH B 304 . ? 1_555 ? 
44 AC4 6  HOH I .  ? HOH B 342 . ? 1_555 ? 
45 AC5 4  VAL B 71 ? VAL B 93  . ? 1_555 ? 
46 AC5 4  LYS B 72 ? LYS B 94  . ? 1_555 ? 
47 AC5 4  HIS B 74 ? HIS B 96  . ? 1_555 ? 
48 AC5 4  LTZ E .  ? LTZ B 201 . ? 1_555 ? 
# 
_atom_sites.entry_id                    3W69 
_atom_sites.fract_transf_matrix[1][1]   -0.01812637 
_atom_sites.fract_transf_matrix[1][2]   0.00390542 
_atom_sites.fract_transf_matrix[1][3]   0.00217973 
_atom_sites.fract_transf_matrix[2][1]   -0.00240450 
_atom_sites.fract_transf_matrix[2][2]   -0.01407627 
_atom_sites.fract_transf_matrix[2][3]   0.00522489 
_atom_sites.fract_transf_matrix[3][1]   0.00220982 
_atom_sites.fract_transf_matrix[3][2]   0.00386993 
_atom_sites.fract_transf_matrix[3][3]   0.01144285 
_atom_sites.fract_transf_vector[1]      -0.537488 
_atom_sites.fract_transf_vector[2]      0.199177 
_atom_sites.fract_transf_vector[3]      -0.131589 
# 
loop_
_atom_type.symbol 
C  
CL 
N  
O  
S  
# 
loop_
_atom_site.group_PDB 
_atom_site.id 
_atom_site.type_symbol 
_atom_site.label_atom_id 
_atom_site.label_alt_id 
_atom_site.label_comp_id 
_atom_site.label_asym_id 
_atom_site.label_entity_id 
_atom_site.label_seq_id 
_atom_site.pdbx_PDB_ins_code 
_atom_site.Cartn_x 
_atom_site.Cartn_y 
_atom_site.Cartn_z 
_atom_site.occupancy 
_atom_site.B_iso_or_equiv 
_atom_site.pdbx_formal_charge 
_atom_site.auth_seq_id 
_atom_site.auth_comp_id 
_atom_site.auth_asym_id 
_atom_site.auth_atom_id 
_atom_site.pdbx_PDB_model_num 
ATOM   1    N  N   . GLU A 1 3  ? -12.944 27.446  11.732  1.00 45.62 ? 25  GLU A N   1 
ATOM   2    C  CA  . GLU A 1 3  ? -13.240 27.784  13.157  1.00 44.45 ? 25  GLU A CA  1 
ATOM   3    C  C   . GLU A 1 3  ? -12.081 27.418  14.108  1.00 42.92 ? 25  GLU A C   1 
ATOM   4    O  O   . GLU A 1 3  ? -11.027 28.048  14.055  1.00 42.75 ? 25  GLU A O   1 
ATOM   5    C  CB  . GLU A 1 3  ? -14.589 27.188  13.583  1.00 45.63 ? 25  GLU A CB  1 
ATOM   6    C  CG  . GLU A 1 3  ? -15.034 25.963  12.774  1.00 47.95 ? 25  GLU A CG  1 
ATOM   7    C  CD  . GLU A 1 3  ? -14.252 24.731  13.152  1.00 52.78 ? 25  GLU A CD  1 
ATOM   8    O  OE1 . GLU A 1 3  ? -13.361 24.342  12.353  1.00 53.28 ? 25  GLU A OE1 1 
ATOM   9    O  OE2 . GLU A 1 3  ? -14.506 24.185  14.265  1.00 52.13 ? 25  GLU A OE2 1 
ATOM   10   N  N   . THR A 1 4  ? -12.272 26.420  14.971  1.00 40.40 ? 26  THR A N   1 
ATOM   11   C  CA  . THR A 1 4  ? -11.239 26.000  15.924  1.00 38.26 ? 26  THR A CA  1 
ATOM   12   C  C   . THR A 1 4  ? -9.950  25.538  15.231  1.00 36.31 ? 26  THR A C   1 
ATOM   13   O  O   . THR A 1 4  ? -9.994  24.945  14.141  1.00 36.23 ? 26  THR A O   1 
ATOM   14   C  CB  . THR A 1 4  ? -11.764 24.869  16.812  1.00 38.82 ? 26  THR A CB  1 
ATOM   15   O  OG1 . THR A 1 4  ? -13.069 25.230  17.276  1.00 39.98 ? 26  THR A OG1 1 
ATOM   16   C  CG2 . THR A 1 4  ? -10.839 24.614  18.003  1.00 37.76 ? 26  THR A CG2 1 
ATOM   17   N  N   . LEU A 1 5  ? -8.816  25.814  15.868  1.00 33.29 ? 27  LEU A N   1 
ATOM   18   C  CA  . LEU A 1 5  ? -7.515  25.513  15.289  1.00 31.22 ? 27  LEU A CA  1 
ATOM   19   C  C   . LEU A 1 5  ? -6.894  24.287  15.939  1.00 29.73 ? 27  LEU A C   1 
ATOM   20   O  O   . LEU A 1 5  ? -6.978  24.106  17.152  1.00 28.07 ? 27  LEU A O   1 
ATOM   21   C  CB  . LEU A 1 5  ? -6.570  26.715  15.420  1.00 30.94 ? 27  LEU A CB  1 
ATOM   22   C  CG  . LEU A 1 5  ? -6.936  28.021  14.684  1.00 32.04 ? 27  LEU A CG  1 
ATOM   23   C  CD1 . LEU A 1 5  ? -5.875  29.104  14.978  1.00 33.06 ? 27  LEU A CD1 1 
ATOM   24   C  CD2 . LEU A 1 5  ? -7.100  27.823  13.184  1.00 31.31 ? 27  LEU A CD2 1 
ATOM   25   N  N   . VAL A 1 6  ? -6.278  23.448  15.110  1.00 28.35 ? 28  VAL A N   1 
ATOM   26   C  CA  . VAL A 1 6  ? -5.595  22.256  15.582  1.00 27.65 ? 28  VAL A CA  1 
ATOM   27   C  C   . VAL A 1 6  ? -4.124  22.415  15.246  1.00 27.91 ? 28  VAL A C   1 
ATOM   28   O  O   . VAL A 1 6  ? -3.775  23.142  14.305  1.00 27.31 ? 28  VAL A O   1 
ATOM   29   C  CB  . VAL A 1 6  ? -6.202  20.923  15.005  1.00 27.72 ? 28  VAL A CB  1 
ATOM   30   C  CG1 . VAL A 1 6  ? -7.656  20.772  15.427  1.00 26.63 ? 28  VAL A CG1 1 
ATOM   31   C  CG2 . VAL A 1 6  ? -6.074  20.830  13.457  1.00 24.55 ? 28  VAL A CG2 1 
ATOM   32   N  N   . ARG A 1 7  ? -3.277  21.747  16.022  1.00 28.00 ? 29  ARG A N   1 
ATOM   33   C  CA  . ARG A 1 7  ? -1.827  21.877  15.876  1.00 27.82 ? 29  ARG A CA  1 
ATOM   34   C  C   . ARG A 1 7  ? -1.172  20.517  15.624  1.00 27.38 ? 29  ARG A C   1 
ATOM   35   O  O   . ARG A 1 7  ? -0.952  19.746  16.559  1.00 27.12 ? 29  ARG A O   1 
ATOM   36   C  CB  . ARG A 1 7  ? -1.222  22.544  17.125  1.00 28.10 ? 29  ARG A CB  1 
ATOM   37   C  CG  . ARG A 1 7  ? 0.263   22.913  16.978  1.00 27.36 ? 29  ARG A CG  1 
ATOM   38   C  CD  . ARG A 1 7  ? 0.826   23.635  18.218  1.00 28.62 ? 29  ARG A CD  1 
ATOM   39   N  NE  . ARG A 1 7  ? 0.145   24.915  18.474  1.00 31.53 ? 29  ARG A NE  1 
ATOM   40   C  CZ  . ARG A 1 7  ? 0.546   26.106  18.029  1.00 32.53 ? 29  ARG A CZ  1 
ATOM   41   N  NH1 . ARG A 1 7  ? 1.633   26.224  17.288  1.00 33.17 ? 29  ARG A NH1 1 
ATOM   42   N  NH2 . ARG A 1 7  ? -0.159  27.187  18.326  1.00 33.28 ? 29  ARG A NH2 1 
ATOM   43   N  N   . PRO A 1 8  ? -0.850  20.219  14.347  1.00 27.38 ? 30  PRO A N   1 
ATOM   44   C  CA  . PRO A 1 8  ? -0.233  18.947  13.978  1.00 27.14 ? 30  PRO A CA  1 
ATOM   45   C  C   . PRO A 1 8  ? 1.107   18.694  14.658  1.00 27.46 ? 30  PRO A C   1 
ATOM   46   O  O   . PRO A 1 8  ? 1.882   19.637  14.885  1.00 27.88 ? 30  PRO A O   1 
ATOM   47   C  CB  . PRO A 1 8  ? -0.039  19.085  12.462  1.00 26.58 ? 30  PRO A CB  1 
ATOM   48   C  CG  . PRO A 1 8  ? -1.053  20.091  12.041  1.00 27.06 ? 30  PRO A CG  1 
ATOM   49   C  CD  . PRO A 1 8  ? -1.085  21.072  13.168  1.00 27.54 ? 30  PRO A CD  1 
ATOM   50   N  N   . LYS A 1 9  ? 1.362   17.430  14.996  1.00 27.22 ? 31  LYS A N   1 
ATOM   51   C  CA  . LYS A 1 9  ? 2.688   16.989  15.403  1.00 27.02 ? 31  LYS A CA  1 
ATOM   52   C  C   . LYS A 1 9  ? 3.671   17.201  14.239  1.00 27.76 ? 31  LYS A C   1 
ATOM   53   O  O   . LYS A 1 9  ? 3.248   17.323  13.093  1.00 27.49 ? 31  LYS A O   1 
ATOM   54   C  CB  . LYS A 1 9  ? 2.642   15.524  15.795  1.00 26.56 ? 31  LYS A CB  1 
ATOM   55   C  CG  . LYS A 1 9  ? 2.076   15.295  17.161  1.00 24.15 ? 31  LYS A CG  1 
ATOM   56   C  CD  . LYS A 1 9  ? 1.821   13.811  17.369  1.00 22.51 ? 31  LYS A CD  1 
ATOM   57   C  CE  . LYS A 1 9  ? 1.406   13.571  18.820  1.00 22.68 ? 31  LYS A CE  1 
ATOM   58   N  NZ  . LYS A 1 9  ? 1.214   12.109  18.957  1.00 25.63 ? 31  LYS A NZ  1 
ATOM   59   N  N   . PRO A 1 10 ? 4.980   17.260  14.527  1.00 28.72 ? 32  PRO A N   1 
ATOM   60   C  CA  . PRO A 1 10 ? 5.952   17.447  13.446  1.00 28.85 ? 32  PRO A CA  1 
ATOM   61   C  C   . PRO A 1 10 ? 5.783   16.579  12.187  1.00 29.07 ? 32  PRO A C   1 
ATOM   62   O  O   . PRO A 1 10 ? 5.786   17.120  11.088  1.00 28.63 ? 32  PRO A O   1 
ATOM   63   C  CB  . PRO A 1 10 ? 7.300   17.171  14.141  1.00 29.19 ? 32  PRO A CB  1 
ATOM   64   C  CG  . PRO A 1 10 ? 7.068   17.645  15.544  1.00 29.30 ? 32  PRO A CG  1 
ATOM   65   C  CD  . PRO A 1 10 ? 5.643   17.208  15.850  1.00 28.88 ? 32  PRO A CD  1 
ATOM   66   N  N   . GLU A 1 11 ? 5.627   15.265  12.333  1.00 29.38 ? 33  GLU A N   1 
ATOM   67   C  CA  . GLU A 1 11 ? 5.519   14.386  11.146  1.00 29.95 ? 33  GLU A CA  1 
ATOM   68   C  C   . GLU A 1 11 ? 4.294   14.702  10.251  1.00 29.28 ? 33  GLU A C   1 
ATOM   69   O  O   . GLU A 1 11 ? 4.441   14.805  9.027   1.00 29.49 ? 33  GLU A O   1 
ATOM   70   C  CB  . GLU A 1 11 ? 5.563   12.893  11.514  1.00 30.51 ? 33  GLU A CB  1 
ATOM   71   C  CG  . GLU A 1 11 ? 6.946   12.351  11.922  1.00 33.52 ? 33  GLU A CG  1 
ATOM   72   C  CD  . GLU A 1 11 ? 8.064   12.745  10.932  1.00 40.14 ? 33  GLU A CD  1 
ATOM   73   O  OE1 . GLU A 1 11 ? 8.083   12.243  9.779   1.00 42.69 ? 33  GLU A OE1 1 
ATOM   74   O  OE2 . GLU A 1 11 ? 8.934   13.566  11.314  1.00 42.78 ? 33  GLU A OE2 1 
ATOM   75   N  N   . LEU A 1 12 ? 3.099   14.846  10.844  1.00 28.39 ? 34  LEU A N   1 
ATOM   76   C  CA  . LEU A 1 12 ? 1.926   15.286  10.068  1.00 27.49 ? 34  LEU A CA  1 
ATOM   77   C  C   . LEU A 1 12 ? 2.151   16.673  9.454   1.00 27.44 ? 34  LEU A C   1 
ATOM   78   O  O   . LEU A 1 12 ? 1.800   16.919  8.301   1.00 26.69 ? 34  LEU A O   1 
ATOM   79   C  CB  . LEU A 1 12 ? 0.640   15.264  10.904  1.00 26.59 ? 34  LEU A CB  1 
ATOM   80   C  CG  . LEU A 1 12 ? -0.614  15.875  10.251  1.00 25.64 ? 34  LEU A CG  1 
ATOM   81   C  CD1 . LEU A 1 12 ? -1.030  15.084  8.990   1.00 23.89 ? 34  LEU A CD1 1 
ATOM   82   C  CD2 . LEU A 1 12 ? -1.723  15.937  11.260  1.00 22.56 ? 34  LEU A CD2 1 
ATOM   83   N  N   . LEU A 1 13 ? 2.744   17.578  10.222  1.00 27.99 ? 35  LEU A N   1 
ATOM   84   C  CA  . LEU A 1 13 ? 3.063   18.894  9.681   1.00 29.28 ? 35  LEU A CA  1 
ATOM   85   C  C   . LEU A 1 13 ? 3.932   18.758  8.424   1.00 29.95 ? 35  LEU A C   1 
ATOM   86   O  O   . LEU A 1 13 ? 3.725   19.458  7.437   1.00 29.70 ? 35  LEU A O   1 
ATOM   87   C  CB  . LEU A 1 13 ? 3.755   19.765  10.729  1.00 28.88 ? 35  LEU A CB  1 
ATOM   88   C  CG  . LEU A 1 13 ? 3.902   21.222  10.315  1.00 30.10 ? 35  LEU A CG  1 
ATOM   89   C  CD1 . LEU A 1 13 ? 2.533   21.884  10.254  1.00 28.74 ? 35  LEU A CD1 1 
ATOM   90   C  CD2 . LEU A 1 13 ? 4.820   21.953  11.273  1.00 31.57 ? 35  LEU A CD2 1 
ATOM   91   N  N   . LYS A 1 14 ? 4.882   17.831  8.465   1.00 31.34 ? 36  LYS A N   1 
ATOM   92   C  CA  . LYS A 1 14 ? 5.756   17.545  7.319   1.00 32.69 ? 36  LYS A CA  1 
ATOM   93   C  C   . LYS A 1 14 ? 4.921   17.149  6.100   1.00 31.71 ? 36  LYS A C   1 
ATOM   94   O  O   . LYS A 1 14 ? 5.077   17.696  5.007   1.00 31.41 ? 36  LYS A O   1 
ATOM   95   C  CB  . LYS A 1 14 ? 6.732   16.417  7.682   1.00 32.78 ? 36  LYS A CB  1 
ATOM   96   C  CG  . LYS A 1 14 ? 7.800   16.177  6.636   1.00 35.38 ? 36  LYS A CG  1 
ATOM   97   C  CD  . LYS A 1 14 ? 8.652   14.949  6.946   1.00 36.54 ? 36  LYS A CD  1 
ATOM   98   C  CE  . LYS A 1 14 ? 9.825   15.300  7.863   1.00 42.38 ? 36  LYS A CE  1 
ATOM   99   N  NZ  . LYS A 1 14 ? 9.571   15.051  9.332   1.00 46.09 ? 36  LYS A NZ  1 
ATOM   100  N  N   . LEU A 1 15 ? 4.029   16.188  6.297   1.00 30.78 ? 37  LEU A N   1 
ATOM   101  C  CA  . LEU A 1 15 ? 3.131   15.763  5.252   1.00 30.03 ? 37  LEU A CA  1 
ATOM   102  C  C   . LEU A 1 15 ? 2.302   16.928  4.693   1.00 29.51 ? 37  LEU A C   1 
ATOM   103  O  O   . LEU A 1 15 ? 2.237   17.092  3.471   1.00 29.96 ? 37  LEU A O   1 
ATOM   104  C  CB  . LEU A 1 15 ? 2.290   14.592  5.764   1.00 29.86 ? 37  LEU A CB  1 
ATOM   105  C  CG  . LEU A 1 15 ? 0.925   14.060  5.323   1.00 30.13 ? 37  LEU A CG  1 
ATOM   106  C  CD1 . LEU A 1 15 ? 0.173   14.793  4.213   1.00 29.94 ? 37  LEU A CD1 1 
ATOM   107  C  CD2 . LEU A 1 15 ? 1.050   12.543  5.089   1.00 29.48 ? 37  LEU A CD2 1 
ATOM   108  N  N   . LEU A 1 16 ? 1.701   17.748  5.558   1.00 28.66 ? 38  LEU A N   1 
ATOM   109  C  CA  . LEU A 1 16 ? 0.891   18.859  5.076   1.00 28.80 ? 38  LEU A CA  1 
ATOM   110  C  C   . LEU A 1 16 ? 1.728   19.838  4.256   1.00 29.30 ? 38  LEU A C   1 
ATOM   111  O  O   . LEU A 1 16 ? 1.242   20.374  3.257   1.00 28.58 ? 38  LEU A O   1 
ATOM   112  C  CB  . LEU A 1 16 ? 0.211   19.602  6.225   1.00 29.16 ? 38  LEU A CB  1 
ATOM   113  C  CG  . LEU A 1 16 ? -0.776  18.776  7.067   1.00 30.41 ? 38  LEU A CG  1 
ATOM   114  C  CD1 . LEU A 1 16 ? -1.424  19.633  8.146   1.00 30.68 ? 38  LEU A CD1 1 
ATOM   115  C  CD2 . LEU A 1 16 ? -1.836  18.102  6.182   1.00 29.49 ? 38  LEU A CD2 1 
ATOM   116  N  N   . LYS A 1 17 ? 2.981   20.065  4.682   1.00 29.78 ? 39  LYS A N   1 
ATOM   117  C  CA  . LYS A 1 17 ? 3.834   21.048  4.006   1.00 31.03 ? 39  LYS A CA  1 
ATOM   118  C  C   . LYS A 1 17 ? 4.301   20.539  2.650   1.00 31.20 ? 39  LYS A C   1 
ATOM   119  O  O   . LYS A 1 17 ? 4.532   21.337  1.740   1.00 32.13 ? 39  LYS A O   1 
ATOM   120  C  CB  . LYS A 1 17 ? 5.026   21.460  4.876   1.00 31.28 ? 39  LYS A CB  1 
ATOM   121  C  CG  . LYS A 1 17 ? 4.629   22.189  6.162   1.00 32.85 ? 39  LYS A CG  1 
ATOM   122  C  CD  . LYS A 1 17 ? 5.184   23.602  6.249   1.00 36.41 ? 39  LYS A CD  1 
ATOM   123  C  CE  . LYS A 1 17 ? 5.128   24.118  7.678   1.00 37.45 ? 39  LYS A CE  1 
ATOM   124  N  NZ  . LYS A 1 17 ? 6.055   25.258  7.914   1.00 38.86 ? 39  LYS A NZ  1 
ATOM   125  N  N   . SER A 1 18 ? 4.394   19.217  2.499   1.00 30.70 ? 40  SER A N   1 
ATOM   126  C  CA  . SER A 1 18 ? 4.805   18.614  1.230   1.00 30.46 ? 40  SER A CA  1 
ATOM   127  C  C   . SER A 1 18 ? 3.758   18.826  0.141   1.00 30.39 ? 40  SER A C   1 
ATOM   128  O  O   . SER A 1 18 ? 4.045   18.654  -1.035  1.00 30.39 ? 40  SER A O   1 
ATOM   129  C  CB  . SER A 1 18 ? 5.047   17.116  1.399   1.00 30.57 ? 40  SER A CB  1 
ATOM   130  O  OG  . SER A 1 18 ? 3.814   16.390  1.388   1.00 28.70 ? 40  SER A OG  1 
ATOM   131  N  N   . VAL A 1 19 ? 2.530   19.159  0.530   1.00 29.87 ? 41  VAL A N   1 
ATOM   132  C  CA  . VAL A 1 19 ? 1.517   19.582  -0.450  1.00 29.48 ? 41  VAL A CA  1 
ATOM   133  C  C   . VAL A 1 19 ? 1.189   21.074  -0.345  1.00 30.52 ? 41  VAL A C   1 
ATOM   134  O  O   . VAL A 1 19 ? 0.090   21.504  -0.696  1.00 30.17 ? 41  VAL A O   1 
ATOM   135  C  CB  . VAL A 1 19 ? 0.206   18.703  -0.404  1.00 29.78 ? 41  VAL A CB  1 
ATOM   136  C  CG1 . VAL A 1 19 ? 0.415   17.387  -1.137  1.00 27.80 ? 41  VAL A CG1 1 
ATOM   137  C  CG2 . VAL A 1 19 ? -0.260  18.476  1.028   1.00 26.64 ? 41  VAL A CG2 1 
ATOM   138  N  N   . GLY A 1 20 ? 2.135   21.861  0.159   1.00 31.26 ? 42  GLY A N   1 
ATOM   139  C  CA  . GLY A 1 20 ? 2.037   23.312  0.064   1.00 32.19 ? 42  GLY A CA  1 
ATOM   140  C  C   . GLY A 1 20 ? 1.504   24.083  1.251   1.00 33.26 ? 42  GLY A C   1 
ATOM   141  O  O   . GLY A 1 20 ? 1.290   25.291  1.144   1.00 33.33 ? 42  GLY A O   1 
ATOM   142  N  N   . ALA A 1 21 ? 1.274   23.400  2.376   1.00 33.57 ? 43  ALA A N   1 
ATOM   143  C  CA  . ALA A 1 21 ? 0.844   24.068  3.591   1.00 34.47 ? 43  ALA A CA  1 
ATOM   144  C  C   . ALA A 1 21 ? 1.993   24.877  4.175   1.00 35.63 ? 43  ALA A C   1 
ATOM   145  O  O   . ALA A 1 21 ? 3.153   24.458  4.098   1.00 35.97 ? 43  ALA A O   1 
ATOM   146  C  CB  . ALA A 1 21 ? 0.353   23.063  4.603   1.00 33.76 ? 43  ALA A CB  1 
ATOM   147  N  N   . GLN A 1 22 ? 1.675   26.025  4.772   1.00 37.58 ? 44  GLN A N   1 
ATOM   148  C  CA  . GLN A 1 22 ? 2.717   26.877  5.360   1.00 39.26 ? 44  GLN A CA  1 
ATOM   149  C  C   . GLN A 1 22 ? 2.399   27.537  6.708   1.00 39.13 ? 44  GLN A C   1 
ATOM   150  O  O   . GLN A 1 22 ? 2.985   28.564  7.061   1.00 39.43 ? 44  GLN A O   1 
ATOM   151  C  CB  . GLN A 1 22 ? 3.297   27.878  4.336   1.00 39.36 ? 44  GLN A CB  1 
ATOM   152  C  CG  . GLN A 1 22 ? 2.347   28.371  3.235   1.00 41.02 ? 44  GLN A CG  1 
ATOM   153  C  CD  . GLN A 1 22 ? 3.096   29.095  2.091   1.00 41.26 ? 44  GLN A CD  1 
ATOM   154  O  OE1 . GLN A 1 22 ? 4.321   28.969  1.952   1.00 41.99 ? 44  GLN A OE1 1 
ATOM   155  N  NE2 . GLN A 1 22 ? 2.353   29.846  1.269   1.00 41.95 ? 44  GLN A NE2 1 
ATOM   156  N  N   . LYS A 1 23 ? 1.517   26.915  7.486   1.00 38.85 ? 45  LYS A N   1 
ATOM   157  C  CA  . LYS A 1 23 ? 1.289   27.366  8.861   1.00 38.24 ? 45  LYS A CA  1 
ATOM   158  C  C   . LYS A 1 23 ? 1.601   26.266  9.861   1.00 37.34 ? 45  LYS A C   1 
ATOM   159  O  O   . LYS A 1 23 ? 1.926   25.133  9.482   1.00 37.07 ? 45  LYS A O   1 
ATOM   160  C  CB  . LYS A 1 23 ? -0.157  27.802  9.089   1.00 38.80 ? 45  LYS A CB  1 
ATOM   161  C  CG  . LYS A 1 23 ? -0.954  28.152  7.868   1.00 40.20 ? 45  LYS A CG  1 
ATOM   162  C  CD  . LYS A 1 23 ? -2.038  29.116  8.262   1.00 43.14 ? 45  LYS A CD  1 
ATOM   163  C  CE  . LYS A 1 23 ? -3.268  28.964  7.389   1.00 44.86 ? 45  LYS A CE  1 
ATOM   164  N  NZ  . LYS A 1 23 ? -4.098  27.836  7.855   1.00 44.91 ? 45  LYS A NZ  1 
ATOM   165  N  N   . ASP A 1 24 ? 1.486   26.623  11.141  1.00 36.04 ? 46  ASP A N   1 
ATOM   166  C  CA  . ASP A 1 24 ? 1.623   25.687  12.242  1.00 34.62 ? 46  ASP A CA  1 
ATOM   167  C  C   . ASP A 1 24 ? 0.274   25.169  12.725  1.00 32.93 ? 46  ASP A C   1 
ATOM   168  O  O   . ASP A 1 24 ? 0.220   24.119  13.367  1.00 31.87 ? 46  ASP A O   1 
ATOM   169  C  CB  . ASP A 1 24 ? 2.334   26.352  13.427  1.00 35.79 ? 46  ASP A CB  1 
ATOM   170  C  CG  . ASP A 1 24 ? 3.818   26.561  13.183  1.00 37.92 ? 46  ASP A CG  1 
ATOM   171  O  OD1 . ASP A 1 24 ? 4.379   27.490  13.793  1.00 41.80 ? 46  ASP A OD1 1 
ATOM   172  O  OD2 . ASP A 1 24 ? 4.431   25.812  12.395  1.00 41.28 ? 46  ASP A OD2 1 
ATOM   173  N  N   . THR A 1 25 ? -0.791  25.928  12.457  1.00 31.05 ? 47  THR A N   1 
ATOM   174  C  CA  . THR A 1 25 ? -2.136  25.628  12.961  1.00 30.18 ? 47  THR A CA  1 
ATOM   175  C  C   . THR A 1 25 ? -3.122  25.712  11.816  1.00 29.39 ? 47  THR A C   1 
ATOM   176  O  O   . THR A 1 25 ? -2.937  26.499  10.890  1.00 28.74 ? 47  THR A O   1 
ATOM   177  C  CB  . THR A 1 25 ? -2.613  26.618  14.067  1.00 30.15 ? 47  THR A CB  1 
ATOM   178  O  OG1 . THR A 1 25 ? -2.530  27.955  13.568  1.00 29.15 ? 47  THR A OG1 1 
ATOM   179  C  CG2 . THR A 1 25 ? -1.759  26.503  15.317  1.00 30.84 ? 47  THR A CG2 1 
ATOM   180  N  N   . TYR A 1 26 ? -4.183  24.914  11.904  1.00 28.24 ? 48  TYR A N   1 
ATOM   181  C  CA  . TYR A 1 26 ? -5.085  24.689  10.796  1.00 27.81 ? 48  TYR A CA  1 
ATOM   182  C  C   . TYR A 1 26 ? -6.452  24.405  11.352  1.00 27.33 ? 48  TYR A C   1 
ATOM   183  O  O   . TYR A 1 26 ? -6.585  23.942  12.491  1.00 26.36 ? 48  TYR A O   1 
ATOM   184  C  CB  . TYR A 1 26 ? -4.625  23.458  9.984   1.00 28.25 ? 48  TYR A CB  1 
ATOM   185  C  CG  . TYR A 1 26 ? -3.258  23.614  9.355   1.00 28.77 ? 48  TYR A CG  1 
ATOM   186  C  CD1 . TYR A 1 26 ? -2.106  23.230  10.035  1.00 29.91 ? 48  TYR A CD1 1 
ATOM   187  C  CD2 . TYR A 1 26 ? -3.124  24.163  8.082   1.00 29.31 ? 48  TYR A CD2 1 
ATOM   188  C  CE1 . TYR A 1 26 ? -0.841  23.385  9.451   1.00 30.56 ? 48  TYR A CE1 1 
ATOM   189  C  CE2 . TYR A 1 26 ? -1.878  24.332  7.496   1.00 28.98 ? 48  TYR A CE2 1 
ATOM   190  C  CZ  . TYR A 1 26 ? -0.746  23.950  8.183   1.00 29.69 ? 48  TYR A CZ  1 
ATOM   191  O  OH  . TYR A 1 26 ? 0.492   24.125  7.598   1.00 30.33 ? 48  TYR A OH  1 
ATOM   192  N  N   . THR A 1 27 ? -7.473  24.699  10.561  1.00 26.72 ? 49  THR A N   1 
ATOM   193  C  CA  . THR A 1 27 ? -8.793  24.158  10.831  1.00 26.08 ? 49  THR A CA  1 
ATOM   194  C  C   . THR A 1 27 ? -8.786  22.691  10.358  1.00 25.70 ? 49  THR A C   1 
ATOM   195  O  O   . THR A 1 27 ? -7.915  22.278  9.550   1.00 25.28 ? 49  THR A O   1 
ATOM   196  C  CB  . THR A 1 27 ? -9.906  24.917  10.090  1.00 26.83 ? 49  THR A CB  1 
ATOM   197  O  OG1 . THR A 1 27 ? -9.741  24.737  8.680   1.00 28.60 ? 49  THR A OG1 1 
ATOM   198  C  CG2 . THR A 1 27 ? -9.949  26.416  10.458  1.00 24.88 ? 49  THR A CG2 1 
ATOM   199  N  N   . MET A 1 28 ? -9.734  21.908  10.863  1.00 24.62 ? 50  MET A N   1 
ATOM   200  C  CA  . MET A 1 28 ? -9.871  20.506  10.472  1.00 24.78 ? 50  MET A CA  1 
ATOM   201  C  C   . MET A 1 28 ? -10.158 20.397  8.980   1.00 25.53 ? 50  MET A C   1 
ATOM   202  O  O   . MET A 1 28 ? -9.685  19.465  8.291   1.00 24.36 ? 50  MET A O   1 
ATOM   203  C  CB  . MET A 1 28 ? -10.965 19.821  11.285  1.00 23.71 ? 50  MET A CB  1 
ATOM   204  C  CG  . MET A 1 28 ? -10.533 19.410  12.663  1.00 23.39 ? 50  MET A CG  1 
ATOM   205  S  SD  . MET A 1 28 ? -9.176  18.176  12.696  1.00 25.45 ? 50  MET A SD  1 
ATOM   206  C  CE  . MET A 1 28 ? -10.034 16.668  12.234  1.00 27.73 ? 50  MET A CE  1 
ATOM   207  N  N   . LYS A 1 29 ? -10.957 21.350  8.495   1.00 26.27 ? 51  LYS A N   1 
ATOM   208  C  CA  . LYS A 1 29 ? -11.283 21.487  7.080   1.00 26.90 ? 51  LYS A CA  1 
ATOM   209  C  C   . LYS A 1 29 ? -10.023 21.660  6.214   1.00 26.09 ? 51  LYS A C   1 
ATOM   210  O  O   . LYS A 1 29 ? -9.863  20.990  5.195   1.00 26.03 ? 51  LYS A O   1 
ATOM   211  C  CB  . LYS A 1 29 ? -12.234 22.674  6.903   1.00 27.70 ? 51  LYS A CB  1 
ATOM   212  C  CG  . LYS A 1 29 ? -13.162 22.554  5.709   1.00 33.71 ? 51  LYS A CG  1 
ATOM   213  C  CD  . LYS A 1 29 ? -13.938 23.846  5.479   1.00 38.62 ? 51  LYS A CD  1 
ATOM   214  C  CE  . LYS A 1 29 ? -14.889 23.693  4.290   1.00 43.35 ? 51  LYS A CE  1 
ATOM   215  N  NZ  . LYS A 1 29 ? -14.154 23.338  3.034   1.00 46.36 ? 51  LYS A NZ  1 
ATOM   216  N  N   . GLU A 1 30 ? -9.118  22.549  6.624   1.00 25.71 ? 52  GLU A N   1 
ATOM   217  C  CA  . GLU A 1 30 ? -7.836  22.685  5.928   1.00 24.84 ? 52  GLU A CA  1 
ATOM   218  C  C   . GLU A 1 30 ? -6.989  21.416  5.996   1.00 24.24 ? 52  GLU A C   1 
ATOM   219  O  O   . GLU A 1 30 ? -6.356  21.045  5.006   1.00 25.23 ? 52  GLU A O   1 
ATOM   220  C  CB  . GLU A 1 30 ? -7.030  23.858  6.478   1.00 24.86 ? 52  GLU A CB  1 
ATOM   221  C  CG  . GLU A 1 30 ? -7.781  25.161  6.407   1.00 26.34 ? 52  GLU A CG  1 
ATOM   222  C  CD  . GLU A 1 30 ? -7.091  26.280  7.159   1.00 28.01 ? 52  GLU A CD  1 
ATOM   223  O  OE1 . GLU A 1 30 ? -6.408  26.074  8.199   1.00 25.90 ? 52  GLU A OE1 1 
ATOM   224  O  OE2 . GLU A 1 30 ? -7.249  27.410  6.691   1.00 33.81 ? 52  GLU A OE2 1 
ATOM   225  N  N   . VAL A 1 31 ? -6.947  20.758  7.145   1.00 23.46 ? 53  VAL A N   1 
ATOM   226  C  CA  . VAL A 1 31 ? -6.159  19.495  7.252   1.00 22.38 ? 53  VAL A CA  1 
ATOM   227  C  C   . VAL A 1 31 ? -6.666  18.462  6.232   1.00 22.72 ? 53  VAL A C   1 
ATOM   228  O  O   . VAL A 1 31 ? -5.888  17.852  5.509   1.00 22.85 ? 53  VAL A O   1 
ATOM   229  C  CB  . VAL A 1 31 ? -6.219  18.864  8.664   1.00 22.15 ? 53  VAL A CB  1 
ATOM   230  C  CG1 . VAL A 1 31 ? -5.419  17.546  8.711   1.00 20.87 ? 53  VAL A CG1 1 
ATOM   231  C  CG2 . VAL A 1 31 ? -5.687  19.816  9.737   1.00 20.57 ? 53  VAL A CG2 1 
ATOM   232  N  N   . LEU A 1 32 ? -7.986  18.292  6.177   1.00 23.04 ? 54  LEU A N   1 
ATOM   233  C  CA  . LEU A 1 32 ? -8.624  17.368  5.252   1.00 23.49 ? 54  LEU A CA  1 
ATOM   234  C  C   . LEU A 1 32 ? -8.436  17.775  3.796   1.00 24.21 ? 54  LEU A C   1 
ATOM   235  O  O   . LEU A 1 32 ? -8.307  16.916  2.928   1.00 23.96 ? 54  LEU A O   1 
ATOM   236  C  CB  . LEU A 1 32 ? -10.105 17.223  5.586   1.00 23.74 ? 54  LEU A CB  1 
ATOM   237  C  CG  . LEU A 1 32 ? -10.407 16.439  6.879   1.00 24.61 ? 54  LEU A CG  1 
ATOM   238  C  CD1 . LEU A 1 32 ? -11.797 16.815  7.375   1.00 27.16 ? 54  LEU A CD1 1 
ATOM   239  C  CD2 . LEU A 1 32 ? -10.248 14.919  6.698   1.00 23.35 ? 54  LEU A CD2 1 
ATOM   240  N  N   . PHE A 1 33 ? -8.389  19.080  3.530   1.00 24.10 ? 55  PHE A N   1 
ATOM   241  C  CA  . PHE A 1 33 ? -8.075  19.535  2.174   1.00 24.17 ? 55  PHE A CA  1 
ATOM   242  C  C   . PHE A 1 33 ? -6.689  19.029  1.737   1.00 24.00 ? 55  PHE A C   1 
ATOM   243  O  O   . PHE A 1 33 ? -6.533  18.423  0.666   1.00 23.92 ? 55  PHE A O   1 
ATOM   244  C  CB  . PHE A 1 33 ? -8.163  21.065  2.065   1.00 23.76 ? 55  PHE A CB  1 
ATOM   245  C  CG  . PHE A 1 33 ? -7.677  21.589  0.759   1.00 24.76 ? 55  PHE A CG  1 
ATOM   246  C  CD1 . PHE A 1 33 ? -8.516  21.641  -0.346  1.00 24.85 ? 55  PHE A CD1 1 
ATOM   247  C  CD2 . PHE A 1 33 ? -6.369  22.017  0.620   1.00 23.34 ? 55  PHE A CD2 1 
ATOM   248  C  CE1 . PHE A 1 33 ? -8.039  22.118  -1.588  1.00 23.54 ? 55  PHE A CE1 1 
ATOM   249  C  CE2 . PHE A 1 33 ? -5.904  22.489  -0.618  1.00 22.74 ? 55  PHE A CE2 1 
ATOM   250  C  CZ  . PHE A 1 33 ? -6.748  22.539  -1.702  1.00 21.58 ? 55  PHE A CZ  1 
ATOM   251  N  N   . TYR A 1 34 ? -5.698  19.292  2.573   1.00 23.71 ? 56  TYR A N   1 
ATOM   252  C  CA  . TYR A 1 34 ? -4.333  18.892  2.279   1.00 23.95 ? 56  TYR A CA  1 
ATOM   253  C  C   . TYR A 1 34 ? -4.182  17.373  2.242   1.00 23.67 ? 56  TYR A C   1 
ATOM   254  O  O   . TYR A 1 34 ? -3.440  16.828  1.409   1.00 24.55 ? 56  TYR A O   1 
ATOM   255  C  CB  . TYR A 1 34 ? -3.386  19.514  3.299   1.00 24.42 ? 56  TYR A CB  1 
ATOM   256  C  CG  . TYR A 1 34 ? -3.177  21.008  3.074   1.00 24.85 ? 56  TYR A CG  1 
ATOM   257  C  CD1 . TYR A 1 34 ? -2.608  21.474  1.881   1.00 24.80 ? 56  TYR A CD1 1 
ATOM   258  C  CD2 . TYR A 1 34 ? -3.560  21.941  4.033   1.00 24.81 ? 56  TYR A CD2 1 
ATOM   259  C  CE1 . TYR A 1 34 ? -2.428  22.850  1.645   1.00 27.42 ? 56  TYR A CE1 1 
ATOM   260  C  CE2 . TYR A 1 34 ? -3.379  23.311  3.817   1.00 26.34 ? 56  TYR A CE2 1 
ATOM   261  C  CZ  . TYR A 1 34 ? -2.799  23.755  2.625   1.00 27.92 ? 56  TYR A CZ  1 
ATOM   262  O  OH  . TYR A 1 34 ? -2.608  25.101  2.411   1.00 30.21 ? 56  TYR A OH  1 
ATOM   263  N  N   . LEU A 1 35 ? -4.866  16.683  3.145   1.00 22.43 ? 57  LEU A N   1 
ATOM   264  C  CA  . LEU A 1 35 ? -4.852  15.214  3.124   1.00 21.98 ? 57  LEU A CA  1 
ATOM   265  C  C   . LEU A 1 35 ? -5.373  14.659  1.802   1.00 21.57 ? 57  LEU A C   1 
ATOM   266  O  O   . LEU A 1 35 ? -4.777  13.750  1.218   1.00 21.26 ? 57  LEU A O   1 
ATOM   267  C  CB  . LEU A 1 35 ? -5.636  14.642  4.326   1.00 21.78 ? 57  LEU A CB  1 
ATOM   268  C  CG  . LEU A 1 35 ? -4.950  14.766  5.693   1.00 22.87 ? 57  LEU A CG  1 
ATOM   269  C  CD1 . LEU A 1 35 ? -5.857  14.255  6.814   1.00 23.57 ? 57  LEU A CD1 1 
ATOM   270  C  CD2 . LEU A 1 35 ? -3.625  14.033  5.703   1.00 24.55 ? 57  LEU A CD2 1 
ATOM   271  N  N   . GLY A 1 36 ? -6.481  15.209  1.323   1.00 22.02 ? 58  GLY A N   1 
ATOM   272  C  CA  . GLY A 1 36 ? -6.992  14.884  -0.005  1.00 22.50 ? 58  GLY A CA  1 
ATOM   273  C  C   . GLY A 1 36 ? -5.994  15.136  -1.123  1.00 24.24 ? 58  GLY A C   1 
ATOM   274  O  O   . GLY A 1 36 ? -5.823  14.288  -2.004  1.00 24.77 ? 58  GLY A O   1 
ATOM   275  N  N   . GLN A 1 37 ? -5.337  16.303  -1.103  1.00 24.32 ? 59  GLN A N   1 
ATOM   276  C  CA  . GLN A 1 37 ? -4.368  16.642  -2.127  1.00 24.80 ? 59  GLN A CA  1 
ATOM   277  C  C   . GLN A 1 37 ? -3.256  15.602  -2.133  1.00 25.01 ? 59  GLN A C   1 
ATOM   278  O  O   . GLN A 1 37 ? -2.834  15.113  -3.176  1.00 25.62 ? 59  GLN A O   1 
ATOM   279  C  CB  . GLN A 1 37 ? -3.780  18.023  -1.843  1.00 25.10 ? 59  GLN A CB  1 
ATOM   280  C  CG  . GLN A 1 37 ? -2.835  18.518  -2.926  1.00 26.21 ? 59  GLN A CG  1 
ATOM   281  C  CD  . GLN A 1 37 ? -2.490  19.993  -2.782  1.00 26.80 ? 59  GLN A CD  1 
ATOM   282  O  OE1 . GLN A 1 37 ? -3.149  20.742  -2.052  1.00 28.77 ? 59  GLN A OE1 1 
ATOM   283  N  NE2 . GLN A 1 37 ? -1.454  20.412  -3.482  1.00 30.60 ? 59  GLN A NE2 1 
ATOM   284  N  N   . TYR A 1 38 ? -2.778  15.283  -0.941  1.00 25.26 ? 60  TYR A N   1 
ATOM   285  C  CA  . TYR A 1 38 ? -1.716  14.314  -0.761  1.00 24.99 ? 60  TYR A CA  1 
ATOM   286  C  C   . TYR A 1 38 ? -2.125  12.949  -1.328  1.00 24.80 ? 60  TYR A C   1 
ATOM   287  O  O   . TYR A 1 38 ? -1.367  12.341  -2.082  1.00 25.33 ? 60  TYR A O   1 
ATOM   288  C  CB  . TYR A 1 38 ? -1.372  14.237  0.732   1.00 24.95 ? 60  TYR A CB  1 
ATOM   289  C  CG  . TYR A 1 38 ? -0.229  13.312  1.062   1.00 24.49 ? 60  TYR A CG  1 
ATOM   290  C  CD1 . TYR A 1 38 ? 1.099   13.776  1.071   1.00 22.80 ? 60  TYR A CD1 1 
ATOM   291  C  CD2 . TYR A 1 38 ? -0.473  11.966  1.383   1.00 24.51 ? 60  TYR A CD2 1 
ATOM   292  C  CE1 . TYR A 1 38 ? 2.147   12.904  1.390   1.00 24.18 ? 60  TYR A CE1 1 
ATOM   293  C  CE2 . TYR A 1 38 ? 0.569   11.087  1.688   1.00 24.35 ? 60  TYR A CE2 1 
ATOM   294  C  CZ  . TYR A 1 38 ? 1.875   11.570  1.701   1.00 24.78 ? 60  TYR A CZ  1 
ATOM   295  O  OH  . TYR A 1 38 ? 2.895   10.705  2.004   1.00 25.75 ? 60  TYR A OH  1 
ATOM   296  N  N   . ILE A 1 39 ? -3.327  12.483  -0.993  1.00 23.74 ? 61  ILE A N   1 
ATOM   297  C  CA  . ILE A 1 39 ? -3.823  11.199  -1.490  1.00 23.28 ? 61  ILE A CA  1 
ATOM   298  C  C   . ILE A 1 39 ? -3.962  11.159  -3.016  1.00 24.03 ? 61  ILE A C   1 
ATOM   299  O  O   . ILE A 1 39 ? -3.616  10.151  -3.651  1.00 23.93 ? 61  ILE A O   1 
ATOM   300  C  CB  . ILE A 1 39 ? -5.180  10.832  -0.851  1.00 23.03 ? 61  ILE A CB  1 
ATOM   301  C  CG1 . ILE A 1 39 ? -5.015  10.555  0.658   1.00 21.48 ? 61  ILE A CG1 1 
ATOM   302  C  CG2 . ILE A 1 39 ? -5.844  9.648   -1.602  1.00 21.50 ? 61  ILE A CG2 1 
ATOM   303  C  CD1 . ILE A 1 39 ? -6.336  10.693  1.456   1.00 22.86 ? 61  ILE A CD1 1 
ATOM   304  N  N   . MET A 1 40 ? -4.462  12.245  -3.604  1.00 24.64 ? 62  MET A N   1 
ATOM   305  C  CA  . MET A 1 40 ? -4.600  12.324  -5.068  1.00 25.56 ? 62  MET A CA  1 
ATOM   306  C  C   . MET A 1 40 ? -3.265  12.461  -5.810  1.00 26.01 ? 62  MET A C   1 
ATOM   307  O  O   . MET A 1 40 ? -3.070  11.823  -6.835  1.00 26.82 ? 62  MET A O   1 
ATOM   308  C  CB  . MET A 1 40 ? -5.585  13.431  -5.486  1.00 25.06 ? 62  MET A CB  1 
ATOM   309  C  CG  . MET A 1 40 ? -6.958  13.297  -4.847  1.00 26.23 ? 62  MET A CG  1 
ATOM   310  S  SD  . MET A 1 40 ? -7.736  11.686  -5.128  1.00 25.85 ? 62  MET A SD  1 
ATOM   311  C  CE  . MET A 1 40 ? -7.972  11.713  -6.897  1.00 29.34 ? 62  MET A CE  1 
ATOM   312  N  N   . THR A 1 41 ? -2.358  13.289  -5.305  1.00 26.32 ? 63  THR A N   1 
ATOM   313  C  CA  . THR A 1 41 ? -1.087  13.508  -5.986  1.00 27.17 ? 63  THR A CA  1 
ATOM   314  C  C   . THR A 1 41 ? -0.129  12.324  -5.804  1.00 27.97 ? 63  THR A C   1 
ATOM   315  O  O   . THR A 1 41 ? 0.854   12.210  -6.553  1.00 28.05 ? 63  THR A O   1 
ATOM   316  C  CB  . THR A 1 41 ? -0.379  14.841  -5.555  1.00 26.77 ? 63  THR A CB  1 
ATOM   317  O  OG1 . THR A 1 41 ? -0.172  14.849  -4.132  1.00 28.14 ? 63  THR A OG1 1 
ATOM   318  C  CG2 . THR A 1 41 ? -1.209  16.060  -5.952  1.00 25.41 ? 63  THR A CG2 1 
ATOM   319  N  N   . LYS A 1 42 ? -0.393  11.474  -4.800  1.00 28.57 ? 64  LYS A N   1 
ATOM   320  C  CA  . LYS A 1 42 ? 0.395   10.249  -4.571  1.00 29.17 ? 64  LYS A CA  1 
ATOM   321  C  C   . LYS A 1 42 ? -0.345  8.960   -4.969  1.00 29.60 ? 64  LYS A C   1 
ATOM   322  O  O   . LYS A 1 42 ? 0.181   7.860   -4.839  1.00 29.60 ? 64  LYS A O   1 
ATOM   323  C  CB  . LYS A 1 42 ? 0.914   10.181  -3.126  1.00 29.58 ? 64  LYS A CB  1 
ATOM   324  C  CG  . LYS A 1 42 ? 1.728   11.408  -2.725  1.00 31.16 ? 64  LYS A CG  1 
ATOM   325  C  CD  . LYS A 1 42 ? 3.088   11.174  -2.002  1.00 32.70 ? 64  LYS A CD  1 
ATOM   326  C  CE  . LYS A 1 42 ? 3.340   9.782   -1.449  1.00 33.72 ? 64  LYS A CE  1 
ATOM   327  N  NZ  . LYS A 1 42 ? 4.516   9.753   -0.488  1.00 32.14 ? 64  LYS A NZ  1 
ATOM   328  N  N   . ARG A 1 43 ? -1.552  9.112   -5.501  1.00 29.82 ? 65  ARG A N   1 
ATOM   329  C  CA  . ARG A 1 43 ? -2.341  7.990   -5.970  1.00 30.92 ? 65  ARG A CA  1 
ATOM   330  C  C   . ARG A 1 43 ? -2.506  6.940   -4.867  1.00 30.34 ? 65  ARG A C   1 
ATOM   331  O  O   . ARG A 1 43 ? -2.237  5.739   -5.080  1.00 29.78 ? 65  ARG A O   1 
ATOM   332  C  CB  . ARG A 1 43 ? -1.722  7.384   -7.242  1.00 31.86 ? 65  ARG A CB  1 
ATOM   333  C  CG  . ARG A 1 43 ? -2.622  6.384   -7.951  1.00 36.68 ? 65  ARG A CG  1 
ATOM   334  C  CD  . ARG A 1 43 ? -1.793  5.234   -8.597  1.00 46.51 ? 65  ARG A CD  1 
ATOM   335  N  NE  . ARG A 1 43 ? -1.403  5.546   -9.973  1.00 53.28 ? 65  ARG A NE  1 
ATOM   336  C  CZ  . ARG A 1 43 ? -1.323  4.653   -10.968 1.00 56.83 ? 65  ARG A CZ  1 
ATOM   337  N  NH1 . ARG A 1 43 ? -1.608  3.363   -10.759 1.00 57.38 ? 65  ARG A NH1 1 
ATOM   338  N  NH2 . ARG A 1 43 ? -0.968  5.059   -12.188 1.00 57.48 ? 65  ARG A NH2 1 
ATOM   339  N  N   . LEU A 1 44 ? -2.970  7.384   -3.698  1.00 29.28 ? 66  LEU A N   1 
ATOM   340  C  CA  . LEU A 1 44 ? -3.111  6.466   -2.569  1.00 28.62 ? 66  LEU A CA  1 
ATOM   341  C  C   . LEU A 1 44 ? -4.459  5.766   -2.583  1.00 28.86 ? 66  LEU A C   1 
ATOM   342  O  O   . LEU A 1 44 ? -5.165  5.740   -1.594  1.00 28.45 ? 66  LEU A O   1 
ATOM   343  C  CB  . LEU A 1 44 ? -2.800  7.141   -1.218  1.00 27.43 ? 66  LEU A CB  1 
ATOM   344  C  CG  . LEU A 1 44 ? -1.397  7.735   -1.035  1.00 25.50 ? 66  LEU A CG  1 
ATOM   345  C  CD1 . LEU A 1 44 ? -1.266  8.423   0.333   1.00 22.42 ? 66  LEU A CD1 1 
ATOM   346  C  CD2 . LEU A 1 44 ? -0.218  6.714   -1.272  1.00 24.73 ? 66  LEU A CD2 1 
ATOM   347  N  N   . TYR A 1 45 ? -4.796  5.163   -3.719  1.00 29.78 ? 67  TYR A N   1 
ATOM   348  C  CA  . TYR A 1 45 ? -6.071  4.481   -3.883  1.00 30.73 ? 67  TYR A CA  1 
ATOM   349  C  C   . TYR A 1 45 ? -5.999  3.628   -5.139  1.00 31.57 ? 67  TYR A C   1 
ATOM   350  O  O   . TYR A 1 45 ? -5.046  3.726   -5.912  1.00 31.42 ? 67  TYR A O   1 
ATOM   351  C  CB  . TYR A 1 45 ? -7.209  5.502   -4.028  1.00 31.49 ? 67  TYR A CB  1 
ATOM   352  C  CG  . TYR A 1 45 ? -7.032  6.405   -5.213  1.00 32.47 ? 67  TYR A CG  1 
ATOM   353  C  CD1 . TYR A 1 45 ? -7.607  6.093   -6.452  1.00 33.83 ? 67  TYR A CD1 1 
ATOM   354  C  CD2 . TYR A 1 45 ? -6.266  7.557   -5.118  1.00 33.47 ? 67  TYR A CD2 1 
ATOM   355  C  CE1 . TYR A 1 45 ? -7.424  6.922   -7.556  1.00 33.39 ? 67  TYR A CE1 1 
ATOM   356  C  CE2 . TYR A 1 45 ? -6.081  8.387   -6.211  1.00 34.61 ? 67  TYR A CE2 1 
ATOM   357  C  CZ  . TYR A 1 45 ? -6.665  8.068   -7.420  1.00 34.37 ? 67  TYR A CZ  1 
ATOM   358  O  OH  . TYR A 1 45 ? -6.458  8.901   -8.501  1.00 35.49 ? 67  TYR A OH  1 
ATOM   359  N  N   . ASP A 1 46 ? -7.020  2.811   -5.344  1.00 32.53 ? 68  ASP A N   1 
ATOM   360  C  CA  . ASP A 1 46 ? -7.138  1.972   -6.527  1.00 33.94 ? 68  ASP A CA  1 
ATOM   361  C  C   . ASP A 1 46 ? -8.397  2.361   -7.274  1.00 34.71 ? 68  ASP A C   1 
ATOM   362  O  O   . ASP A 1 46 ? -9.460  2.511   -6.675  1.00 34.42 ? 68  ASP A O   1 
ATOM   363  C  CB  . ASP A 1 46 ? -7.233  0.515   -6.100  1.00 33.73 ? 68  ASP A CB  1 
ATOM   364  C  CG  . ASP A 1 46 ? -7.216  -0.445  -7.272  1.00 35.87 ? 68  ASP A CG  1 
ATOM   365  O  OD1 . ASP A 1 46 ? -8.304  -0.841  -7.731  1.00 36.48 ? 68  ASP A OD1 1 
ATOM   366  O  OD2 . ASP A 1 46 ? -6.110  -0.810  -7.731  1.00 37.07 ? 68  ASP A OD2 1 
ATOM   367  N  N   . GLU A 1 47 ? -8.285  2.535   -8.582  1.00 36.55 ? 69  GLU A N   1 
ATOM   368  C  CA  . GLU A 1 47 ? -9.450  2.908   -9.411  1.00 38.29 ? 69  GLU A CA  1 
ATOM   369  C  C   . GLU A 1 47 ? -10.685 2.018   -9.227  1.00 37.89 ? 69  GLU A C   1 
ATOM   370  O  O   . GLU A 1 47 ? -11.802 2.508   -9.296  1.00 38.36 ? 69  GLU A O   1 
ATOM   371  C  CB  . GLU A 1 47 ? -9.065  2.989   -10.896 1.00 39.42 ? 69  GLU A CB  1 
ATOM   372  C  CG  . GLU A 1 47 ? -8.256  4.243   -11.272 1.00 43.75 ? 69  GLU A CG  1 
ATOM   373  C  CD  . GLU A 1 47 ? -6.789  4.174   -10.845 1.00 49.26 ? 69  GLU A CD  1 
ATOM   374  O  OE1 . GLU A 1 47 ? -6.331  3.065   -10.452 1.00 52.74 ? 69  GLU A OE1 1 
ATOM   375  O  OE2 . GLU A 1 47 ? -6.092  5.227   -10.895 1.00 51.13 ? 69  GLU A OE2 1 
ATOM   376  N  N   . LYS A 1 48 ? -10.488 0.730   -8.959  1.00 38.05 ? 70  LYS A N   1 
ATOM   377  C  CA  . LYS A 1 48 ? -11.596 -0.211  -8.805  1.00 38.24 ? 70  LYS A CA  1 
ATOM   378  C  C   . LYS A 1 48 ? -12.308 -0.103  -7.462  1.00 37.35 ? 70  LYS A C   1 
ATOM   379  O  O   . LYS A 1 48 ? -13.411 -0.620  -7.313  1.00 37.21 ? 70  LYS A O   1 
ATOM   380  C  CB  . LYS A 1 48 ? -11.120 -1.662  -9.032  1.00 38.72 ? 70  LYS A CB  1 
ATOM   381  C  CG  . LYS A 1 48 ? -10.970 -2.076  -10.522 1.00 42.08 ? 70  LYS A CG  1 
ATOM   382  C  CD  . LYS A 1 48 ? -12.010 -3.136  -10.962 1.00 46.73 ? 70  LYS A CD  1 
ATOM   383  C  CE  . LYS A 1 48 ? -13.505 -2.643  -10.914 1.00 49.02 ? 70  LYS A CE  1 
ATOM   384  N  NZ  . LYS A 1 48 ? -13.800 -1.413  -11.746 1.00 50.09 ? 70  LYS A NZ  1 
ATOM   385  N  N   . GLN A 1 49 ? -11.679 0.547   -6.480  1.00 36.56 ? 71  GLN A N   1 
ATOM   386  C  CA  . GLN A 1 49 ? -12.307 0.757   -5.156  1.00 35.73 ? 71  GLN A CA  1 
ATOM   387  C  C   . GLN A 1 49 ? -12.133 2.214   -4.717  1.00 35.41 ? 71  GLN A C   1 
ATOM   388  O  O   . GLN A 1 49 ? -11.145 2.583   -4.076  1.00 34.71 ? 71  GLN A O   1 
ATOM   389  C  CB  . GLN A 1 49 ? -11.717 -0.174  -4.095  1.00 35.68 ? 71  GLN A CB  1 
ATOM   390  C  CG  . GLN A 1 49 ? -11.747 -1.640  -4.431  1.00 36.89 ? 71  GLN A CG  1 
ATOM   391  C  CD  . GLN A 1 49 ? -10.838 -2.418  -3.530  1.00 40.04 ? 71  GLN A CD  1 
ATOM   392  O  OE1 . GLN A 1 49 ? -10.813 -2.186  -2.324  1.00 42.66 ? 71  GLN A OE1 1 
ATOM   393  N  NE2 . GLN A 1 49 ? -10.070 -3.339  -4.103  1.00 40.74 ? 71  GLN A NE2 1 
ATOM   394  N  N   . GLN A 1 50 ? -13.111 3.036   -5.055  1.00 34.36 ? 72  GLN A N   1 
ATOM   395  C  CA  . GLN A 1 50 ? -12.953 4.464   -4.924  1.00 34.01 ? 72  GLN A CA  1 
ATOM   396  C  C   . GLN A 1 50 ? -13.330 5.020   -3.564  1.00 33.21 ? 72  GLN A C   1 
ATOM   397  O  O   . GLN A 1 50 ? -13.354 6.245   -3.390  1.00 33.66 ? 72  GLN A O   1 
ATOM   398  C  CB  . GLN A 1 50 ? -13.746 5.165   -6.019  1.00 34.59 ? 72  GLN A CB  1 
ATOM   399  C  CG  . GLN A 1 50 ? -13.382 4.645   -7.393  1.00 37.01 ? 72  GLN A CG  1 
ATOM   400  C  CD  . GLN A 1 50 ? -13.706 5.595   -8.500  1.00 38.81 ? 72  GLN A CD  1 
ATOM   401  O  OE1 . GLN A 1 50 ? -13.430 5.301   -9.659  1.00 41.14 ? 72  GLN A OE1 1 
ATOM   402  N  NE2 . GLN A 1 50 ? -14.278 6.745   -8.165  1.00 39.73 ? 72  GLN A NE2 1 
ATOM   403  N  N   . HIS A 1 51 ? -13.643 4.139   -2.613  1.00 31.70 ? 73  HIS A N   1 
ATOM   404  C  CA  . HIS A 1 51 ? -13.919 4.578   -1.243  1.00 30.82 ? 73  HIS A CA  1 
ATOM   405  C  C   . HIS A 1 51 ? -12.798 4.251   -0.271  1.00 28.82 ? 73  HIS A C   1 
ATOM   406  O  O   . HIS A 1 51 ? -12.901 4.580   0.897   1.00 28.00 ? 73  HIS A O   1 
ATOM   407  C  CB  . HIS A 1 51 ? -15.227 3.981   -0.720  1.00 31.63 ? 73  HIS A CB  1 
ATOM   408  C  CG  . HIS A 1 51 ? -16.430 4.383   -1.511  1.00 35.28 ? 73  HIS A CG  1 
ATOM   409  N  ND1 . HIS A 1 51 ? -16.643 5.679   -1.933  1.00 37.72 ? 73  HIS A ND1 1 
ATOM   410  C  CD2 . HIS A 1 51 ? -17.490 3.664   -1.945  1.00 37.03 ? 73  HIS A CD2 1 
ATOM   411  C  CE1 . HIS A 1 51 ? -17.776 5.736   -2.609  1.00 40.17 ? 73  HIS A CE1 1 
ATOM   412  N  NE2 . HIS A 1 51 ? -18.313 4.529   -2.622  1.00 39.66 ? 73  HIS A NE2 1 
ATOM   413  N  N   . ILE A 1 52 ? -11.744 3.600   -0.759  1.00 27.07 ? 74  ILE A N   1 
ATOM   414  C  CA  . ILE A 1 52 ? -10.668 3.109   0.091   1.00 25.45 ? 74  ILE A CA  1 
ATOM   415  C  C   . ILE A 1 52 ? -9.374  3.865   -0.193  1.00 24.57 ? 74  ILE A C   1 
ATOM   416  O  O   . ILE A 1 52 ? -8.974  3.991   -1.354  1.00 24.53 ? 74  ILE A O   1 
ATOM   417  C  CB  . ILE A 1 52 ? -10.408 1.568   -0.096  1.00 25.37 ? 74  ILE A CB  1 
ATOM   418  C  CG1 . ILE A 1 52 ? -11.706 0.760   0.004   1.00 25.55 ? 74  ILE A CG1 1 
ATOM   419  C  CG2 . ILE A 1 52 ? -9.385  1.062   0.937   1.00 24.96 ? 74  ILE A CG2 1 
ATOM   420  C  CD1 . ILE A 1 52 ? -12.489 1.041   1.270   1.00 27.65 ? 74  ILE A CD1 1 
ATOM   421  N  N   . VAL A 1 53 ? -8.744  4.375   0.863   1.00 22.66 ? 75  VAL A N   1 
ATOM   422  C  CA  . VAL A 1 53 ? -7.391  4.918   0.761   1.00 20.85 ? 75  VAL A CA  1 
ATOM   423  C  C   . VAL A 1 53 ? -6.440  3.793   1.137   1.00 21.44 ? 75  VAL A C   1 
ATOM   424  O  O   . VAL A 1 53 ? -6.597  3.199   2.201   1.00 21.21 ? 75  VAL A O   1 
ATOM   425  C  CB  . VAL A 1 53 ? -7.164  6.104   1.750   1.00 20.92 ? 75  VAL A CB  1 
ATOM   426  C  CG1 . VAL A 1 53 ? -5.724  6.550   1.753   1.00 19.69 ? 75  VAL A CG1 1 
ATOM   427  C  CG2 . VAL A 1 53 ? -8.050  7.274   1.405   1.00 17.27 ? 75  VAL A CG2 1 
ATOM   428  N  N   . TYR A 1 54 ? -5.441  3.559   0.300   1.00 21.13 ? 76  TYR A N   1 
ATOM   429  C  CA  . TYR A 1 54 ? -4.390  2.558   0.556   1.00 22.17 ? 76  TYR A CA  1 
ATOM   430  C  C   . TYR A 1 54 ? -3.129  3.341   0.859   1.00 22.44 ? 76  TYR A C   1 
ATOM   431  O  O   . TYR A 1 54 ? -2.600  4.022   -0.016  1.00 22.97 ? 76  TYR A O   1 
ATOM   432  C  CB  . TYR A 1 54 ? -4.216  1.621   -0.674  1.00 23.10 ? 76  TYR A CB  1 
ATOM   433  C  CG  . TYR A 1 54 ? -5.330  0.602   -0.829  1.00 22.77 ? 76  TYR A CG  1 
ATOM   434  C  CD1 . TYR A 1 54 ? -5.349  -0.551  -0.033  1.00 23.77 ? 76  TYR A CD1 1 
ATOM   435  C  CD2 . TYR A 1 54 ? -6.383  0.792   -1.752  1.00 23.08 ? 76  TYR A CD2 1 
ATOM   436  C  CE1 . TYR A 1 54 ? -6.388  -1.495  -0.134  1.00 24.23 ? 76  TYR A CE1 1 
ATOM   437  C  CE2 . TYR A 1 54 ? -7.441  -0.164  -1.862  1.00 23.31 ? 76  TYR A CE2 1 
ATOM   438  C  CZ  . TYR A 1 54 ? -7.423  -1.295  -1.044  1.00 24.23 ? 76  TYR A CZ  1 
ATOM   439  O  OH  . TYR A 1 54 ? -8.409  -2.271  -1.125  1.00 25.93 ? 76  TYR A OH  1 
ATOM   440  N  N   . CYS A 1 55 ? -2.700  3.296   2.117   1.00 22.42 ? 77  CYS A N   1 
ATOM   441  C  CA  . CYS A 1 55 ? -1.639  4.151   2.651   1.00 23.78 ? 77  CYS A CA  1 
ATOM   442  C  C   . CYS A 1 55 ? -0.549  3.316   3.333   1.00 25.36 ? 77  CYS A C   1 
ATOM   443  O  O   . CYS A 1 55 ? 0.310   3.855   4.033   1.00 25.40 ? 77  CYS A O   1 
ATOM   444  C  CB  . CYS A 1 55 ? -2.201  5.184   3.651   1.00 22.85 ? 77  CYS A CB  1 
ATOM   445  S  SG  . CYS A 1 55 ? -3.358  4.487   4.896   1.00 21.50 ? 77  CYS A SG  1 
ATOM   446  N  N   . SER A 1 56 ? -0.623  1.995   3.146   1.00 27.25 ? 78  SER A N   1 
ATOM   447  C  CA  . SER A 1 56 ? 0.406   1.071   3.615   1.00 29.78 ? 78  SER A CA  1 
ATOM   448  C  C   . SER A 1 56 ? 1.740   1.405   2.928   1.00 30.48 ? 78  SER A C   1 
ATOM   449  O  O   . SER A 1 56 ? 1.781   1.677   1.725   1.00 31.91 ? 78  SER A O   1 
ATOM   450  C  CB  . SER A 1 56 ? -0.036  -0.344  3.278   1.00 30.01 ? 78  SER A CB  1 
ATOM   451  O  OG  . SER A 1 56 ? 1.025   -1.262  3.421   1.00 34.11 ? 78  SER A OG  1 
ATOM   452  N  N   . ASN A 1 57 ? 2.817   1.449   3.699   1.00 31.04 ? 79  ASN A N   1 
ATOM   453  C  CA  . ASN A 1 57 ? 4.128   1.832   3.159   1.00 31.40 ? 79  ASN A CA  1 
ATOM   454  C  C   . ASN A 1 57 ? 4.153   3.265   2.572   1.00 30.16 ? 79  ASN A C   1 
ATOM   455  O  O   . ASN A 1 57 ? 4.803   3.554   1.556   1.00 30.45 ? 79  ASN A O   1 
ATOM   456  C  CB  . ASN A 1 57 ? 4.656   0.743   2.190   1.00 31.97 ? 79  ASN A CB  1 
ATOM   457  C  CG  . ASN A 1 57 ? 5.151   -0.543  2.940   1.00 36.25 ? 79  ASN A CG  1 
ATOM   458  O  OD1 . ASN A 1 57 ? 6.194   -0.518  3.614   1.00 40.97 ? 79  ASN A OD1 1 
ATOM   459  N  ND2 . ASN A 1 57 ? 4.412   -1.653  2.808   1.00 35.00 ? 79  ASN A ND2 1 
ATOM   460  N  N   . ASP A 1 58 ? 3.434   4.168   3.236   1.00 28.98 ? 80  ASP A N   1 
ATOM   461  C  CA  . ASP A 1 58 ? 3.504   5.590   2.940   1.00 27.70 ? 80  ASP A CA  1 
ATOM   462  C  C   . ASP A 1 58 ? 3.513   6.275   4.288   1.00 26.93 ? 80  ASP A C   1 
ATOM   463  O  O   . ASP A 1 58 ? 2.937   5.755   5.229   1.00 27.19 ? 80  ASP A O   1 
ATOM   464  C  CB  . ASP A 1 58 ? 2.293   6.026   2.110   1.00 27.33 ? 80  ASP A CB  1 
ATOM   465  C  CG  . ASP A 1 58 ? 2.373   7.457   1.677   1.00 27.38 ? 80  ASP A CG  1 
ATOM   466  O  OD1 . ASP A 1 58 ? 2.795   7.695   0.527   1.00 26.94 ? 80  ASP A OD1 1 
ATOM   467  O  OD2 . ASP A 1 58 ? 2.041   8.353   2.485   1.00 28.49 ? 80  ASP A OD2 1 
ATOM   468  N  N   . LEU A 1 59 ? 4.150   7.434   4.389   1.00 26.27 ? 81  LEU A N   1 
ATOM   469  C  CA  . LEU A 1 59 ? 4.110   8.225   5.623   1.00 26.20 ? 81  LEU A CA  1 
ATOM   470  C  C   . LEU A 1 59 ? 2.706   8.280   6.229   1.00 25.78 ? 81  LEU A C   1 
ATOM   471  O  O   . LEU A 1 59 ? 2.538   8.118   7.439   1.00 25.82 ? 81  LEU A O   1 
ATOM   472  C  CB  . LEU A 1 59 ? 4.604   9.645   5.372   1.00 27.03 ? 81  LEU A CB  1 
ATOM   473  C  CG  . LEU A 1 59 ? 5.358   10.437  6.463   1.00 29.76 ? 81  LEU A CG  1 
ATOM   474  C  CD1 . LEU A 1 59 ? 4.991   11.924  6.411   1.00 30.68 ? 81  LEU A CD1 1 
ATOM   475  C  CD2 . LEU A 1 59 ? 5.267   9.925   7.899   1.00 30.66 ? 81  LEU A CD2 1 
ATOM   476  N  N   . LEU A 1 60 ? 1.700   8.509   5.382   1.00 25.04 ? 82  LEU A N   1 
ATOM   477  C  CA  . LEU A 1 60 ? 0.325   8.628   5.854   1.00 24.33 ? 82  LEU A CA  1 
ATOM   478  C  C   . LEU A 1 60 ? -0.115  7.394   6.666   1.00 24.23 ? 82  LEU A C   1 
ATOM   479  O  O   . LEU A 1 60 ? -0.705  7.554   7.726   1.00 24.12 ? 82  LEU A O   1 
ATOM   480  C  CB  . LEU A 1 60 ? -0.635  8.897   4.687   1.00 24.10 ? 82  LEU A CB  1 
ATOM   481  C  CG  . LEU A 1 60 ? -2.125  9.074   5.059   1.00 22.42 ? 82  LEU A CG  1 
ATOM   482  C  CD1 . LEU A 1 60 ? -2.317  10.127  6.137   1.00 17.91 ? 82  LEU A CD1 1 
ATOM   483  C  CD2 . LEU A 1 60 ? -2.922  9.445   3.820   1.00 23.56 ? 82  LEU A CD2 1 
ATOM   484  N  N   . GLY A 1 61 ? 0.170   6.183   6.163   1.00 23.97 ? 83  GLY A N   1 
ATOM   485  C  CA  . GLY A 1 61 ? -0.097  4.958   6.909   1.00 25.18 ? 83  GLY A CA  1 
ATOM   486  C  C   . GLY A 1 61 ? 0.680   4.858   8.215   1.00 24.92 ? 83  GLY A C   1 
ATOM   487  O  O   . GLY A 1 61 ? 0.157   4.363   9.222   1.00 25.54 ? 83  GLY A O   1 
ATOM   488  N  N   . ASP A 1 62 ? 1.929   5.308   8.218   1.00 25.34 ? 84  ASP A N   1 
ATOM   489  C  CA  . ASP A 1 62 ? 2.699   5.331   9.466   1.00 26.71 ? 84  ASP A CA  1 
ATOM   490  C  C   . ASP A 1 62 ? 2.018   6.221   10.498  1.00 26.18 ? 84  ASP A C   1 
ATOM   491  O  O   . ASP A 1 62 ? 1.907   5.847   11.652  1.00 26.73 ? 84  ASP A O   1 
ATOM   492  C  CB  . ASP A 1 62 ? 4.122   5.852   9.242   1.00 27.08 ? 84  ASP A CB  1 
ATOM   493  C  CG  . ASP A 1 62 ? 4.943   4.985   8.262   1.00 30.03 ? 84  ASP A CG  1 
ATOM   494  O  OD1 . ASP A 1 62 ? 4.573   3.825   7.970   1.00 31.34 ? 84  ASP A OD1 1 
ATOM   495  O  OD2 . ASP A 1 62 ? 5.982   5.491   7.787   1.00 35.39 ? 84  ASP A OD2 1 
ATOM   496  N  N   . LEU A 1 63 ? 1.579   7.408   10.080  1.00 26.10 ? 85  LEU A N   1 
ATOM   497  C  CA  . LEU A 1 63 ? 0.952   8.377   10.989  1.00 25.15 ? 85  LEU A CA  1 
ATOM   498  C  C   . LEU A 1 63 ? -0.449  7.972   11.453  1.00 24.52 ? 85  LEU A C   1 
ATOM   499  O  O   . LEU A 1 63 ? -0.817  8.205   12.606  1.00 24.11 ? 85  LEU A O   1 
ATOM   500  C  CB  . LEU A 1 63 ? 0.884   9.763   10.322  1.00 25.47 ? 85  LEU A CB  1 
ATOM   501  C  CG  . LEU A 1 63 ? 2.219   10.368  9.859   1.00 26.03 ? 85  LEU A CG  1 
ATOM   502  C  CD1 . LEU A 1 63 ? 2.003   11.735  9.276   1.00 28.09 ? 85  LEU A CD1 1 
ATOM   503  C  CD2 . LEU A 1 63 ? 3.238   10.434  10.974  1.00 26.41 ? 85  LEU A CD2 1 
ATOM   504  N  N   . PHE A 1 64 ? -1.231  7.384   10.542  1.00 24.00 ? 86  PHE A N   1 
ATOM   505  C  CA  . PHE A 1 64 ? -2.600  6.975   10.846  1.00 23.19 ? 86  PHE A CA  1 
ATOM   506  C  C   . PHE A 1 64 ? -2.642  5.601   11.502  1.00 23.53 ? 86  PHE A C   1 
ATOM   507  O  O   . PHE A 1 64 ? -3.646  5.218   12.090  1.00 23.81 ? 86  PHE A O   1 
ATOM   508  C  CB  . PHE A 1 64 ? -3.441  7.008   9.562   1.00 22.77 ? 86  PHE A CB  1 
ATOM   509  C  CG  . PHE A 1 64 ? -4.046  8.369   9.262   1.00 20.83 ? 86  PHE A CG  1 
ATOM   510  C  CD1 . PHE A 1 64 ? -3.523  9.534   9.824   1.00 20.78 ? 86  PHE A CD1 1 
ATOM   511  C  CD2 . PHE A 1 64 ? -5.145  8.474   8.386   1.00 21.27 ? 86  PHE A CD2 1 
ATOM   512  C  CE1 . PHE A 1 64 ? -4.120  10.815  9.554   1.00 21.71 ? 86  PHE A CE1 1 
ATOM   513  C  CE2 . PHE A 1 64 ? -5.738  9.719   8.082   1.00 19.68 ? 86  PHE A CE2 1 
ATOM   514  C  CZ  . PHE A 1 64 ? -5.216  10.907  8.667   1.00 21.30 ? 86  PHE A CZ  1 
ATOM   515  N  N   . GLY A 1 65 ? -1.548  4.852   11.393  1.00 23.71 ? 87  GLY A N   1 
ATOM   516  C  CA  . GLY A 1 65 ? -1.411  3.557   12.062  1.00 23.51 ? 87  GLY A CA  1 
ATOM   517  C  C   . GLY A 1 65 ? -2.260  2.450   11.457  1.00 23.88 ? 87  GLY A C   1 
ATOM   518  O  O   . GLY A 1 65 ? -2.641  1.528   12.173  1.00 24.83 ? 87  GLY A O   1 
ATOM   519  N  N   . VAL A 1 66 ? -2.577  2.560   10.157  1.00 23.57 ? 88  VAL A N   1 
ATOM   520  C  CA  . VAL A 1 66 ? -3.426  1.592   9.415   1.00 22.74 ? 88  VAL A CA  1 
ATOM   521  C  C   . VAL A 1 66 ? -2.912  1.476   7.978   1.00 22.49 ? 88  VAL A C   1 
ATOM   522  O  O   . VAL A 1 66 ? -2.290  2.424   7.472   1.00 24.06 ? 88  VAL A O   1 
ATOM   523  C  CB  . VAL A 1 66 ? -4.953  1.978   9.407   1.00 22.81 ? 88  VAL A CB  1 
ATOM   524  C  CG1 . VAL A 1 66 ? -5.504  2.028   10.835  1.00 22.24 ? 88  VAL A CG1 1 
ATOM   525  C  CG2 . VAL A 1 66 ? -5.203  3.303   8.618   1.00 21.31 ? 88  VAL A CG2 1 
ATOM   526  N  N   . PRO A 1 67 ? -3.103  0.304   7.344   1.00 21.75 ? 89  PRO A N   1 
ATOM   527  C  CA  . PRO A 1 67 ? -2.697  0.085   5.955   1.00 21.59 ? 89  PRO A CA  1 
ATOM   528  C  C   . PRO A 1 67 ? -3.692  0.605   4.924   1.00 21.60 ? 89  PRO A C   1 
ATOM   529  O  O   . PRO A 1 67 ? -3.330  0.797   3.770   1.00 20.97 ? 89  PRO A O   1 
ATOM   530  C  CB  . PRO A 1 67 ? -2.631  -1.448  5.860   1.00 22.22 ? 89  PRO A CB  1 
ATOM   531  C  CG  . PRO A 1 67 ? -3.672  -1.927  6.824   1.00 20.98 ? 89  PRO A CG  1 
ATOM   532  C  CD  . PRO A 1 67 ? -3.645  -0.938  7.959   1.00 20.92 ? 89  PRO A CD  1 
ATOM   533  N  N   . SER A 1 68 ? -4.936  0.803   5.347   1.00 21.80 ? 90  SER A N   1 
ATOM   534  C  CA  . SER A 1 68 ? -5.984  1.346   4.494   1.00 21.90 ? 90  SER A CA  1 
ATOM   535  C  C   . SER A 1 68 ? -7.068  1.905   5.380   1.00 21.72 ? 90  SER A C   1 
ATOM   536  O  O   . SER A 1 68 ? -7.167  1.532   6.555   1.00 21.29 ? 90  SER A O   1 
ATOM   537  C  CB  . SER A 1 68 ? -6.584  0.249   3.586   1.00 21.37 ? 90  SER A CB  1 
ATOM   538  O  OG  . SER A 1 68 ? -7.452  -0.584  4.344   1.00 22.51 ? 90  SER A OG  1 
ATOM   539  N  N   . PHE A 1 69 ? -7.884  2.792   4.819   1.00 22.09 ? 91  PHE A N   1 
ATOM   540  C  CA  . PHE A 1 69 ? -9.107  3.248   5.513   1.00 22.50 ? 91  PHE A CA  1 
ATOM   541  C  C   . PHE A 1 69 ? -10.190 3.672   4.529   1.00 22.64 ? 91  PHE A C   1 
ATOM   542  O  O   . PHE A 1 69 ? -9.903  3.988   3.375   1.00 22.84 ? 91  PHE A O   1 
ATOM   543  C  CB  . PHE A 1 69 ? -8.823  4.373   6.555   1.00 21.67 ? 91  PHE A CB  1 
ATOM   544  C  CG  . PHE A 1 69 ? -8.245  5.644   5.967   1.00 21.91 ? 91  PHE A CG  1 
ATOM   545  C  CD1 . PHE A 1 69 ? -9.085  6.699   5.564   1.00 20.25 ? 91  PHE A CD1 1 
ATOM   546  C  CD2 . PHE A 1 69 ? -6.865  5.803   5.833   1.00 20.54 ? 91  PHE A CD2 1 
ATOM   547  C  CE1 . PHE A 1 69 ? -8.568  7.885   5.042   1.00 19.49 ? 91  PHE A CE1 1 
ATOM   548  C  CE2 . PHE A 1 69 ? -6.327  6.989   5.294   1.00 22.87 ? 91  PHE A CE2 1 
ATOM   549  C  CZ  . PHE A 1 69 ? -7.179  8.033   4.902   1.00 20.29 ? 91  PHE A CZ  1 
ATOM   550  N  N   . SER A 1 70 ? -11.442 3.663   4.993   1.00 23.75 ? 92  SER A N   1 
ATOM   551  C  CA  . SER A 1 70 ? -12.582 4.075   4.161   1.00 23.06 ? 92  SER A CA  1 
ATOM   552  C  C   . SER A 1 70 ? -12.849 5.573   4.255   1.00 23.34 ? 92  SER A C   1 
ATOM   553  O  O   . SER A 1 70 ? -12.897 6.109   5.361   1.00 23.36 ? 92  SER A O   1 
ATOM   554  C  CB  . SER A 1 70 ? -13.838 3.324   4.597   1.00 23.05 ? 92  SER A CB  1 
ATOM   555  O  OG  . SER A 1 70 ? -14.970 3.916   3.990   1.00 22.64 ? 92  SER A OG  1 
ATOM   556  N  N   . VAL A 1 71 ? -13.051 6.234   3.100   1.00 22.93 ? 93  VAL A N   1 
ATOM   557  C  CA  . VAL A 1 71 ? -13.365 7.661   3.040   1.00 22.77 ? 93  VAL A CA  1 
ATOM   558  C  C   . VAL A 1 71 ? -14.749 7.975   3.586   1.00 23.00 ? 93  VAL A C   1 
ATOM   559  O  O   . VAL A 1 71 ? -15.045 9.119   3.926   1.00 21.89 ? 93  VAL A O   1 
ATOM   560  C  CB  . VAL A 1 71 ? -13.259 8.270   1.599   1.00 23.46 ? 93  VAL A CB  1 
ATOM   561  C  CG1 . VAL A 1 71 ? -11.855 8.123   1.025   1.00 23.28 ? 93  VAL A CG1 1 
ATOM   562  C  CG2 . VAL A 1 71 ? -14.312 7.689   0.647   1.00 24.49 ? 93  VAL A CG2 1 
ATOM   563  N  N   . LYS A 1 72 ? -15.586 6.950   3.660   1.00 23.24 ? 94  LYS A N   1 
ATOM   564  C  CA  . LYS A 1 72 ? -16.950 7.070   4.181   1.00 23.72 ? 94  LYS A CA  1 
ATOM   565  C  C   . LYS A 1 72 ? -16.982 6.969   5.708   1.00 23.47 ? 94  LYS A C   1 
ATOM   566  O  O   . LYS A 1 72 ? -18.013 7.198   6.317   1.00 22.85 ? 94  LYS A O   1 
ATOM   567  C  CB  . LYS A 1 72 ? -17.799 5.950   3.604   1.00 24.01 ? 94  LYS A CB  1 
ATOM   568  C  CG  . LYS A 1 72 ? -17.848 5.945   2.070   1.00 26.81 ? 94  LYS A CG  1 
ATOM   569  C  CD  . LYS A 1 72 ? -18.792 7.058   1.549   1.00 34.54 ? 94  LYS A CD  1 
ATOM   570  C  CE  . LYS A 1 72 ? -18.988 6.962   0.036   1.00 37.43 ? 94  LYS A CE  1 
ATOM   571  N  NZ  . LYS A 1 72 ? -20.290 7.578   -0.433  1.00 40.13 ? 94  LYS A NZ  1 
ATOM   572  N  N   . GLU A 1 73 ? -15.859 6.622   6.326   1.00 22.16 ? 95  GLU A N   1 
ATOM   573  C  CA  . GLU A 1 73 ? -15.826 6.526   7.778   1.00 22.83 ? 95  GLU A CA  1 
ATOM   574  C  C   . GLU A 1 73 ? -15.150 7.749   8.403   1.00 22.37 ? 95  GLU A C   1 
ATOM   575  O  O   . GLU A 1 73 ? -13.944 7.756   8.705   1.00 21.77 ? 95  GLU A O   1 
ATOM   576  C  CB  . GLU A 1 73 ? -15.221 5.186   8.216   1.00 23.33 ? 95  GLU A CB  1 
ATOM   577  C  CG  . GLU A 1 73 ? -16.116 4.017   7.773   1.00 23.20 ? 95  GLU A CG  1 
ATOM   578  C  CD  . GLU A 1 73 ? -15.558 2.627   8.058   1.00 25.96 ? 95  GLU A CD  1 
ATOM   579  O  OE1 . GLU A 1 73 ? -14.355 2.465   8.369   1.00 27.08 ? 95  GLU A OE1 1 
ATOM   580  O  OE2 . GLU A 1 73 ? -16.358 1.672   7.960   1.00 31.06 ? 95  GLU A OE2 1 
ATOM   581  N  N   . HIS A 1 74 ? -15.954 8.797   8.553   1.00 22.27 ? 96  HIS A N   1 
ATOM   582  C  CA  . HIS A 1 74 ? -15.465 10.117  8.874   1.00 22.33 ? 96  HIS A CA  1 
ATOM   583  C  C   . HIS A 1 74 ? -14.913 10.256  10.273  1.00 21.99 ? 96  HIS A C   1 
ATOM   584  O  O   . HIS A 1 74 ? -13.851 10.862  10.467  1.00 22.41 ? 96  HIS A O   1 
ATOM   585  C  CB  . HIS A 1 74 ? -16.575 11.153  8.665   1.00 23.22 ? 96  HIS A CB  1 
ATOM   586  C  CG  . HIS A 1 74 ? -17.065 11.222  7.257   1.00 26.06 ? 96  HIS A CG  1 
ATOM   587  N  ND1 . HIS A 1 74 ? -18.243 11.850  6.910   1.00 29.98 ? 96  HIS A ND1 1 
ATOM   588  C  CD2 . HIS A 1 74 ? -16.551 10.717  6.108   1.00 26.79 ? 96  HIS A CD2 1 
ATOM   589  C  CE1 . HIS A 1 74 ? -18.426 11.739  5.603   1.00 31.33 ? 96  HIS A CE1 1 
ATOM   590  N  NE2 . HIS A 1 74 ? -17.411 11.057  5.093   1.00 28.52 ? 96  HIS A NE2 1 
ATOM   591  N  N   . ARG A 1 75 ? -15.641 9.728   11.250  1.00 20.33 ? 97  ARG A N   1 
ATOM   592  C  CA  . ARG A 1 75 ? -15.214 9.836   12.631  1.00 20.31 ? 97  ARG A CA  1 
ATOM   593  C  C   . ARG A 1 75 ? -13.845 9.181   12.824  1.00 20.40 ? 97  ARG A C   1 
ATOM   594  O  O   . ARG A 1 75 ? -12.980 9.708   13.539  1.00 19.82 ? 97  ARG A O   1 
ATOM   595  C  CB  . ARG A 1 75 ? -16.272 9.260   13.578  1.00 20.06 ? 97  ARG A CB  1 
ATOM   596  C  CG  . ARG A 1 75 ? -17.593 10.089  13.623  1.00 20.73 ? 97  ARG A CG  1 
ATOM   597  C  CD  . ARG A 1 75 ? -18.597 9.512   14.670  1.00 20.04 ? 97  ARG A CD  1 
ATOM   598  N  NE  . ARG A 1 75 ? -18.643 8.071   14.530  1.00 22.36 ? 97  ARG A NE  1 
ATOM   599  C  CZ  . ARG A 1 75 ? -18.967 7.216   15.492  1.00 23.46 ? 97  ARG A CZ  1 
ATOM   600  N  NH1 . ARG A 1 75 ? -19.308 7.665   16.691  1.00 21.84 ? 97  ARG A NH1 1 
ATOM   601  N  NH2 . ARG A 1 75 ? -18.957 5.899   15.237  1.00 23.34 ? 97  ARG A NH2 1 
ATOM   602  N  N   . LYS A 1 76 ? -13.634 8.045   12.171  1.00 19.36 ? 98  LYS A N   1 
ATOM   603  C  CA  . LYS A 1 76 ? -12.328 7.369   12.283  1.00 21.05 ? 98  LYS A CA  1 
ATOM   604  C  C   . LYS A 1 76 ? -11.241 8.200   11.643  1.00 20.75 ? 98  LYS A C   1 
ATOM   605  O  O   . LYS A 1 76 ? -10.108 8.220   12.127  1.00 22.28 ? 98  LYS A O   1 
ATOM   606  C  CB  . LYS A 1 76 ? -12.361 6.028   11.560  1.00 20.51 ? 98  LYS A CB  1 
ATOM   607  C  CG  . LYS A 1 76 ? -13.615 5.375   11.822  1.00 24.24 ? 98  LYS A CG  1 
ATOM   608  C  CD  . LYS A 1 76 ? -13.429 4.148   12.539  1.00 29.02 ? 98  LYS A CD  1 
ATOM   609  C  CE  . LYS A 1 76 ? -13.750 3.083   11.596  1.00 28.42 ? 98  LYS A CE  1 
ATOM   610  N  NZ  . LYS A 1 76 ? -14.640 2.224   12.395  1.00 33.23 ? 98  LYS A NZ  1 
ATOM   611  N  N   . ILE A 1 77 ? -11.563 8.847   10.525  1.00 19.96 ? 99  ILE A N   1 
ATOM   612  C  CA  . ILE A 1 77 ? -10.588 9.773   9.921   1.00 19.95 ? 99  ILE A CA  1 
ATOM   613  C  C   . ILE A 1 77 ? -10.206 10.843  10.962  1.00 19.88 ? 99  ILE A C   1 
ATOM   614  O  O   . ILE A 1 77 ? -9.029  11.174  11.124  1.00 19.47 ? 99  ILE A O   1 
ATOM   615  C  CB  . ILE A 1 77 ? -11.141 10.424  8.619   1.00 19.99 ? 99  ILE A CB  1 
ATOM   616  C  CG1 . ILE A 1 77 ? -11.194 9.371   7.488   1.00 21.36 ? 99  ILE A CG1 1 
ATOM   617  C  CG2 . ILE A 1 77 ? -10.282 11.638  8.237   1.00 20.38 ? 99  ILE A CG2 1 
ATOM   618  C  CD1 . ILE A 1 77 ? -11.822 9.844   6.168   1.00 21.42 ? 99  ILE A CD1 1 
ATOM   619  N  N   . TYR A 1 78 ? -11.200 11.397  11.659  1.00 19.22 ? 100 TYR A N   1 
ATOM   620  C  CA  . TYR A 1 78 ? -10.891 12.404  12.690  1.00 20.18 ? 100 TYR A CA  1 
ATOM   621  C  C   . TYR A 1 78 ? -10.111 11.829  13.833  1.00 19.46 ? 100 TYR A C   1 
ATOM   622  O  O   . TYR A 1 78 ? -9.289  12.536  14.407  1.00 19.38 ? 100 TYR A O   1 
ATOM   623  C  CB  . TYR A 1 78 ? -12.128 13.096  13.243  1.00 20.77 ? 100 TYR A CB  1 
ATOM   624  C  CG  . TYR A 1 78 ? -13.107 13.594  12.196  1.00 21.75 ? 100 TYR A CG  1 
ATOM   625  C  CD1 . TYR A 1 78 ? -14.484 13.512  12.426  1.00 22.48 ? 100 TYR A CD1 1 
ATOM   626  C  CD2 . TYR A 1 78 ? -12.668 14.144  10.992  1.00 22.04 ? 100 TYR A CD2 1 
ATOM   627  C  CE1 . TYR A 1 78 ? -15.395 13.957  11.478  1.00 23.84 ? 100 TYR A CE1 1 
ATOM   628  C  CE2 . TYR A 1 78 ? -13.583 14.603  10.032  1.00 23.30 ? 100 TYR A CE2 1 
ATOM   629  C  CZ  . TYR A 1 78 ? -14.942 14.496  10.294  1.00 23.45 ? 100 TYR A CZ  1 
ATOM   630  O  OH  . TYR A 1 78 ? -15.881 14.920  9.373   1.00 23.75 ? 100 TYR A OH  1 
ATOM   631  N  N   . THR A 1 79 ? -10.392 10.571  14.189  1.00 20.48 ? 101 THR A N   1 
ATOM   632  C  CA  . THR A 1 79 ? -9.633  9.875   15.254  1.00 20.86 ? 101 THR A CA  1 
ATOM   633  C  C   . THR A 1 79 ? -8.144  9.839   14.878  1.00 22.20 ? 101 THR A C   1 
ATOM   634  O  O   . THR A 1 79 ? -7.268  10.220  15.668  1.00 23.38 ? 101 THR A O   1 
ATOM   635  C  CB  . THR A 1 79 ? -10.130 8.434   15.465  1.00 20.72 ? 101 THR A CB  1 
ATOM   636  O  OG1 . THR A 1 79 ? -11.433 8.464   16.054  1.00 20.69 ? 101 THR A OG1 1 
ATOM   637  C  CG2 . THR A 1 79 ? -9.197  7.661   16.391  1.00 20.52 ? 101 THR A CG2 1 
ATOM   638  N  N   . MET A 1 80 ? -7.871  9.379   13.663  1.00 22.11 ? 102 MET A N   1 
ATOM   639  C  CA  . MET A 1 80 ? -6.499  9.230   13.186  1.00 22.48 ? 102 MET A CA  1 
ATOM   640  C  C   . MET A 1 80 ? -5.785  10.567  13.107  1.00 22.54 ? 102 MET A C   1 
ATOM   641  O  O   . MET A 1 80 ? -4.602  10.656  13.458  1.00 23.55 ? 102 MET A O   1 
ATOM   642  C  CB  . MET A 1 80 ? -6.486  8.468   11.862  1.00 22.24 ? 102 MET A CB  1 
ATOM   643  C  CG  . MET A 1 80 ? -7.119  7.060   11.983  1.00 21.31 ? 102 MET A CG  1 
ATOM   644  S  SD  . MET A 1 80 ? -7.055  6.074   10.462  1.00 24.06 ? 102 MET A SD  1 
ATOM   645  C  CE  . MET A 1 80 ? -8.303  6.857   9.406   1.00 22.36 ? 102 MET A CE  1 
ATOM   646  N  N   . ILE A 1 81 ? -6.497  11.622  12.697  1.00 22.70 ? 103 ILE A N   1 
ATOM   647  C  CA  . ILE A 1 81 ? -5.894  12.961  12.677  1.00 22.75 ? 103 ILE A CA  1 
ATOM   648  C  C   . ILE A 1 81 ? -5.554  13.412  14.104  1.00 23.48 ? 103 ILE A C   1 
ATOM   649  O  O   . ILE A 1 81 ? -4.463  13.931  14.361  1.00 23.47 ? 103 ILE A O   1 
ATOM   650  C  CB  . ILE A 1 81 ? -6.837  14.012  12.039  1.00 22.34 ? 103 ILE A CB  1 
ATOM   651  C  CG1 . ILE A 1 81 ? -7.072  13.684  10.557  1.00 20.85 ? 103 ILE A CG1 1 
ATOM   652  C  CG2 . ILE A 1 81 ? -6.262  15.416  12.257  1.00 22.47 ? 103 ILE A CG2 1 
ATOM   653  C  CD1 . ILE A 1 81 ? -8.011  14.678  9.834   1.00 22.91 ? 103 ILE A CD1 1 
ATOM   654  N  N   . TYR A 1 82 ? -6.494  13.187  15.026  1.00 23.45 ? 104 TYR A N   1 
ATOM   655  C  CA  . TYR A 1 82 ? -6.333  13.594  16.408  1.00 23.81 ? 104 TYR A CA  1 
ATOM   656  C  C   . TYR A 1 82 ? -5.199  12.904  17.131  1.00 23.99 ? 104 TYR A C   1 
ATOM   657  O  O   . TYR A 1 82 ? -4.652  13.478  18.063  1.00 24.27 ? 104 TYR A O   1 
ATOM   658  C  CB  . TYR A 1 82 ? -7.659  13.503  17.203  1.00 23.21 ? 104 TYR A CB  1 
ATOM   659  C  CG  . TYR A 1 82 ? -8.361  14.845  17.241  1.00 23.54 ? 104 TYR A CG  1 
ATOM   660  C  CD1 . TYR A 1 82 ? -8.271  15.667  18.372  1.00 24.54 ? 104 TYR A CD1 1 
ATOM   661  C  CD2 . TYR A 1 82 ? -9.062  15.312  16.136  1.00 22.24 ? 104 TYR A CD2 1 
ATOM   662  C  CE1 . TYR A 1 82 ? -8.888  16.908  18.402  1.00 24.01 ? 104 TYR A CE1 1 
ATOM   663  C  CE2 . TYR A 1 82 ? -9.683  16.564  16.144  1.00 24.25 ? 104 TYR A CE2 1 
ATOM   664  C  CZ  . TYR A 1 82 ? -9.581  17.361  17.286  1.00 25.85 ? 104 TYR A CZ  1 
ATOM   665  O  OH  . TYR A 1 82 ? -10.201 18.595  17.312  1.00 26.26 ? 104 TYR A OH  1 
ATOM   666  N  N   . ARG A 1 83 ? -4.823  11.699  16.703  1.00 24.59 ? 105 ARG A N   1 
ATOM   667  C  CA  . ARG A 1 83 ? -3.650  11.049  17.275  1.00 26.07 ? 105 ARG A CA  1 
ATOM   668  C  C   . ARG A 1 83 ? -2.350  11.689  16.794  1.00 25.98 ? 105 ARG A C   1 
ATOM   669  O  O   . ARG A 1 83 ? -1.264  11.312  17.220  1.00 25.96 ? 105 ARG A O   1 
ATOM   670  C  CB  . ARG A 1 83 ? -3.659  9.549   16.961  1.00 27.05 ? 105 ARG A CB  1 
ATOM   671  C  CG  . ARG A 1 83 ? -4.759  8.815   17.734  1.00 31.05 ? 105 ARG A CG  1 
ATOM   672  C  CD  . ARG A 1 83 ? -4.697  7.333   17.458  1.00 36.17 ? 105 ARG A CD  1 
ATOM   673  N  NE  . ARG A 1 83 ? -5.774  6.625   18.146  1.00 37.92 ? 105 ARG A NE  1 
ATOM   674  C  CZ  . ARG A 1 83 ? -6.597  5.774   17.552  1.00 40.26 ? 105 ARG A CZ  1 
ATOM   675  N  NH1 . ARG A 1 83 ? -6.469  5.508   16.240  1.00 40.36 ? 105 ARG A NH1 1 
ATOM   676  N  NH2 . ARG A 1 83 ? -7.550  5.187   18.279  1.00 40.80 ? 105 ARG A NH2 1 
ATOM   677  N  N   . ASN A 1 84 ? -2.478  12.654  15.898  1.00 25.32 ? 106 ASN A N   1 
ATOM   678  C  CA  . ASN A 1 84 ? -1.325  13.346  15.328  1.00 25.09 ? 106 ASN A CA  1 
ATOM   679  C  C   . ASN A 1 84 ? -1.389  14.830  15.614  1.00 24.71 ? 106 ASN A C   1 
ATOM   680  O  O   . ASN A 1 84 ? -0.888  15.637  14.831  1.00 24.92 ? 106 ASN A O   1 
ATOM   681  C  CB  . ASN A 1 84 ? -1.298  13.091  13.828  1.00 24.51 ? 106 ASN A CB  1 
ATOM   682  C  CG  . ASN A 1 84 ? -0.885  11.689  13.515  1.00 26.24 ? 106 ASN A CG  1 
ATOM   683  O  OD1 . ASN A 1 84 ? 0.312   11.405  13.455  1.00 25.83 ? 106 ASN A OD1 1 
ATOM   684  N  ND2 . ASN A 1 84 ? -1.862  10.786  13.331  1.00 22.44 ? 106 ASN A ND2 1 
ATOM   685  N  N   . LEU A 1 85 ? -2.030  15.172  16.731  1.00 24.07 ? 107 LEU A N   1 
ATOM   686  C  CA  . LEU A 1 85 ? -2.253  16.559  17.132  1.00 25.05 ? 107 LEU A CA  1 
ATOM   687  C  C   . LEU A 1 85 ? -1.654  16.802  18.510  1.00 25.97 ? 107 LEU A C   1 
ATOM   688  O  O   . LEU A 1 85 ? -1.495  15.881  19.300  1.00 25.87 ? 107 LEU A O   1 
ATOM   689  C  CB  . LEU A 1 85 ? -3.744  16.931  17.112  1.00 23.81 ? 107 LEU A CB  1 
ATOM   690  C  CG  . LEU A 1 85 ? -4.527  17.011  15.803  1.00 23.85 ? 107 LEU A CG  1 
ATOM   691  C  CD1 . LEU A 1 85 ? -5.918  17.564  16.132  1.00 24.93 ? 107 LEU A CD1 1 
ATOM   692  C  CD2 . LEU A 1 85 ? -3.867  17.858  14.674  1.00 24.47 ? 107 LEU A CD2 1 
ATOM   693  N  N   . VAL A 1 86 ? -1.347  18.062  18.781  1.00 27.51 ? 108 VAL A N   1 
ATOM   694  C  CA  . VAL A 1 86 ? -0.578  18.467  19.950  1.00 28.22 ? 108 VAL A CA  1 
ATOM   695  C  C   . VAL A 1 86 ? -1.306  19.706  20.547  1.00 28.61 ? 108 VAL A C   1 
ATOM   696  O  O   . VAL A 1 86 ? -2.081  20.351  19.859  1.00 27.97 ? 108 VAL A O   1 
ATOM   697  C  CB  . VAL A 1 86 ? 0.909   18.672  19.458  1.00 29.21 ? 108 VAL A CB  1 
ATOM   698  C  CG1 . VAL A 1 86 ? 1.304   20.131  19.323  1.00 27.91 ? 108 VAL A CG1 1 
ATOM   699  C  CG2 . VAL A 1 86 ? 1.868   17.839  20.230  1.00 27.93 ? 108 VAL A CG2 1 
ATOM   700  N  N   . VAL A 1 87 ? -1.140  19.984  21.838  1.00 29.81 ? 109 VAL A N   1 
ATOM   701  C  CA  . VAL A 1 87 ? -1.882  21.091  22.466  1.00 30.69 ? 109 VAL A CA  1 
ATOM   702  C  C   . VAL A 1 87 ? -1.744  22.429  21.700  1.00 31.39 ? 109 VAL A C   1 
ATOM   703  O  O   . VAL A 1 87 ? -0.650  22.868  21.280  1.00 31.38 ? 109 VAL A O   1 
ATOM   704  C  CB  . VAL A 1 87 ? -1.573  21.231  23.997  1.00 30.84 ? 109 VAL A CB  1 
ATOM   705  C  CG1 . VAL A 1 87 ? -0.094  21.449  24.233  1.00 32.99 ? 109 VAL A CG1 1 
ATOM   706  C  CG2 . VAL A 1 87 ? -2.381  22.374  24.615  1.00 30.86 ? 109 VAL A CG2 1 
ATOM   707  O  OXT . VAL A 1 87 ? -2.767  23.084  21.444  1.00 31.75 ? 109 VAL A OXT 1 
ATOM   708  N  N   . GLU B 1 3  ? 7.925   -32.653 -15.400 1.00 53.37 ? 25  GLU B N   1 
ATOM   709  C  CA  . GLU B 1 3  ? 9.222   -32.099 -14.898 1.00 53.43 ? 25  GLU B CA  1 
ATOM   710  C  C   . GLU B 1 3  ? 9.546   -30.726 -15.527 1.00 52.53 ? 25  GLU B C   1 
ATOM   711  O  O   . GLU B 1 3  ? 10.625  -30.150 -15.291 1.00 53.24 ? 25  GLU B O   1 
ATOM   712  C  CB  . GLU B 1 3  ? 10.375  -33.122 -15.087 1.00 53.67 ? 25  GLU B CB  1 
ATOM   713  C  CG  . GLU B 1 3  ? 10.874  -33.336 -16.550 1.00 55.14 ? 25  GLU B CG  1 
ATOM   714  C  CD  . GLU B 1 3  ? 11.959  -32.331 -16.992 1.00 56.63 ? 25  GLU B CD  1 
ATOM   715  O  OE1 . GLU B 1 3  ? 12.144  -32.148 -18.217 1.00 56.53 ? 25  GLU B OE1 1 
ATOM   716  O  OE2 . GLU B 1 3  ? 12.620  -31.720 -16.119 1.00 57.15 ? 25  GLU B OE2 1 
ATOM   717  N  N   . THR B 1 4  ? 8.609   -30.206 -16.318 1.00 50.80 ? 26  THR B N   1 
ATOM   718  C  CA  . THR B 1 4  ? 8.779   -28.887 -16.901 1.00 48.82 ? 26  THR B CA  1 
ATOM   719  C  C   . THR B 1 4  ? 8.624   -27.781 -15.839 1.00 46.80 ? 26  THR B C   1 
ATOM   720  O  O   . THR B 1 4  ? 8.088   -28.000 -14.739 1.00 46.27 ? 26  THR B O   1 
ATOM   721  C  CB  . THR B 1 4  ? 7.843   -28.626 -18.107 1.00 49.32 ? 26  THR B CB  1 
ATOM   722  O  OG1 . THR B 1 4  ? 6.540   -29.149 -17.835 1.00 49.92 ? 26  THR B OG1 1 
ATOM   723  C  CG2 . THR B 1 4  ? 8.396   -29.262 -19.373 1.00 49.81 ? 26  THR B CG2 1 
ATOM   724  N  N   . LEU B 1 5  ? 9.145   -26.613 -16.182 1.00 43.51 ? 27  LEU B N   1 
ATOM   725  C  CA  . LEU B 1 5  ? 9.193   -25.492 -15.282 1.00 40.89 ? 27  LEU B CA  1 
ATOM   726  C  C   . LEU B 1 5  ? 8.204   -24.469 -15.821 1.00 39.18 ? 27  LEU B C   1 
ATOM   727  O  O   . LEU B 1 5  ? 7.677   -24.637 -16.915 1.00 38.25 ? 27  LEU B O   1 
ATOM   728  C  CB  . LEU B 1 5  ? 10.636  -24.949 -15.242 1.00 40.89 ? 27  LEU B CB  1 
ATOM   729  C  CG  . LEU B 1 5  ? 11.732  -25.974 -14.873 1.00 41.09 ? 27  LEU B CG  1 
ATOM   730  C  CD1 . LEU B 1 5  ? 13.147  -25.516 -15.226 1.00 42.07 ? 27  LEU B CD1 1 
ATOM   731  C  CD2 . LEU B 1 5  ? 11.666  -26.382 -13.397 1.00 40.54 ? 27  LEU B CD2 1 
ATOM   732  N  N   . VAL B 1 6  ? 7.922   -23.424 -15.050 1.00 37.24 ? 28  VAL B N   1 
ATOM   733  C  CA  . VAL B 1 6  ? 7.112   -22.332 -15.561 1.00 35.34 ? 28  VAL B CA  1 
ATOM   734  C  C   . VAL B 1 6  ? 8.022   -21.171 -15.930 1.00 34.44 ? 28  VAL B C   1 
ATOM   735  O  O   . VAL B 1 6  ? 9.110   -21.050 -15.377 1.00 34.42 ? 28  VAL B O   1 
ATOM   736  C  CB  . VAL B 1 6  ? 6.006   -21.916 -14.568 1.00 35.50 ? 28  VAL B CB  1 
ATOM   737  C  CG1 . VAL B 1 6  ? 4.997   -23.026 -14.431 1.00 34.86 ? 28  VAL B CG1 1 
ATOM   738  C  CG2 . VAL B 1 6  ? 6.577   -21.558 -13.205 1.00 34.42 ? 28  VAL B CG2 1 
ATOM   739  N  N   . ARG B 1 7  ? 7.583   -20.337 -16.870 1.00 33.65 ? 29  ARG B N   1 
ATOM   740  C  CA  . ARG B 1 7  ? 8.389   -19.212 -17.375 1.00 32.94 ? 29  ARG B CA  1 
ATOM   741  C  C   . ARG B 1 7  ? 7.723   -17.857 -17.070 1.00 31.39 ? 29  ARG B C   1 
ATOM   742  O  O   . ARG B 1 7  ? 6.745   -17.471 -17.727 1.00 31.13 ? 29  ARG B O   1 
ATOM   743  C  CB  . ARG B 1 7  ? 8.671   -19.361 -18.888 1.00 32.85 ? 29  ARG B CB  1 
ATOM   744  C  CG  . ARG B 1 7  ? 9.752   -18.412 -19.443 1.00 34.15 ? 29  ARG B CG  1 
ATOM   745  C  CD  . ARG B 1 7  ? 10.075  -18.664 -20.948 1.00 34.34 ? 29  ARG B CD  1 
ATOM   746  N  NE  . ARG B 1 7  ? 10.642  -19.999 -21.185 1.00 38.45 ? 29  ARG B NE  1 
ATOM   747  C  CZ  . ARG B 1 7  ? 11.940  -20.297 -21.129 1.00 39.30 ? 29  ARG B CZ  1 
ATOM   748  N  NH1 . ARG B 1 7  ? 12.840  -19.363 -20.857 1.00 41.60 ? 29  ARG B NH1 1 
ATOM   749  N  NH2 . ARG B 1 7  ? 12.349  -21.540 -21.339 1.00 41.02 ? 29  ARG B NH2 1 
ATOM   750  N  N   . PRO B 1 8  ? 8.249   -17.137 -16.061 1.00 30.46 ? 30  PRO B N   1 
ATOM   751  C  CA  . PRO B 1 8  ? 7.713   -15.820 -15.706 1.00 30.12 ? 30  PRO B CA  1 
ATOM   752  C  C   . PRO B 1 8  ? 7.822   -14.831 -16.872 1.00 29.98 ? 30  PRO B C   1 
ATOM   753  O  O   . PRO B 1 8  ? 8.862   -14.756 -17.523 1.00 30.45 ? 30  PRO B O   1 
ATOM   754  C  CB  . PRO B 1 8  ? 8.607   -15.375 -14.543 1.00 29.10 ? 30  PRO B CB  1 
ATOM   755  C  CG  . PRO B 1 8  ? 9.154   -16.648 -13.974 1.00 30.92 ? 30  PRO B CG  1 
ATOM   756  C  CD  . PRO B 1 8  ? 9.355   -17.535 -15.172 1.00 29.95 ? 30  PRO B CD  1 
ATOM   757  N  N   . LYS B 1 9  ? 6.747   -14.099 -17.132 1.00 29.82 ? 31  LYS B N   1 
ATOM   758  C  CA  . LYS B 1 9  ? 6.804   -12.940 -18.019 1.00 29.45 ? 31  LYS B CA  1 
ATOM   759  C  C   . LYS B 1 9  ? 7.820   -11.930 -17.474 1.00 30.09 ? 31  LYS B C   1 
ATOM   760  O  O   . LYS B 1 9  ? 8.227   -12.040 -16.307 1.00 29.13 ? 31  LYS B O   1 
ATOM   761  C  CB  . LYS B 1 9  ? 5.422   -12.306 -18.159 1.00 29.53 ? 31  LYS B CB  1 
ATOM   762  C  CG  . LYS B 1 9  ? 4.426   -13.129 -18.965 1.00 28.40 ? 31  LYS B CG  1 
ATOM   763  C  CD  . LYS B 1 9  ? 3.068   -12.440 -19.001 1.00 30.48 ? 31  LYS B CD  1 
ATOM   764  C  CE  . LYS B 1 9  ? 2.093   -13.220 -19.873 1.00 30.91 ? 31  LYS B CE  1 
ATOM   765  N  NZ  . LYS B 1 9  ? 0.752   -12.573 -19.817 1.00 31.46 ? 31  LYS B NZ  1 
ATOM   766  N  N   . PRO B 1 10 ? 8.266   -10.966 -18.326 1.00 30.94 ? 32  PRO B N   1 
ATOM   767  C  CA  . PRO B 1 10 ? 9.394   -10.111 -17.923 1.00 31.07 ? 32  PRO B CA  1 
ATOM   768  C  C   . PRO B 1 10 ? 9.220   -9.381  -16.591 1.00 31.29 ? 32  PRO B C   1 
ATOM   769  O  O   . PRO B 1 10 ? 10.164  -9.339  -15.810 1.00 32.24 ? 32  PRO B O   1 
ATOM   770  C  CB  . PRO B 1 10 ? 9.510   -9.121  -19.091 1.00 31.34 ? 32  PRO B CB  1 
ATOM   771  C  CG  . PRO B 1 10 ? 9.033   -9.915  -20.260 1.00 31.25 ? 32  PRO B CG  1 
ATOM   772  C  CD  . PRO B 1 10 ? 7.826   -10.631 -19.701 1.00 31.02 ? 32  PRO B CD  1 
ATOM   773  N  N   . GLU B 1 11 ? 8.039   -8.844  -16.312 1.00 31.33 ? 33  GLU B N   1 
ATOM   774  C  CA  . GLU B 1 11 ? 7.876   -8.050  -15.081 1.00 32.18 ? 33  GLU B CA  1 
ATOM   775  C  C   . GLU B 1 11 ? 7.959   -8.883  -13.804 1.00 30.88 ? 33  GLU B C   1 
ATOM   776  O  O   . GLU B 1 11 ? 8.549   -8.469  -12.806 1.00 31.17 ? 33  GLU B O   1 
ATOM   777  C  CB  . GLU B 1 11 ? 6.587   -7.242  -15.122 1.00 32.18 ? 33  GLU B CB  1 
ATOM   778  C  CG  . GLU B 1 11 ? 6.631   -6.100  -16.140 1.00 36.81 ? 33  GLU B CG  1 
ATOM   779  C  CD  . GLU B 1 11 ? 7.697   -5.056  -15.798 1.00 42.05 ? 33  GLU B CD  1 
ATOM   780  O  OE1 . GLU B 1 11 ? 7.448   -4.244  -14.869 1.00 42.66 ? 33  GLU B OE1 1 
ATOM   781  O  OE2 . GLU B 1 11 ? 8.780   -5.046  -16.458 1.00 43.36 ? 33  GLU B OE2 1 
ATOM   782  N  N   . LEU B 1 12 ? 7.353   -10.059 -13.837 1.00 30.03 ? 34  LEU B N   1 
ATOM   783  C  CA  . LEU B 1 12 ? 7.394   -10.959 -12.697 1.00 29.53 ? 34  LEU B CA  1 
ATOM   784  C  C   . LEU B 1 12 ? 8.812   -11.485 -12.538 1.00 29.59 ? 34  LEU B C   1 
ATOM   785  O  O   . LEU B 1 12 ? 9.310   -11.654 -11.419 1.00 28.26 ? 34  LEU B O   1 
ATOM   786  C  CB  . LEU B 1 12 ? 6.415   -12.120 -12.882 1.00 28.58 ? 34  LEU B CB  1 
ATOM   787  C  CG  . LEU B 1 12 ? 6.549   -13.202 -11.803 1.00 27.99 ? 34  LEU B CG  1 
ATOM   788  C  CD1 . LEU B 1 12 ? 6.202   -12.661 -10.421 1.00 25.42 ? 34  LEU B CD1 1 
ATOM   789  C  CD2 . LEU B 1 12 ? 5.696   -14.419 -12.145 1.00 28.96 ? 34  LEU B CD2 1 
ATOM   790  N  N   . LEU B 1 13 ? 9.470   -11.742 -13.668 1.00 30.46 ? 35  LEU B N   1 
ATOM   791  C  CA  . LEU B 1 13 ? 10.835  -12.253 -13.601 1.00 31.27 ? 35  LEU B CA  1 
ATOM   792  C  C   . LEU B 1 13 ? 11.728  -11.227 -12.889 1.00 32.03 ? 35  LEU B C   1 
ATOM   793  O  O   . LEU B 1 13 ? 12.507  -11.585 -12.002 1.00 31.88 ? 35  LEU B O   1 
ATOM   794  C  CB  . LEU B 1 13 ? 11.359  -12.610 -14.998 1.00 31.59 ? 35  LEU B CB  1 
ATOM   795  C  CG  . LEU B 1 13 ? 12.801  -13.140 -15.062 1.00 31.34 ? 35  LEU B CG  1 
ATOM   796  C  CD1 . LEU B 1 13 ? 12.963  -14.492 -14.376 1.00 29.45 ? 35  LEU B CD1 1 
ATOM   797  C  CD2 . LEU B 1 13 ? 13.221  -13.248 -16.512 1.00 33.30 ? 35  LEU B CD2 1 
ATOM   798  N  N   . LYS B 1 14 ? 11.566  -9.955  -13.274 1.00 32.84 ? 36  LYS B N   1 
ATOM   799  C  CA  . LYS B 1 14 ? 12.227  -8.808  -12.650 1.00 33.80 ? 36  LYS B CA  1 
ATOM   800  C  C   . LYS B 1 14 ? 11.985  -8.736  -11.145 1.00 33.27 ? 36  LYS B C   1 
ATOM   801  O  O   . LYS B 1 14 ? 12.917  -8.474  -10.372 1.00 33.47 ? 36  LYS B O   1 
ATOM   802  C  CB  . LYS B 1 14 ? 11.746  -7.504  -13.305 1.00 34.62 ? 36  LYS B CB  1 
ATOM   803  C  CG  . LYS B 1 14 ? 12.788  -6.402  -13.293 1.00 39.08 ? 36  LYS B CG  1 
ATOM   804  C  CD  . LYS B 1 14 ? 12.176  -5.019  -13.452 1.00 43.84 ? 36  LYS B CD  1 
ATOM   805  C  CE  . LYS B 1 14 ? 13.238  -3.916  -13.238 1.00 47.49 ? 36  LYS B CE  1 
ATOM   806  N  NZ  . LYS B 1 14 ? 12.640  -2.631  -12.738 1.00 49.59 ? 36  LYS B NZ  1 
ATOM   807  N  N   . LEU B 1 15 ? 10.750  -8.976  -10.718 1.00 32.67 ? 37  LEU B N   1 
ATOM   808  C  CA  . LEU B 1 15 ? 10.464  -9.020  -9.285  1.00 32.83 ? 37  LEU B CA  1 
ATOM   809  C  C   . LEU B 1 15 ? 11.198  -10.178 -8.580  1.00 33.26 ? 37  LEU B C   1 
ATOM   810  O  O   . LEU B 1 15 ? 11.809  -9.974  -7.525  1.00 33.20 ? 37  LEU B O   1 
ATOM   811  C  CB  . LEU B 1 15 ? 8.954   -8.977  -9.028  1.00 32.86 ? 37  LEU B CB  1 
ATOM   812  C  CG  . LEU B 1 15 ? 8.049   -9.783  -8.067  1.00 34.03 ? 37  LEU B CG  1 
ATOM   813  C  CD1 . LEU B 1 15 ? 8.705   -10.523 -6.901  1.00 34.82 ? 37  LEU B CD1 1 
ATOM   814  C  CD2 . LEU B 1 15 ? 6.864   -8.928  -7.601  1.00 33.35 ? 37  LEU B CD2 1 
ATOM   815  N  N   . LEU B 1 16 ? 11.171  -11.372 -9.175  1.00 32.67 ? 38  LEU B N   1 
ATOM   816  C  CA  . LEU B 1 16 ? 11.845  -12.537 -8.599  1.00 33.01 ? 38  LEU B CA  1 
ATOM   817  C  C   . LEU B 1 16 ? 13.366  -12.317 -8.481  1.00 33.44 ? 38  LEU B C   1 
ATOM   818  O  O   . LEU B 1 16 ? 13.974  -12.684 -7.472  1.00 33.01 ? 38  LEU B O   1 
ATOM   819  C  CB  . LEU B 1 16 ? 11.544  -13.799 -9.416  1.00 32.41 ? 38  LEU B CB  1 
ATOM   820  C  CG  . LEU B 1 16 ? 10.087  -14.252 -9.641  1.00 33.02 ? 38  LEU B CG  1 
ATOM   821  C  CD1 . LEU B 1 16 ? 10.026  -15.555 -10.464 1.00 32.03 ? 38  LEU B CD1 1 
ATOM   822  C  CD2 . LEU B 1 16 ? 9.245   -14.377 -8.366  1.00 30.54 ? 38  LEU B CD2 1 
ATOM   823  N  N   . LYS B 1 17 ? 13.958  -11.695 -9.500  1.00 34.26 ? 39  LYS B N   1 
ATOM   824  C  CA  . LYS B 1 17 ? 15.385  -11.417 -9.499  1.00 35.24 ? 39  LYS B CA  1 
ATOM   825  C  C   . LYS B 1 17 ? 15.761  -10.344 -8.481  1.00 35.62 ? 39  LYS B C   1 
ATOM   826  O  O   . LYS B 1 17 ? 16.864  -10.371 -7.927  1.00 36.01 ? 39  LYS B O   1 
ATOM   827  C  CB  . LYS B 1 17 ? 15.870  -11.053 -10.907 1.00 35.66 ? 39  LYS B CB  1 
ATOM   828  C  CG  . LYS B 1 17 ? 15.764  -12.226 -11.870 1.00 36.89 ? 39  LYS B CG  1 
ATOM   829  C  CD  . LYS B 1 17 ? 16.809  -12.223 -12.970 1.00 39.33 ? 39  LYS B CD  1 
ATOM   830  C  CE  . LYS B 1 17 ? 16.811  -13.583 -13.672 1.00 41.80 ? 39  LYS B CE  1 
ATOM   831  N  NZ  . LYS B 1 17 ? 17.835  -13.707 -14.762 1.00 42.83 ? 39  LYS B NZ  1 
ATOM   832  N  N   . SER B 1 18 ? 14.851  -9.413  -8.210  1.00 35.53 ? 40  SER B N   1 
ATOM   833  C  CA  . SER B 1 18 ? 15.135  -8.381  -7.210  1.00 35.60 ? 40  SER B CA  1 
ATOM   834  C  C   . SER B 1 18 ? 15.323  -8.939  -5.799  1.00 35.92 ? 40  SER B C   1 
ATOM   835  O  O   . SER B 1 18 ? 15.805  -8.237  -4.925  1.00 35.77 ? 40  SER B O   1 
ATOM   836  C  CB  . SER B 1 18 ? 14.051  -7.305  -7.210  1.00 35.46 ? 40  SER B CB  1 
ATOM   837  O  OG  . SER B 1 18 ? 12.939  -7.755  -6.474  1.00 35.05 ? 40  SER B OG  1 
ATOM   838  N  N   . VAL B 1 19 ? 14.925  -10.190 -5.574  1.00 36.82 ? 41  VAL B N   1 
ATOM   839  C  CA  . VAL B 1 19 ? 15.191  -10.882 -4.301  1.00 37.93 ? 41  VAL B CA  1 
ATOM   840  C  C   . VAL B 1 19 ? 16.114  -12.088 -4.454  1.00 39.17 ? 41  VAL B C   1 
ATOM   841  O  O   . VAL B 1 19 ? 16.087  -13.014 -3.636  1.00 39.35 ? 41  VAL B O   1 
ATOM   842  C  CB  . VAL B 1 19 ? 13.886  -11.292 -3.518  1.00 37.72 ? 41  VAL B CB  1 
ATOM   843  C  CG1 . VAL B 1 19 ? 13.168  -10.056 -3.014  1.00 37.57 ? 41  VAL B CG1 1 
ATOM   844  C  CG2 . VAL B 1 19 ? 12.947  -12.189 -4.368  1.00 37.01 ? 41  VAL B CG2 1 
ATOM   845  N  N   . GLY B 1 20 ? 16.919  -12.081 -5.512  1.00 40.80 ? 42  GLY B N   1 
ATOM   846  C  CA  . GLY B 1 20 ? 18.010  -13.051 -5.645  1.00 42.76 ? 42  GLY B CA  1 
ATOM   847  C  C   . GLY B 1 20 ? 17.764  -14.313 -6.458  1.00 44.38 ? 42  GLY B C   1 
ATOM   848  O  O   . GLY B 1 20 ? 18.621  -15.216 -6.485  1.00 44.87 ? 42  GLY B O   1 
ATOM   849  N  N   . ALA B 1 21 ? 16.610  -14.399 -7.114  1.00 44.79 ? 43  ALA B N   1 
ATOM   850  C  CA  . ALA B 1 21 ? 16.383  -15.486 -8.060  1.00 45.90 ? 43  ALA B CA  1 
ATOM   851  C  C   . ALA B 1 21 ? 17.348  -15.316 -9.240  1.00 46.38 ? 43  ALA B C   1 
ATOM   852  O  O   . ALA B 1 21 ? 17.618  -14.189 -9.673  1.00 46.59 ? 43  ALA B O   1 
ATOM   853  C  CB  . ALA B 1 21 ? 14.925  -15.505 -8.532  1.00 45.63 ? 43  ALA B CB  1 
ATOM   854  N  N   . GLN B 1 22 ? 17.869  -16.434 -9.749  1.00 47.33 ? 44  GLN B N   1 
ATOM   855  C  CA  . GLN B 1 22 ? 18.910  -16.409 -10.789 1.00 48.10 ? 44  GLN B CA  1 
ATOM   856  C  C   . GLN B 1 22 ? 18.378  -16.842 -12.145 1.00 47.83 ? 44  GLN B C   1 
ATOM   857  O  O   . GLN B 1 22 ? 18.863  -16.379 -13.180 1.00 48.70 ? 44  GLN B O   1 
ATOM   858  C  CB  . GLN B 1 22 ? 20.087  -17.330 -10.418 1.00 48.44 ? 44  GLN B CB  1 
ATOM   859  C  CG  . GLN B 1 22 ? 20.656  -17.163 -9.002  1.00 51.06 ? 44  GLN B CG  1 
ATOM   860  C  CD  . GLN B 1 22 ? 21.285  -15.802 -8.758  1.00 54.32 ? 44  GLN B CD  1 
ATOM   861  O  OE1 . GLN B 1 22 ? 21.852  -15.179 -9.667  1.00 55.83 ? 44  GLN B OE1 1 
ATOM   862  N  NE2 . GLN B 1 22 ? 21.194  -15.334 -7.520  1.00 55.82 ? 44  GLN B NE2 1 
ATOM   863  N  N   . LYS B 1 23 ? 17.367  -17.710 -12.122 1.00 47.16 ? 45  LYS B N   1 
ATOM   864  C  CA  . LYS B 1 23 ? 16.904  -18.449 -13.292 1.00 46.11 ? 45  LYS B CA  1 
ATOM   865  C  C   . LYS B 1 23 ? 15.884  -17.716 -14.177 1.00 45.17 ? 45  LYS B C   1 
ATOM   866  O  O   . LYS B 1 23 ? 15.451  -16.604 -13.882 1.00 45.28 ? 45  LYS B O   1 
ATOM   867  C  CB  . LYS B 1 23 ? 16.318  -19.790 -12.833 1.00 46.35 ? 45  LYS B CB  1 
ATOM   868  C  CG  . LYS B 1 23 ? 17.290  -20.645 -12.041 1.00 46.63 ? 45  LYS B CG  1 
ATOM   869  C  CD  . LYS B 1 23 ? 16.680  -21.978 -11.636 1.00 46.61 ? 45  LYS B CD  1 
ATOM   870  C  CE  . LYS B 1 23 ? 16.544  -22.078 -10.144 1.00 47.19 ? 45  LYS B CE  1 
ATOM   871  N  NZ  . LYS B 1 23 ? 16.950  -23.433 -9.666  1.00 47.22 ? 45  LYS B NZ  1 
ATOM   872  N  N   . ASP B 1 24 ? 15.514  -18.367 -15.271 1.00 43.69 ? 46  ASP B N   1 
ATOM   873  C  CA  . ASP B 1 24 ? 14.513  -17.877 -16.189 1.00 42.39 ? 46  ASP B CA  1 
ATOM   874  C  C   . ASP B 1 24 ? 13.247  -18.714 -16.075 1.00 40.72 ? 46  ASP B C   1 
ATOM   875  O  O   . ASP B 1 24 ? 12.155  -18.256 -16.413 1.00 40.53 ? 46  ASP B O   1 
ATOM   876  C  CB  . ASP B 1 24 ? 15.045  -17.947 -17.615 1.00 43.10 ? 46  ASP B CB  1 
ATOM   877  C  CG  . ASP B 1 24 ? 15.869  -16.729 -18.000 1.00 45.75 ? 46  ASP B CG  1 
ATOM   878  O  OD1 . ASP B 1 24 ? 16.418  -16.753 -19.117 1.00 49.03 ? 46  ASP B OD1 1 
ATOM   879  O  OD2 . ASP B 1 24 ? 15.962  -15.746 -17.223 1.00 47.80 ? 46  ASP B OD2 1 
ATOM   880  N  N   . THR B 1 25 ? 13.410  -19.950 -15.608 1.00 39.48 ? 47  THR B N   1 
ATOM   881  C  CA  . THR B 1 25 ? 12.299  -20.888 -15.413 1.00 37.81 ? 47  THR B CA  1 
ATOM   882  C  C   . THR B 1 25 ? 12.380  -21.481 -14.014 1.00 36.69 ? 47  THR B C   1 
ATOM   883  O  O   . THR B 1 25 ? 13.475  -21.590 -13.445 1.00 36.30 ? 47  THR B O   1 
ATOM   884  C  CB  . THR B 1 25 ? 12.276  -21.998 -16.478 1.00 38.07 ? 47  THR B CB  1 
ATOM   885  O  OG1 . THR B 1 25 ? 13.522  -22.723 -16.452 1.00 39.42 ? 47  THR B OG1 1 
ATOM   886  C  CG2 . THR B 1 25 ? 12.067  -21.389 -17.870 1.00 37.94 ? 47  THR B CG2 1 
ATOM   887  N  N   . TYR B 1 26 ? 11.216  -21.845 -13.464 1.00 34.83 ? 48  TYR B N   1 
ATOM   888  C  CA  . TYR B 1 26 ? 11.090  -22.176 -12.046 1.00 33.52 ? 48  TYR B CA  1 
ATOM   889  C  C   . TYR B 1 26 ? 10.075  -23.275 -11.783 1.00 32.73 ? 48  TYR B C   1 
ATOM   890  O  O   . TYR B 1 26 ? 9.200   -23.538 -12.611 1.00 32.32 ? 48  TYR B O   1 
ATOM   891  C  CB  . TYR B 1 26 ? 10.652  -20.919 -11.273 1.00 33.08 ? 48  TYR B CB  1 
ATOM   892  C  CG  . TYR B 1 26 ? 11.659  -19.785 -11.308 1.00 33.00 ? 48  TYR B CG  1 
ATOM   893  C  CD1 . TYR B 1 26 ? 11.671  -18.852 -12.358 1.00 31.26 ? 48  TYR B CD1 1 
ATOM   894  C  CD2 . TYR B 1 26 ? 12.608  -19.657 -10.298 1.00 33.32 ? 48  TYR B CD2 1 
ATOM   895  C  CE1 . TYR B 1 26 ? 12.603  -17.825 -12.396 1.00 32.49 ? 48  TYR B CE1 1 
ATOM   896  C  CE2 . TYR B 1 26 ? 13.540  -18.634 -10.321 1.00 32.81 ? 48  TYR B CE2 1 
ATOM   897  C  CZ  . TYR B 1 26 ? 13.532  -17.719 -11.365 1.00 32.65 ? 48  TYR B CZ  1 
ATOM   898  O  OH  . TYR B 1 26 ? 14.466  -16.708 -11.354 1.00 32.32 ? 48  TYR B OH  1 
ATOM   899  N  N   . THR B 1 27 ? 10.180  -23.923 -10.624 1.00 32.19 ? 49  THR B N   1 
ATOM   900  C  CA  . THR B 1 27 ? 9.064   -24.738 -10.132 1.00 31.90 ? 49  THR B CA  1 
ATOM   901  C  C   . THR B 1 27 ? 8.057   -23.793 -9.480  1.00 31.38 ? 49  THR B C   1 
ATOM   902  O  O   . THR B 1 27 ? 8.405   -22.665 -9.119  1.00 31.08 ? 49  THR B O   1 
ATOM   903  C  CB  . THR B 1 27 ? 9.503   -25.725 -9.068  1.00 31.91 ? 49  THR B CB  1 
ATOM   904  O  OG1 . THR B 1 27 ? 10.091  -24.982 -7.995  1.00 32.44 ? 49  THR B OG1 1 
ATOM   905  C  CG2 . THR B 1 27 ? 10.543  -26.723 -9.630  1.00 32.76 ? 49  THR B CG2 1 
ATOM   906  N  N   . MET B 1 28 ? 6.819   -24.247 -9.315  1.00 30.98 ? 50  MET B N   1 
ATOM   907  C  CA  . MET B 1 28 ? 5.824   -23.436 -8.629  1.00 30.88 ? 50  MET B CA  1 
ATOM   908  C  C   . MET B 1 28 ? 6.308   -23.110 -7.204  1.00 30.92 ? 50  MET B C   1 
ATOM   909  O  O   . MET B 1 28 ? 6.172   -21.969 -6.729  1.00 30.85 ? 50  MET B O   1 
ATOM   910  C  CB  . MET B 1 28 ? 4.457   -24.130 -8.593  1.00 29.88 ? 50  MET B CB  1 
ATOM   911  C  CG  . MET B 1 28 ? 3.350   -23.253 -8.056  1.00 30.31 ? 50  MET B CG  1 
ATOM   912  S  SD  . MET B 1 28 ? 3.171   -21.684 -8.959  1.00 30.25 ? 50  MET B SD  1 
ATOM   913  C  CE  . MET B 1 28 ? 2.366   -22.215 -10.467 1.00 27.84 ? 50  MET B CE  1 
ATOM   914  N  N   . LYS B 1 29 ? 6.870   -24.117 -6.533  1.00 30.65 ? 51  LYS B N   1 
ATOM   915  C  CA  . LYS B 1 29 ? 7.464   -23.935 -5.211  1.00 30.70 ? 51  LYS B CA  1 
ATOM   916  C  C   . LYS B 1 29 ? 8.439   -22.750 -5.186  1.00 30.13 ? 51  LYS B C   1 
ATOM   917  O  O   . LYS B 1 29 ? 8.403   -21.932 -4.270  1.00 30.12 ? 51  LYS B O   1 
ATOM   918  C  CB  . LYS B 1 29 ? 8.187   -25.219 -4.760  1.00 30.58 ? 51  LYS B CB  1 
ATOM   919  C  CG  . LYS B 1 29 ? 8.566   -25.196 -3.283  1.00 32.43 ? 51  LYS B CG  1 
ATOM   920  C  CD  . LYS B 1 29 ? 9.433   -26.378 -2.857  1.00 31.14 ? 51  LYS B CD  1 
ATOM   921  C  CE  . LYS B 1 29 ? 9.663   -26.311 -1.342  1.00 32.33 ? 51  LYS B CE  1 
ATOM   922  N  NZ  . LYS B 1 29 ? 10.681  -27.283 -0.898  1.00 32.46 ? 51  LYS B NZ  1 
ATOM   923  N  N   . GLU B 1 30 ? 9.310   -22.675 -6.183  1.00 29.39 ? 52  GLU B N   1 
ATOM   924  C  CA  . GLU B 1 30 ? 10.274  -21.611 -6.247  1.00 29.95 ? 52  GLU B CA  1 
ATOM   925  C  C   . GLU B 1 30 ? 9.599   -20.254 -6.443  1.00 29.86 ? 52  GLU B C   1 
ATOM   926  O  O   . GLU B 1 30 ? 9.931   -19.306 -5.734  1.00 30.21 ? 52  GLU B O   1 
ATOM   927  C  CB  . GLU B 1 30 ? 11.311  -21.868 -7.335  1.00 30.35 ? 52  GLU B CB  1 
ATOM   928  C  CG  . GLU B 1 30 ? 12.228  -23.082 -7.064  1.00 31.84 ? 52  GLU B CG  1 
ATOM   929  C  CD  . GLU B 1 30 ? 13.125  -23.366 -8.260  1.00 32.63 ? 52  GLU B CD  1 
ATOM   930  O  OE1 . GLU B 1 30 ? 12.594  -23.546 -9.382  1.00 34.76 ? 52  GLU B OE1 1 
ATOM   931  O  OE2 . GLU B 1 30 ? 14.357  -23.364 -8.089  1.00 37.21 ? 52  GLU B OE2 1 
ATOM   932  N  N   . VAL B 1 31 ? 8.643   -20.174 -7.375  1.00 29.14 ? 53  VAL B N   1 
ATOM   933  C  CA  . VAL B 1 31 ? 7.922   -18.934 -7.648  1.00 27.99 ? 53  VAL B CA  1 
ATOM   934  C  C   . VAL B 1 31 ? 7.292   -18.417 -6.342  1.00 27.86 ? 53  VAL B C   1 
ATOM   935  O  O   . VAL B 1 31 ? 7.463   -17.257 -5.970  1.00 27.40 ? 53  VAL B O   1 
ATOM   936  C  CB  . VAL B 1 31 ? 6.819   -19.116 -8.753  1.00 28.61 ? 53  VAL B CB  1 
ATOM   937  C  CG1 . VAL B 1 31 ? 6.000   -17.811 -8.938  1.00 25.26 ? 53  VAL B CG1 1 
ATOM   938  C  CG2 . VAL B 1 31 ? 7.443   -19.519 -10.092 1.00 28.02 ? 53  VAL B CG2 1 
ATOM   939  N  N   . LEU B 1 32 ? 6.585   -19.313 -5.658  1.00 26.87 ? 54  LEU B N   1 
ATOM   940  C  CA  . LEU B 1 32 ? 5.957   -19.024 -4.397  1.00 26.73 ? 54  LEU B CA  1 
ATOM   941  C  C   . LEU B 1 32 ? 6.943   -18.578 -3.328  1.00 27.31 ? 54  LEU B C   1 
ATOM   942  O  O   . LEU B 1 32 ? 6.646   -17.641 -2.569  1.00 27.04 ? 54  LEU B O   1 
ATOM   943  C  CB  . LEU B 1 32 ? 5.163   -20.230 -3.920  1.00 26.76 ? 54  LEU B CB  1 
ATOM   944  C  CG  . LEU B 1 32 ? 3.910   -20.515 -4.746  1.00 25.69 ? 54  LEU B CG  1 
ATOM   945  C  CD1 . LEU B 1 32 ? 3.378   -21.883 -4.421  1.00 25.87 ? 54  LEU B CD1 1 
ATOM   946  C  CD2 . LEU B 1 32 ? 2.814   -19.413 -4.520  1.00 26.39 ? 54  LEU B CD2 1 
ATOM   947  N  N   . PHE B 1 33 ? 8.114   -19.222 -3.277  1.00 26.64 ? 55  PHE B N   1 
ATOM   948  C  CA  . PHE B 1 33 ? 9.100   -18.851 -2.276  1.00 26.57 ? 55  PHE B CA  1 
ATOM   949  C  C   . PHE B 1 33 ? 9.555   -17.421 -2.485  1.00 26.54 ? 55  PHE B C   1 
ATOM   950  O  O   . PHE B 1 33 ? 9.553   -16.621 -1.540  1.00 26.14 ? 55  PHE B O   1 
ATOM   951  C  CB  . PHE B 1 33 ? 10.322  -19.784 -2.246  1.00 26.10 ? 55  PHE B CB  1 
ATOM   952  C  CG  . PHE B 1 33 ? 11.410  -19.286 -1.333  1.00 26.25 ? 55  PHE B CG  1 
ATOM   953  C  CD1 . PHE B 1 33 ? 11.262  -19.366 0.053   1.00 25.63 ? 55  PHE B CD1 1 
ATOM   954  C  CD2 . PHE B 1 33 ? 12.542  -18.671 -1.852  1.00 24.77 ? 55  PHE B CD2 1 
ATOM   955  C  CE1 . PHE B 1 33 ? 12.257  -18.854 0.911   1.00 28.13 ? 55  PHE B CE1 1 
ATOM   956  C  CE2 . PHE B 1 33 ? 13.527  -18.155 -1.012  1.00 24.87 ? 55  PHE B CE2 1 
ATOM   957  C  CZ  . PHE B 1 33 ? 13.394  -18.254 0.356   1.00 26.25 ? 55  PHE B CZ  1 
ATOM   958  N  N   . TYR B 1 34 ? 9.962   -17.114 -3.716  1.00 25.99 ? 56  TYR B N   1 
ATOM   959  C  CA  . TYR B 1 34 ? 10.474  -15.793 -4.036  1.00 26.13 ? 56  TYR B CA  1 
ATOM   960  C  C   . TYR B 1 34 ? 9.431   -14.685 -3.905  1.00 25.20 ? 56  TYR B C   1 
ATOM   961  O  O   . TYR B 1 34 ? 9.768   -13.565 -3.503  1.00 23.99 ? 56  TYR B O   1 
ATOM   962  C  CB  . TYR B 1 34 ? 11.126  -15.777 -5.407  1.00 28.08 ? 56  TYR B CB  1 
ATOM   963  C  CG  . TYR B 1 34 ? 12.414  -16.594 -5.443  1.00 30.28 ? 56  TYR B CG  1 
ATOM   964  C  CD1 . TYR B 1 34 ? 13.538  -16.183 -4.715  1.00 32.41 ? 56  TYR B CD1 1 
ATOM   965  C  CD2 . TYR B 1 34 ? 12.513  -17.757 -6.214  1.00 32.00 ? 56  TYR B CD2 1 
ATOM   966  C  CE1 . TYR B 1 34 ? 14.722  -16.915 -4.728  1.00 33.40 ? 56  TYR B CE1 1 
ATOM   967  C  CE2 . TYR B 1 34 ? 13.708  -18.502 -6.252  1.00 32.65 ? 56  TYR B CE2 1 
ATOM   968  C  CZ  . TYR B 1 34 ? 14.803  -18.078 -5.495  1.00 33.02 ? 56  TYR B CZ  1 
ATOM   969  O  OH  . TYR B 1 34 ? 15.995  -18.795 -5.505  1.00 32.54 ? 56  TYR B OH  1 
ATOM   970  N  N   . LEU B 1 35 ? 8.169   -14.999 -4.233  1.00 24.54 ? 57  LEU B N   1 
ATOM   971  C  CA  . LEU B 1 35 ? 7.057   -14.083 -3.966  1.00 22.77 ? 57  LEU B CA  1 
ATOM   972  C  C   . LEU B 1 35 ? 6.924   -13.749 -2.476  1.00 23.26 ? 57  LEU B C   1 
ATOM   973  O  O   . LEU B 1 35 ? 6.703   -12.576 -2.107  1.00 23.58 ? 57  LEU B O   1 
ATOM   974  C  CB  . LEU B 1 35 ? 5.724   -14.647 -4.511  1.00 22.28 ? 57  LEU B CB  1 
ATOM   975  C  CG  . LEU B 1 35 ? 5.512   -14.511 -6.031  1.00 20.05 ? 57  LEU B CG  1 
ATOM   976  C  CD1 . LEU B 1 35 ? 4.271   -15.240 -6.494  1.00 20.51 ? 57  LEU B CD1 1 
ATOM   977  C  CD2 . LEU B 1 35 ? 5.415   -13.040 -6.384  1.00 20.27 ? 57  LEU B CD2 1 
ATOM   978  N  N   . GLY B 1 36 ? 7.018   -14.768 -1.625  1.00 23.27 ? 58  GLY B N   1 
ATOM   979  C  CA  . GLY B 1 36 ? 6.898   -14.579 -0.171  1.00 23.65 ? 58  GLY B CA  1 
ATOM   980  C  C   . GLY B 1 36 ? 8.117   -13.823 0.347   1.00 24.63 ? 58  GLY B C   1 
ATOM   981  O  O   . GLY B 1 36 ? 8.012   -12.948 1.203   1.00 23.81 ? 58  GLY B O   1 
ATOM   982  N  N   . GLN B 1 37 ? 9.279   -14.148 -0.201  1.00 24.50 ? 59  GLN B N   1 
ATOM   983  C  CA  . GLN B 1 37 ? 10.489  -13.441 0.161   1.00 25.64 ? 59  GLN B CA  1 
ATOM   984  C  C   . GLN B 1 37 ? 10.401  -11.955 -0.145  1.00 25.05 ? 59  GLN B C   1 
ATOM   985  O  O   . GLN B 1 37 ? 10.862  -11.130 0.647   1.00 25.22 ? 59  GLN B O   1 
ATOM   986  C  CB  . GLN B 1 37 ? 11.680  -14.030 -0.561  1.00 26.34 ? 59  GLN B CB  1 
ATOM   987  C  CG  . GLN B 1 37 ? 12.991  -13.465 -0.085  1.00 30.55 ? 59  GLN B CG  1 
ATOM   988  C  CD  . GLN B 1 37 ? 14.129  -14.354 -0.464  1.00 33.45 ? 59  GLN B CD  1 
ATOM   989  O  OE1 . GLN B 1 37 ? 15.019  -14.645 0.346   1.00 33.35 ? 59  GLN B OE1 1 
ATOM   990  N  NE2 . GLN B 1 37 ? 14.098  -14.828 -1.697  1.00 33.22 ? 59  GLN B NE2 1 
ATOM   991  N  N   . TYR B 1 38 ? 9.814   -11.626 -1.294  1.00 23.51 ? 60  TYR B N   1 
ATOM   992  C  CA  . TYR B 1 38 ? 9.591   -10.242 -1.699  1.00 22.58 ? 60  TYR B CA  1 
ATOM   993  C  C   . TYR B 1 38 ? 8.622   -9.497  -0.761  1.00 21.88 ? 60  TYR B C   1 
ATOM   994  O  O   . TYR B 1 38 ? 8.902   -8.390  -0.305  1.00 21.63 ? 60  TYR B O   1 
ATOM   995  C  CB  . TYR B 1 38 ? 9.068   -10.235 -3.135  1.00 22.69 ? 60  TYR B CB  1 
ATOM   996  C  CG  . TYR B 1 38 ? 8.790   -8.862  -3.733  1.00 22.40 ? 60  TYR B CG  1 
ATOM   997  C  CD1 . TYR B 1 38 ? 9.801   -8.156  -4.397  1.00 22.40 ? 60  TYR B CD1 1 
ATOM   998  C  CD2 . TYR B 1 38 ? 7.510   -8.296  -3.667  1.00 21.64 ? 60  TYR B CD2 1 
ATOM   999  C  CE1 . TYR B 1 38 ? 9.561   -6.906  -4.965  1.00 22.32 ? 60  TYR B CE1 1 
ATOM   1000 C  CE2 . TYR B 1 38 ? 7.253   -7.056  -4.246  1.00 23.33 ? 60  TYR B CE2 1 
ATOM   1001 C  CZ  . TYR B 1 38 ? 8.288   -6.361  -4.885  1.00 24.17 ? 60  TYR B CZ  1 
ATOM   1002 O  OH  . TYR B 1 38 ? 8.038   -5.144  -5.467  1.00 22.13 ? 60  TYR B OH  1 
ATOM   1003 N  N   . ILE B 1 39 ? 7.490   -10.125 -0.476  1.00 20.95 ? 61  ILE B N   1 
ATOM   1004 C  CA  . ILE B 1 39 ? 6.494   -9.589  0.455   1.00 20.17 ? 61  ILE B CA  1 
ATOM   1005 C  C   . ILE B 1 39 ? 7.136   -9.351  1.830   1.00 20.64 ? 61  ILE B C   1 
ATOM   1006 O  O   . ILE B 1 39 ? 6.936   -8.306  2.448   1.00 20.05 ? 61  ILE B O   1 
ATOM   1007 C  CB  . ILE B 1 39 ? 5.263   -10.547 0.533   1.00 19.37 ? 61  ILE B CB  1 
ATOM   1008 C  CG1 . ILE B 1 39 ? 4.445   -10.483 -0.777  1.00 20.41 ? 61  ILE B CG1 1 
ATOM   1009 C  CG2 . ILE B 1 39 ? 4.413   -10.272 1.750   1.00 19.10 ? 61  ILE B CG2 1 
ATOM   1010 C  CD1 . ILE B 1 39 ? 3.530   -11.731 -1.015  1.00 20.08 ? 61  ILE B CD1 1 
ATOM   1011 N  N   . MET B 1 40 ? 7.939   -10.309 2.289   1.00 20.02 ? 62  MET B N   1 
ATOM   1012 C  CA  . MET B 1 40 ? 8.524   -10.225 3.618   1.00 20.78 ? 62  MET B CA  1 
ATOM   1013 C  C   . MET B 1 40 ? 9.664   -9.213  3.719   1.00 21.53 ? 62  MET B C   1 
ATOM   1014 O  O   . MET B 1 40 ? 9.854   -8.580  4.768   1.00 22.01 ? 62  MET B O   1 
ATOM   1015 C  CB  . MET B 1 40 ? 8.997   -11.594 4.131   1.00 20.60 ? 62  MET B CB  1 
ATOM   1016 C  CG  . MET B 1 40 ? 7.895   -12.640 4.321   1.00 20.50 ? 62  MET B CG  1 
ATOM   1017 S  SD  . MET B 1 40 ? 6.553   -12.153 5.418   1.00 21.00 ? 62  MET B SD  1 
ATOM   1018 C  CE  . MET B 1 40 ? 7.366   -12.277 7.015   1.00 19.91 ? 62  MET B CE  1 
ATOM   1019 N  N   . THR B 1 41 ? 10.420  -9.049  2.639   1.00 21.70 ? 63  THR B N   1 
ATOM   1020 C  CA  . THR B 1 41 ? 11.541  -8.134  2.687   1.00 23.00 ? 63  THR B CA  1 
ATOM   1021 C  C   . THR B 1 41 ? 11.077  -6.672  2.511   1.00 23.38 ? 63  THR B C   1 
ATOM   1022 O  O   . THR B 1 41 ? 11.619  -5.773  3.150   1.00 23.39 ? 63  THR B O   1 
ATOM   1023 C  CB  . THR B 1 41 ? 12.645  -8.533  1.692   1.00 22.73 ? 63  THR B CB  1 
ATOM   1024 O  OG1 . THR B 1 41 ? 12.085  -8.605  0.390   1.00 27.77 ? 63  THR B OG1 1 
ATOM   1025 C  CG2 . THR B 1 41 ? 13.186  -9.915  2.023   1.00 23.94 ? 63  THR B CG2 1 
ATOM   1026 N  N   . LYS B 1 42 ? 10.066  -6.454  1.665   1.00 23.49 ? 64  LYS B N   1 
ATOM   1027 C  CA  . LYS B 1 42 ? 9.443   -5.143  1.497   1.00 23.04 ? 64  LYS B CA  1 
ATOM   1028 C  C   . LYS B 1 42 ? 8.332   -4.879  2.516   1.00 23.25 ? 64  LYS B C   1 
ATOM   1029 O  O   . LYS B 1 42 ? 7.770   -3.794  2.558   1.00 22.77 ? 64  LYS B O   1 
ATOM   1030 C  CB  . LYS B 1 42 ? 8.898   -4.996  0.079   1.00 22.78 ? 64  LYS B CB  1 
ATOM   1031 C  CG  . LYS B 1 42 ? 9.994   -4.903  -0.977  1.00 23.62 ? 64  LYS B CG  1 
ATOM   1032 C  CD  . LYS B 1 42 ? 9.438   -4.466  -2.320  1.00 23.16 ? 64  LYS B CD  1 
ATOM   1033 C  CE  . LYS B 1 42 ? 9.406   -2.968  -2.441  1.00 24.78 ? 64  LYS B CE  1 
ATOM   1034 N  NZ  . LYS B 1 42 ? 9.027   -2.602  -3.799  1.00 28.83 ? 64  LYS B NZ  1 
ATOM   1035 N  N   . ARG B 1 43 ? 8.023   -5.881  3.326   1.00 22.59 ? 65  ARG B N   1 
ATOM   1036 C  CA  . ARG B 1 43 ? 7.056   -5.733  4.391   1.00 22.19 ? 65  ARG B CA  1 
ATOM   1037 C  C   . ARG B 1 43 ? 5.735   -5.228  3.842   1.00 21.97 ? 65  ARG B C   1 
ATOM   1038 O  O   . ARG B 1 43 ? 5.223   -4.192  4.283   1.00 21.90 ? 65  ARG B O   1 
ATOM   1039 C  CB  . ARG B 1 43 ? 7.629   -4.818  5.473   1.00 22.38 ? 65  ARG B CB  1 
ATOM   1040 C  CG  . ARG B 1 43 ? 8.832   -5.436  6.171   1.00 23.15 ? 65  ARG B CG  1 
ATOM   1041 C  CD  . ARG B 1 43 ? 9.244   -4.632  7.376   1.00 27.04 ? 65  ARG B CD  1 
ATOM   1042 N  NE  . ARG B 1 43 ? 9.924   -3.399  7.021   1.00 28.20 ? 65  ARG B NE  1 
ATOM   1043 C  CZ  . ARG B 1 43 ? 11.226  -3.290  6.744   1.00 32.05 ? 65  ARG B CZ  1 
ATOM   1044 N  NH1 . ARG B 1 43 ? 12.047  -4.356  6.714   1.00 30.53 ? 65  ARG B NH1 1 
ATOM   1045 N  NH2 . ARG B 1 43 ? 11.714  -2.090  6.473   1.00 32.27 ? 65  ARG B NH2 1 
ATOM   1046 N  N   . LEU B 1 44 ? 5.179   -5.987  2.894   1.00 21.38 ? 66  LEU B N   1 
ATOM   1047 C  CA  . LEU B 1 44 ? 3.918   -5.626  2.226   1.00 21.17 ? 66  LEU B CA  1 
ATOM   1048 C  C   . LEU B 1 44 ? 2.713   -6.134  2.975   1.00 22.13 ? 66  LEU B C   1 
ATOM   1049 O  O   . LEU B 1 44 ? 1.813   -6.742  2.391   1.00 23.54 ? 66  LEU B O   1 
ATOM   1050 C  CB  . LEU B 1 44 ? 3.900   -6.129  0.766   1.00 20.10 ? 66  LEU B CB  1 
ATOM   1051 C  CG  . LEU B 1 44 ? 5.044   -5.588  -0.117  1.00 18.59 ? 66  LEU B CG  1 
ATOM   1052 C  CD1 . LEU B 1 44 ? 4.998   -6.158  -1.539  1.00 18.17 ? 66  LEU B CD1 1 
ATOM   1053 C  CD2 . LEU B 1 44 ? 5.041   -4.059  -0.148  1.00 15.55 ? 66  LEU B CD2 1 
ATOM   1054 N  N   . TYR B 1 45 ? 2.694   -5.881  4.276   1.00 22.51 ? 67  TYR B N   1 
ATOM   1055 C  CA  . TYR B 1 45 ? 1.585   -6.274  5.106   1.00 22.41 ? 67  TYR B CA  1 
ATOM   1056 C  C   . TYR B 1 45 ? 1.618   -5.450  6.386   1.00 22.90 ? 67  TYR B C   1 
ATOM   1057 O  O   . TYR B 1 45 ? 2.587   -4.743  6.661   1.00 22.07 ? 67  TYR B O   1 
ATOM   1058 C  CB  . TYR B 1 45 ? 1.678   -7.772  5.442   1.00 21.61 ? 67  TYR B CB  1 
ATOM   1059 C  CG  . TYR B 1 45 ? 2.909   -8.127  6.224   1.00 21.27 ? 67  TYR B CG  1 
ATOM   1060 C  CD1 . TYR B 1 45 ? 2.861   -8.245  7.604   1.00 21.65 ? 67  TYR B CD1 1 
ATOM   1061 C  CD2 . TYR B 1 45 ? 4.142   -8.356  5.577   1.00 19.68 ? 67  TYR B CD2 1 
ATOM   1062 C  CE1 . TYR B 1 45 ? 4.036   -8.562  8.336   1.00 19.97 ? 67  TYR B CE1 1 
ATOM   1063 C  CE2 . TYR B 1 45 ? 5.272   -8.688  6.294   1.00 19.91 ? 67  TYR B CE2 1 
ATOM   1064 C  CZ  . TYR B 1 45 ? 5.219   -8.779  7.670   1.00 21.72 ? 67  TYR B CZ  1 
ATOM   1065 O  OH  . TYR B 1 45 ? 6.358   -9.112  8.401   1.00 20.55 ? 67  TYR B OH  1 
ATOM   1066 N  N   . ASP B 1 46 ? 0.571   -5.593  7.189   1.00 23.52 ? 68  ASP B N   1 
ATOM   1067 C  CA  . ASP B 1 46 ? 0.471   -4.919  8.462   1.00 26.08 ? 68  ASP B CA  1 
ATOM   1068 C  C   . ASP B 1 46 ? 0.415   -6.000  9.527   1.00 27.28 ? 68  ASP B C   1 
ATOM   1069 O  O   . ASP B 1 46 ? -0.363  -6.930  9.422   1.00 26.92 ? 68  ASP B O   1 
ATOM   1070 C  CB  . ASP B 1 46 ? -0.814  -4.101  8.523   1.00 26.93 ? 68  ASP B CB  1 
ATOM   1071 C  CG  . ASP B 1 46 ? -0.927  -3.288  9.803   1.00 28.62 ? 68  ASP B CG  1 
ATOM   1072 O  OD1 . ASP B 1 46 ? -1.204  -3.868  10.859  1.00 31.37 ? 68  ASP B OD1 1 
ATOM   1073 O  OD2 . ASP B 1 46 ? -0.719  -2.065  9.757   1.00 30.46 ? 68  ASP B OD2 1 
ATOM   1074 N  N   . GLU B 1 47 ? 1.234   -5.870  10.560  1.00 29.08 ? 69  GLU B N   1 
ATOM   1075 C  CA  . GLU B 1 47 ? 1.284   -6.907  11.595  1.00 31.56 ? 69  GLU B CA  1 
ATOM   1076 C  C   . GLU B 1 47 ? -0.055  -7.257  12.247  1.00 31.68 ? 69  GLU B C   1 
ATOM   1077 O  O   . GLU B 1 47 ? -0.235  -8.387  12.686  1.00 31.81 ? 69  GLU B O   1 
ATOM   1078 C  CB  . GLU B 1 47 ? 2.278   -6.532  12.670  1.00 32.43 ? 69  GLU B CB  1 
ATOM   1079 C  CG  . GLU B 1 47 ? 2.705   -7.710  13.510  1.00 35.76 ? 69  GLU B CG  1 
ATOM   1080 C  CD  . GLU B 1 47 ? 3.752   -7.317  14.499  1.00 39.42 ? 69  GLU B CD  1 
ATOM   1081 O  OE1 . GLU B 1 47 ? 4.116   -6.126  14.504  1.00 41.48 ? 69  GLU B OE1 1 
ATOM   1082 O  OE2 . GLU B 1 47 ? 4.206   -8.186  15.270  1.00 42.72 ? 69  GLU B OE2 1 
ATOM   1083 N  N   . LYS B 1 48 ? -0.969  -6.294  12.301  1.00 31.89 ? 70  LYS B N   1 
ATOM   1084 C  CA  . LYS B 1 48 ? -2.295  -6.482  12.889  1.00 33.51 ? 70  LYS B CA  1 
ATOM   1085 C  C   . LYS B 1 48 ? -3.278  -7.233  11.972  1.00 33.39 ? 70  LYS B C   1 
ATOM   1086 O  O   . LYS B 1 48 ? -4.337  -7.665  12.425  1.00 33.08 ? 70  LYS B O   1 
ATOM   1087 C  CB  . LYS B 1 48 ? -2.900  -5.121  13.290  1.00 33.83 ? 70  LYS B CB  1 
ATOM   1088 C  CG  . LYS B 1 48 ? -2.226  -4.456  14.523  1.00 35.20 ? 70  LYS B CG  1 
ATOM   1089 C  CD  . LYS B 1 48 ? -2.459  -2.919  14.529  1.00 35.88 ? 70  LYS B CD  1 
ATOM   1090 C  CE  . LYS B 1 48 ? -2.378  -2.278  15.930  1.00 38.38 ? 70  LYS B CE  1 
ATOM   1091 N  NZ  . LYS B 1 48 ? -3.743  -1.816  16.402  1.00 41.61 ? 70  LYS B NZ  1 
ATOM   1092 N  N   . GLN B 1 49 ? -2.937  -7.368  10.690  1.00 33.22 ? 71  GLN B N   1 
ATOM   1093 C  CA  . GLN B 1 49 ? -3.778  -8.090  9.722   1.00 33.26 ? 71  GLN B CA  1 
ATOM   1094 C  C   . GLN B 1 49 ? -2.897  -9.069  8.972   1.00 34.02 ? 71  GLN B C   1 
ATOM   1095 O  O   . GLN B 1 49 ? -2.547  -8.825  7.813   1.00 33.75 ? 71  GLN B O   1 
ATOM   1096 C  CB  . GLN B 1 49 ? -4.404  -7.120  8.707   1.00 33.23 ? 71  GLN B CB  1 
ATOM   1097 C  CG  . GLN B 1 49 ? -5.361  -6.050  9.262   1.00 33.17 ? 71  GLN B CG  1 
ATOM   1098 C  CD  . GLN B 1 49 ? -5.772  -5.035  8.195   1.00 33.37 ? 71  GLN B CD  1 
ATOM   1099 O  OE1 . GLN B 1 49 ? -5.888  -3.834  8.467   1.00 35.35 ? 71  GLN B OE1 1 
ATOM   1100 N  NE2 . GLN B 1 49 ? -5.991  -5.512  6.979   1.00 29.31 ? 71  GLN B NE2 1 
ATOM   1101 N  N   . GLN B 1 50 ? -2.537  -10.166 9.641   1.00 34.62 ? 72  GLN B N   1 
ATOM   1102 C  CA  . GLN B 1 50 ? -1.588  -11.175 9.109   1.00 36.13 ? 72  GLN B CA  1 
ATOM   1103 C  C   . GLN B 1 50 ? -1.971  -11.800 7.771   1.00 35.11 ? 72  GLN B C   1 
ATOM   1104 O  O   . GLN B 1 50 ? -1.104  -12.292 7.071   1.00 35.22 ? 72  GLN B O   1 
ATOM   1105 C  CB  . GLN B 1 50 ? -1.391  -12.340 10.099  1.00 37.12 ? 72  GLN B CB  1 
ATOM   1106 C  CG  . GLN B 1 50 ? -0.801  -11.962 11.463  1.00 41.68 ? 72  GLN B CG  1 
ATOM   1107 C  CD  . GLN B 1 50 ? 0.650   -11.599 11.368  1.00 46.08 ? 72  GLN B CD  1 
ATOM   1108 O  OE1 . GLN B 1 50 ? 1.056   -10.840 10.482  1.00 49.64 ? 72  GLN B OE1 1 
ATOM   1109 N  NE2 . GLN B 1 50 ? 1.450   -12.127 12.285  1.00 46.57 ? 72  GLN B NE2 1 
ATOM   1110 N  N   . HIS B 1 51 ? -3.260  -11.814 7.445   1.00 33.92 ? 73  HIS B N   1 
ATOM   1111 C  CA  . HIS B 1 51 ? -3.741  -12.489 6.248   1.00 33.15 ? 73  HIS B CA  1 
ATOM   1112 C  C   . HIS B 1 51 ? -3.668  -11.649 4.975   1.00 31.23 ? 73  HIS B C   1 
ATOM   1113 O  O   . HIS B 1 51 ? -3.915  -12.170 3.894   1.00 31.41 ? 73  HIS B O   1 
ATOM   1114 C  CB  . HIS B 1 51 ? -5.190  -12.962 6.419   1.00 34.25 ? 73  HIS B CB  1 
ATOM   1115 C  CG  . HIS B 1 51 ? -5.399  -13.923 7.550   1.00 38.12 ? 73  HIS B CG  1 
ATOM   1116 N  ND1 . HIS B 1 51 ? -4.383  -14.682 8.091   1.00 42.12 ? 73  HIS B ND1 1 
ATOM   1117 C  CD2 . HIS B 1 51 ? -6.526  -14.282 8.209   1.00 39.64 ? 73  HIS B CD2 1 
ATOM   1118 C  CE1 . HIS B 1 51 ? -4.867  -15.438 9.062   1.00 42.82 ? 73  HIS B CE1 1 
ATOM   1119 N  NE2 . HIS B 1 51 ? -6.167  -15.212 9.154   1.00 41.83 ? 73  HIS B NE2 1 
ATOM   1120 N  N   . ILE B 1 52 ? -3.359  -10.364 5.087   1.00 28.25 ? 74  ILE B N   1 
ATOM   1121 C  CA  . ILE B 1 52 ? -3.507  -9.485  3.928   1.00 26.11 ? 74  ILE B CA  1 
ATOM   1122 C  C   . ILE B 1 52 ? -2.168  -8.965  3.414   1.00 23.93 ? 74  ILE B C   1 
ATOM   1123 O  O   . ILE B 1 52 ? -1.391  -8.395  4.160   1.00 22.25 ? 74  ILE B O   1 
ATOM   1124 C  CB  . ILE B 1 52 ? -4.458  -8.243  4.205   1.00 25.91 ? 74  ILE B CB  1 
ATOM   1125 C  CG1 . ILE B 1 52 ? -5.741  -8.653  4.950   1.00 27.20 ? 74  ILE B CG1 1 
ATOM   1126 C  CG2 . ILE B 1 52 ? -4.813  -7.509  2.904   1.00 24.93 ? 74  ILE B CG2 1 
ATOM   1127 C  CD1 . ILE B 1 52 ? -6.620  -9.649  4.227   1.00 27.76 ? 74  ILE B CD1 1 
ATOM   1128 N  N   . VAL B 1 53 ? -1.940  -9.143  2.120   1.00 22.55 ? 75  VAL B N   1 
ATOM   1129 C  CA  . VAL B 1 53 ? -0.866  -8.459  1.444   1.00 20.76 ? 75  VAL B CA  1 
ATOM   1130 C  C   . VAL B 1 53 ? -1.425  -7.136  0.899   1.00 20.89 ? 75  VAL B C   1 
ATOM   1131 O  O   . VAL B 1 53 ? -2.482  -7.128  0.244   1.00 19.53 ? 75  VAL B O   1 
ATOM   1132 C  CB  . VAL B 1 53 ? -0.290  -9.325  0.317   1.00 20.39 ? 75  VAL B CB  1 
ATOM   1133 C  CG1 . VAL B 1 53 ? 0.827   -8.577  -0.446  1.00 18.76 ? 75  VAL B CG1 1 
ATOM   1134 C  CG2 . VAL B 1 53 ? 0.205   -10.723 0.895   1.00 19.88 ? 75  VAL B CG2 1 
ATOM   1135 N  N   . TYR B 1 54 ? -0.732  -6.045  1.244   1.00 19.83 ? 76  TYR B N   1 
ATOM   1136 C  CA  . TYR B 1 54 ? -0.979  -4.701  0.734   1.00 21.15 ? 76  TYR B CA  1 
ATOM   1137 C  C   . TYR B 1 54 ? 0.082   -4.361  -0.299  1.00 21.85 ? 76  TYR B C   1 
ATOM   1138 O  O   . TYR B 1 54 ? 1.271   -4.275  0.023   1.00 23.63 ? 76  TYR B O   1 
ATOM   1139 C  CB  . TYR B 1 54 ? -1.019  -3.665  1.890   1.00 21.33 ? 76  TYR B CB  1 
ATOM   1140 C  CG  . TYR B 1 54 ? -2.319  -3.756  2.680   1.00 22.00 ? 76  TYR B CG  1 
ATOM   1141 C  CD1 . TYR B 1 54 ? -3.478  -3.106  2.241   1.00 18.29 ? 76  TYR B CD1 1 
ATOM   1142 C  CD2 . TYR B 1 54 ? -2.384  -4.507  3.854   1.00 22.05 ? 76  TYR B CD2 1 
ATOM   1143 C  CE1 . TYR B 1 54 ? -4.694  -3.235  2.959   1.00 21.32 ? 76  TYR B CE1 1 
ATOM   1144 C  CE2 . TYR B 1 54 ? -3.571  -4.625  4.584   1.00 23.68 ? 76  TYR B CE2 1 
ATOM   1145 C  CZ  . TYR B 1 54 ? -4.723  -3.985  4.133   1.00 23.63 ? 76  TYR B CZ  1 
ATOM   1146 O  OH  . TYR B 1 54 ? -5.895  -4.124  4.864   1.00 24.02 ? 76  TYR B OH  1 
ATOM   1147 N  N   . CYS B 1 55 ? -0.330  -4.202  -1.546  1.00 22.60 ? 77  CYS B N   1 
ATOM   1148 C  CA  . CYS B 1 55 ? 0.627   -4.065  -2.652  1.00 23.64 ? 77  CYS B CA  1 
ATOM   1149 C  C   . CYS B 1 55 ? 0.267   -2.940  -3.629  1.00 24.52 ? 77  CYS B C   1 
ATOM   1150 O  O   . CYS B 1 55 ? 0.684   -2.941  -4.781  1.00 24.37 ? 77  CYS B O   1 
ATOM   1151 C  CB  . CYS B 1 55 ? 0.766   -5.395  -3.411  1.00 23.28 ? 77  CYS B CB  1 
ATOM   1152 S  SG  . CYS B 1 55 ? -0.834  -6.163  -3.869  1.00 23.67 ? 77  CYS B SG  1 
ATOM   1153 N  N   . SER B 1 56 ? -0.500  -1.977  -3.149  1.00 25.69 ? 78  SER B N   1 
ATOM   1154 C  CA  . SER B 1 56 ? -0.777  -0.773  -3.905  1.00 27.74 ? 78  SER B CA  1 
ATOM   1155 C  C   . SER B 1 56 ? 0.510   0.035   -4.107  1.00 27.99 ? 78  SER B C   1 
ATOM   1156 O  O   . SER B 1 56 ? 1.356   0.140   -3.206  1.00 27.50 ? 78  SER B O   1 
ATOM   1157 C  CB  . SER B 1 56 ? -1.802  0.064   -3.150  1.00 27.82 ? 78  SER B CB  1 
ATOM   1158 O  OG  . SER B 1 56 ? -2.124  1.215   -3.899  1.00 33.05 ? 78  SER B OG  1 
ATOM   1159 N  N   . ASN B 1 57 ? 0.661   0.583   -5.308  1.00 29.11 ? 79  ASN B N   1 
ATOM   1160 C  CA  . ASN B 1 57 ? 1.877   1.312   -5.694  1.00 29.83 ? 79  ASN B CA  1 
ATOM   1161 C  C   . ASN B 1 57 ? 3.169   0.505   -5.506  1.00 29.82 ? 79  ASN B C   1 
ATOM   1162 O  O   . ASN B 1 57 ? 4.201   1.027   -5.116  1.00 30.11 ? 79  ASN B O   1 
ATOM   1163 C  CB  . ASN B 1 57 ? 1.928   2.701   -5.014  1.00 30.18 ? 79  ASN B CB  1 
ATOM   1164 C  CG  . ASN B 1 57 ? 0.772   3.607   -5.458  1.00 31.62 ? 79  ASN B CG  1 
ATOM   1165 O  OD1 . ASN B 1 57 ? 0.375   3.597   -6.621  1.00 34.89 ? 79  ASN B OD1 1 
ATOM   1166 N  ND2 . ASN B 1 57 ? 0.220   4.378   -4.527  1.00 33.99 ? 79  ASN B ND2 1 
ATOM   1167 N  N   . ASP B 1 58 ? 3.091   -0.784  -5.814  1.00 29.66 ? 80  ASP B N   1 
ATOM   1168 C  CA  . ASP B 1 58 ? 4.234   -1.666  -5.779  1.00 28.68 ? 80  ASP B CA  1 
ATOM   1169 C  C   . ASP B 1 58 ? 4.170   -2.478  -7.056  1.00 28.80 ? 80  ASP B C   1 
ATOM   1170 O  O   . ASP B 1 58 ? 3.092   -2.690  -7.603  1.00 28.82 ? 80  ASP B O   1 
ATOM   1171 C  CB  . ASP B 1 58 ? 4.181   -2.564  -4.541  1.00 28.39 ? 80  ASP B CB  1 
ATOM   1172 C  CG  . ASP B 1 58 ? 5.454   -3.342  -4.336  1.00 28.09 ? 80  ASP B CG  1 
ATOM   1173 O  OD1 . ASP B 1 58 ? 6.330   -2.909  -3.545  1.00 26.30 ? 80  ASP B OD1 1 
ATOM   1174 O  OD2 . ASP B 1 58 ? 5.607   -4.358  -5.015  1.00 25.66 ? 80  ASP B OD2 1 
ATOM   1175 N  N   . LEU B 1 59 ? 5.325   -2.900  -7.552  1.00 28.58 ? 81  LEU B N   1 
ATOM   1176 C  CA  . LEU B 1 59 ? 5.357   -3.789  -8.709  1.00 28.76 ? 81  LEU B CA  1 
ATOM   1177 C  C   . LEU B 1 59 ? 4.418   -4.974  -8.505  1.00 27.60 ? 81  LEU B C   1 
ATOM   1178 O  O   . LEU B 1 59 ? 3.720   -5.362  -9.434  1.00 28.99 ? 81  LEU B O   1 
ATOM   1179 C  CB  . LEU B 1 59 ? 6.785   -4.278  -9.003  1.00 29.11 ? 81  LEU B CB  1 
ATOM   1180 C  CG  . LEU B 1 59 ? 6.945   -5.176  -10.250 1.00 31.81 ? 81  LEU B CG  1 
ATOM   1181 C  CD1 . LEU B 1 59 ? 6.540   -4.441  -11.559 1.00 32.21 ? 81  LEU B CD1 1 
ATOM   1182 C  CD2 . LEU B 1 59 ? 8.389   -5.679  -10.324 1.00 35.38 ? 81  LEU B CD2 1 
ATOM   1183 N  N   . LEU B 1 60 ? 4.360   -5.528  -7.293  1.00 25.88 ? 82  LEU B N   1 
ATOM   1184 C  CA  . LEU B 1 60 ? 3.492   -6.693  -7.074  1.00 25.46 ? 82  LEU B CA  1 
ATOM   1185 C  C   . LEU B 1 60 ? 2.032   -6.368  -7.399  1.00 25.51 ? 82  LEU B C   1 
ATOM   1186 O  O   . LEU B 1 60 ? 1.366   -7.157  -8.066  1.00 26.27 ? 82  LEU B O   1 
ATOM   1187 C  CB  . LEU B 1 60 ? 3.622   -7.269  -5.649  1.00 25.04 ? 82  LEU B CB  1 
ATOM   1188 C  CG  . LEU B 1 60 ? 2.749   -8.499  -5.313  1.00 25.36 ? 82  LEU B CG  1 
ATOM   1189 C  CD1 . LEU B 1 60 ? 3.017   -9.654  -6.279  1.00 23.73 ? 82  LEU B CD1 1 
ATOM   1190 C  CD2 . LEU B 1 60 ? 2.973   -8.929  -3.855  1.00 23.10 ? 82  LEU B CD2 1 
ATOM   1191 N  N   . GLY B 1 61 ? 1.547   -5.216  -6.934  1.00 25.29 ? 83  GLY B N   1 
ATOM   1192 C  CA  . GLY B 1 61 ? 0.178   -4.785  -7.236  1.00 25.50 ? 83  GLY B CA  1 
ATOM   1193 C  C   . GLY B 1 61 ? -0.061  -4.521  -8.710  1.00 26.32 ? 83  GLY B C   1 
ATOM   1194 O  O   . GLY B 1 61 ? -1.150  -4.772  -9.208  1.00 27.37 ? 83  GLY B O   1 
ATOM   1195 N  N   . ASP B 1 62 ? 0.948   -4.024  -9.425  1.00 27.42 ? 84  ASP B N   1 
ATOM   1196 C  CA  . ASP B 1 62 ? 0.838   -3.883  -10.880 1.00 28.37 ? 84  ASP B CA  1 
ATOM   1197 C  C   . ASP B 1 62 ? 0.723   -5.258  -11.555 1.00 28.54 ? 84  ASP B C   1 
ATOM   1198 O  O   . ASP B 1 62 ? -0.101  -5.441  -12.435 1.00 28.43 ? 84  ASP B O   1 
ATOM   1199 C  CB  . ASP B 1 62 ? 2.042   -3.138  -11.455 1.00 29.03 ? 84  ASP B CB  1 
ATOM   1200 C  CG  . ASP B 1 62 ? 2.229   -1.766  -10.846 1.00 32.67 ? 84  ASP B CG  1 
ATOM   1201 O  OD1 . ASP B 1 62 ? 1.234   -1.180  -10.363 1.00 35.49 ? 84  ASP B OD1 1 
ATOM   1202 O  OD2 . ASP B 1 62 ? 3.376   -1.267  -10.861 1.00 33.83 ? 84  ASP B OD2 1 
ATOM   1203 N  N   . LEU B 1 63 ? 1.544   -6.220  -11.134 1.00 29.05 ? 85  LEU B N   1 
ATOM   1204 C  CA  . LEU B 1 63 ? 1.526   -7.573  -11.716 1.00 29.59 ? 85  LEU B CA  1 
ATOM   1205 C  C   . LEU B 1 63 ? 0.236   -8.317  -11.438 1.00 29.21 ? 85  LEU B C   1 
ATOM   1206 O  O   . LEU B 1 63 ? -0.247  -9.051  -12.302 1.00 29.17 ? 85  LEU B O   1 
ATOM   1207 C  CB  . LEU B 1 63 ? 2.674   -8.437  -11.184 1.00 29.87 ? 85  LEU B CB  1 
ATOM   1208 C  CG  . LEU B 1 63 ? 4.075   -7.938  -11.465 1.00 32.26 ? 85  LEU B CG  1 
ATOM   1209 C  CD1 . LEU B 1 63 ? 5.089   -8.926  -10.897 1.00 34.36 ? 85  LEU B CD1 1 
ATOM   1210 C  CD2 . LEU B 1 63 ? 4.241   -7.719  -12.945 1.00 32.89 ? 85  LEU B CD2 1 
ATOM   1211 N  N   . PHE B 1 64 ? -0.292  -8.149  -10.220 1.00 28.82 ? 86  PHE B N   1 
ATOM   1212 C  CA  . PHE B 1 64 ? -1.496  -8.866  -9.777  1.00 28.24 ? 86  PHE B CA  1 
ATOM   1213 C  C   . PHE B 1 64 ? -2.824  -8.140  -10.078 1.00 28.33 ? 86  PHE B C   1 
ATOM   1214 O  O   . PHE B 1 64 ? -3.878  -8.761  -10.049 1.00 28.69 ? 86  PHE B O   1 
ATOM   1215 C  CB  . PHE B 1 64 ? -1.385  -9.222  -8.276  1.00 27.42 ? 86  PHE B CB  1 
ATOM   1216 C  CG  . PHE B 1 64 ? -0.557  -10.477 -7.989  1.00 27.27 ? 86  PHE B CG  1 
ATOM   1217 C  CD1 . PHE B 1 64 ? 0.304   -11.011 -8.949  1.00 25.27 ? 86  PHE B CD1 1 
ATOM   1218 C  CD2 . PHE B 1 64 ? -0.636  -11.108 -6.742  1.00 25.25 ? 86  PHE B CD2 1 
ATOM   1219 C  CE1 . PHE B 1 64 ? 1.065   -12.158 -8.680  1.00 22.49 ? 86  PHE B CE1 1 
ATOM   1220 C  CE2 . PHE B 1 64 ? 0.120   -12.258 -6.470  1.00 24.39 ? 86  PHE B CE2 1 
ATOM   1221 C  CZ  . PHE B 1 64 ? 0.972   -12.774 -7.446  1.00 24.00 ? 86  PHE B CZ  1 
ATOM   1222 N  N   . GLY B 1 65 ? -2.774  -6.838  -10.341 1.00 28.31 ? 87  GLY B N   1 
ATOM   1223 C  CA  . GLY B 1 65 ? -3.969  -6.068  -10.714 1.00 28.22 ? 87  GLY B CA  1 
ATOM   1224 C  C   . GLY B 1 65 ? -4.858  -5.799  -9.520  1.00 28.14 ? 87  GLY B C   1 
ATOM   1225 O  O   . GLY B 1 65 ? -6.077  -5.647  -9.661  1.00 29.32 ? 87  GLY B O   1 
ATOM   1226 N  N   . VAL B 1 66 ? -4.257  -5.758  -8.335  1.00 27.11 ? 88  VAL B N   1 
ATOM   1227 C  CA  . VAL B 1 66 ? -5.005  -5.580  -7.102  1.00 26.46 ? 88  VAL B CA  1 
ATOM   1228 C  C   . VAL B 1 66 ? -4.203  -4.721  -6.150  1.00 26.09 ? 88  VAL B C   1 
ATOM   1229 O  O   . VAL B 1 66 ? -2.984  -4.734  -6.192  1.00 26.04 ? 88  VAL B O   1 
ATOM   1230 C  CB  . VAL B 1 66 ? -5.404  -6.916  -6.422  1.00 26.35 ? 88  VAL B CB  1 
ATOM   1231 C  CG1 . VAL B 1 66 ? -6.316  -7.756  -7.348  1.00 25.90 ? 88  VAL B CG1 1 
ATOM   1232 C  CG2 . VAL B 1 66 ? -4.163  -7.717  -5.980  1.00 26.18 ? 88  VAL B CG2 1 
ATOM   1233 N  N   . PRO B 1 67 ? -4.898  -3.935  -5.304  1.00 26.60 ? 89  PRO B N   1 
ATOM   1234 C  CA  . PRO B 1 67 ? -4.269  -3.176  -4.221  1.00 25.95 ? 89  PRO B CA  1 
ATOM   1235 C  C   . PRO B 1 67 ? -3.983  -4.037  -2.987  1.00 25.59 ? 89  PRO B C   1 
ATOM   1236 O  O   . PRO B 1 67 ? -3.168  -3.675  -2.156  1.00 25.33 ? 89  PRO B O   1 
ATOM   1237 C  CB  . PRO B 1 67 ? -5.335  -2.137  -3.884  1.00 26.37 ? 89  PRO B CB  1 
ATOM   1238 C  CG  . PRO B 1 67 ? -6.635  -2.840  -4.161  1.00 26.98 ? 89  PRO B CG  1 
ATOM   1239 C  CD  . PRO B 1 67 ? -6.356  -3.684  -5.385  1.00 26.02 ? 89  PRO B CD  1 
ATOM   1240 N  N   . SER B 1 68 ? -4.681  -5.158  -2.868  1.00 24.74 ? 90  SER B N   1 
ATOM   1241 C  CA  . SER B 1 68 ? -4.481  -6.036  -1.747  1.00 24.05 ? 90  SER B CA  1 
ATOM   1242 C  C   . SER B 1 68 ? -5.057  -7.385  -2.120  1.00 23.64 ? 90  SER B C   1 
ATOM   1243 O  O   . SER B 1 68 ? -5.827  -7.476  -3.067  1.00 22.94 ? 90  SER B O   1 
ATOM   1244 C  CB  . SER B 1 68 ? -5.152  -5.475  -0.474  1.00 23.85 ? 90  SER B CB  1 
ATOM   1245 O  OG  . SER B 1 68 ? -6.566  -5.573  -0.564  1.00 23.71 ? 90  SER B OG  1 
ATOM   1246 N  N   . PHE B 1 69 ? -4.674  -8.420  -1.380  1.00 23.15 ? 91  PHE B N   1 
ATOM   1247 C  CA  . PHE B 1 69 ? -5.257  -9.743  -1.518  1.00 22.64 ? 91  PHE B CA  1 
ATOM   1248 C  C   . PHE B 1 69 ? -5.015  -10.537 -0.243  1.00 23.18 ? 91  PHE B C   1 
ATOM   1249 O  O   . PHE B 1 69 ? -4.117  -10.205 0.528   1.00 23.08 ? 91  PHE B O   1 
ATOM   1250 C  CB  . PHE B 1 69 ? -4.723  -10.481 -2.776  1.00 22.20 ? 91  PHE B CB  1 
ATOM   1251 C  CG  . PHE B 1 69 ? -3.239  -10.742 -2.770  1.00 22.56 ? 91  PHE B CG  1 
ATOM   1252 C  CD1 . PHE B 1 69 ? -2.731  -11.940 -2.265  1.00 22.98 ? 91  PHE B CD1 1 
ATOM   1253 C  CD2 . PHE B 1 69 ? -2.345  -9.815  -3.323  1.00 22.57 ? 91  PHE B CD2 1 
ATOM   1254 C  CE1 . PHE B 1 69 ? -1.357  -12.199 -2.266  1.00 22.20 ? 91  PHE B CE1 1 
ATOM   1255 C  CE2 . PHE B 1 69 ? -0.979  -10.060 -3.330  1.00 21.66 ? 91  PHE B CE2 1 
ATOM   1256 C  CZ  . PHE B 1 69 ? -0.488  -11.264 -2.810  1.00 21.41 ? 91  PHE B CZ  1 
ATOM   1257 N  N   . SER B 1 70 ? -5.826  -11.571 -0.014  1.00 23.29 ? 92  SER B N   1 
ATOM   1258 C  CA  . SER B 1 70 ? -5.649  -12.447 1.148   1.00 24.72 ? 92  SER B CA  1 
ATOM   1259 C  C   . SER B 1 70 ? -4.756  -13.648 0.829   1.00 24.88 ? 92  SER B C   1 
ATOM   1260 O  O   . SER B 1 70 ? -4.933  -14.307 -0.191  1.00 24.75 ? 92  SER B O   1 
ATOM   1261 C  CB  . SER B 1 70 ? -7.011  -12.955 1.667   1.00 24.20 ? 92  SER B CB  1 
ATOM   1262 O  OG  . SER B 1 70 ? -6.771  -13.871 2.711   1.00 26.32 ? 92  SER B OG  1 
ATOM   1263 N  N   . VAL B 1 71 ? -3.795  -13.912 1.701   1.00 25.98 ? 93  VAL B N   1 
ATOM   1264 C  CA  . VAL B 1 71 ? -2.916  -15.072 1.570   1.00 27.62 ? 93  VAL B CA  1 
ATOM   1265 C  C   . VAL B 1 71 ? -3.708  -16.390 1.741   1.00 28.53 ? 93  VAL B C   1 
ATOM   1266 O  O   . VAL B 1 71 ? -3.195  -17.450 1.405   1.00 28.53 ? 93  VAL B O   1 
ATOM   1267 C  CB  . VAL B 1 71 ? -1.762  -15.055 2.618   1.00 27.31 ? 93  VAL B CB  1 
ATOM   1268 C  CG1 . VAL B 1 71 ? -0.911  -13.807 2.485   1.00 27.78 ? 93  VAL B CG1 1 
ATOM   1269 C  CG2 . VAL B 1 71 ? -2.317  -15.156 4.038   1.00 28.59 ? 93  VAL B CG2 1 
ATOM   1270 N  N   . LYS B 1 72 ? -4.942  -16.295 2.253   1.00 29.18 ? 94  LYS B N   1 
ATOM   1271 C  CA  . LYS B 1 72 ? -5.820  -17.446 2.478   1.00 30.40 ? 94  LYS B CA  1 
ATOM   1272 C  C   . LYS B 1 72 ? -6.551  -17.862 1.218   1.00 30.76 ? 94  LYS B C   1 
ATOM   1273 O  O   . LYS B 1 72 ? -7.203  -18.901 1.204   1.00 31.01 ? 94  LYS B O   1 
ATOM   1274 C  CB  . LYS B 1 72 ? -6.872  -17.127 3.560   1.00 30.91 ? 94  LYS B CB  1 
ATOM   1275 C  CG  . LYS B 1 72 ? -6.292  -16.794 4.935   1.00 32.35 ? 94  LYS B CG  1 
ATOM   1276 C  CD  . LYS B 1 72 ? -6.235  -18.028 5.840   1.00 37.39 ? 94  LYS B CD  1 
ATOM   1277 C  CE  . LYS B 1 72 ? -4.840  -18.138 6.482   1.00 37.77 ? 94  LYS B CE  1 
ATOM   1278 N  NZ  . LYS B 1 72 ? -4.906  -18.947 7.738   1.00 40.53 ? 94  LYS B NZ  1 
ATOM   1279 N  N   . GLU B 1 73 ? -6.479  -17.042 0.173   1.00 30.91 ? 95  GLU B N   1 
ATOM   1280 C  CA  . GLU B 1 73 ? -7.186  -17.349 -1.049  1.00 31.13 ? 95  GLU B CA  1 
ATOM   1281 C  C   . GLU B 1 73 ? -6.247  -17.849 -2.149  1.00 31.02 ? 95  GLU B C   1 
ATOM   1282 O  O   . GLU B 1 73 ? -5.950  -17.139 -3.112  1.00 29.97 ? 95  GLU B O   1 
ATOM   1283 C  CB  . GLU B 1 73 ? -8.048  -16.164 -1.460  1.00 31.90 ? 95  GLU B CB  1 
ATOM   1284 C  CG  . GLU B 1 73 ? -8.980  -15.794 -0.326  1.00 35.44 ? 95  GLU B CG  1 
ATOM   1285 C  CD  . GLU B 1 73 ? -9.957  -14.741 -0.715  1.00 42.80 ? 95  GLU B CD  1 
ATOM   1286 O  OE1 . GLU B 1 73 ? -9.519  -13.633 -1.100  1.00 43.83 ? 95  GLU B OE1 1 
ATOM   1287 O  OE2 . GLU B 1 73 ? -11.174 -15.025 -0.643  1.00 46.25 ? 95  GLU B OE2 1 
ATOM   1288 N  N   . HIS B 1 74 ? -5.797  -19.095 -1.976  1.00 30.59 ? 96  HIS B N   1 
ATOM   1289 C  CA  . HIS B 1 74 ? -4.832  -19.723 -2.862  1.00 30.80 ? 96  HIS B CA  1 
ATOM   1290 C  C   . HIS B 1 74 ? -5.235  -19.745 -4.355  1.00 30.76 ? 96  HIS B C   1 
ATOM   1291 O  O   . HIS B 1 74 ? -4.428  -19.382 -5.240  1.00 29.58 ? 96  HIS B O   1 
ATOM   1292 C  CB  . HIS B 1 74 ? -4.482  -21.115 -2.316  1.00 31.33 ? 96  HIS B CB  1 
ATOM   1293 C  CG  . HIS B 1 74 ? -3.679  -21.070 -1.050  1.00 32.92 ? 96  HIS B CG  1 
ATOM   1294 N  ND1 . HIS B 1 74 ? -2.624  -21.925 -0.797  1.00 33.86 ? 96  HIS B ND1 1 
ATOM   1295 C  CD2 . HIS B 1 74 ? -3.762  -20.250 0.028   1.00 32.04 ? 96  HIS B CD2 1 
ATOM   1296 C  CE1 . HIS B 1 74 ? -2.105  -21.647 0.388   1.00 33.90 ? 96  HIS B CE1 1 
ATOM   1297 N  NE2 . HIS B 1 74 ? -2.767  -20.623 0.901   1.00 33.08 ? 96  HIS B NE2 1 
ATOM   1298 N  N   . ARG B 1 75 ? -6.482  -20.124 -4.637  1.00 30.11 ? 97  ARG B N   1 
ATOM   1299 C  CA  . ARG B 1 75 ? -6.942  -20.216 -6.017  1.00 30.92 ? 97  ARG B CA  1 
ATOM   1300 C  C   . ARG B 1 75 ? -6.813  -18.877 -6.736  1.00 30.31 ? 97  ARG B C   1 
ATOM   1301 O  O   . ARG B 1 75 ? -6.365  -18.823 -7.886  1.00 29.16 ? 97  ARG B O   1 
ATOM   1302 C  CB  . ARG B 1 75 ? -8.367  -20.787 -6.100  1.00 30.31 ? 97  ARG B CB  1 
ATOM   1303 C  CG  . ARG B 1 75 ? -8.368  -22.301 -5.829  1.00 32.21 ? 97  ARG B CG  1 
ATOM   1304 C  CD  . ARG B 1 75 ? -9.759  -22.935 -5.880  1.00 33.55 ? 97  ARG B CD  1 
ATOM   1305 N  NE  . ARG B 1 75 ? -10.431 -22.675 -4.620  1.00 39.93 ? 97  ARG B NE  1 
ATOM   1306 C  CZ  . ARG B 1 75 ? -11.749 -22.635 -4.450  1.00 42.02 ? 97  ARG B CZ  1 
ATOM   1307 N  NH1 . ARG B 1 75 ? -12.582 -22.882 -5.465  1.00 41.07 ? 97  ARG B NH1 1 
ATOM   1308 N  NH2 . ARG B 1 75 ? -12.223 -22.349 -3.246  1.00 42.61 ? 97  ARG B NH2 1 
ATOM   1309 N  N   . LYS B 1 76 ? -7.185  -17.804 -6.036  1.00 30.62 ? 98  LYS B N   1 
ATOM   1310 C  CA  . LYS B 1 76 ? -7.014  -16.437 -6.537  1.00 30.31 ? 98  LYS B CA  1 
ATOM   1311 C  C   . LYS B 1 76 ? -5.546  -16.100 -6.754  1.00 28.87 ? 98  LYS B C   1 
ATOM   1312 O  O   . LYS B 1 76 ? -5.194  -15.526 -7.772  1.00 28.66 ? 98  LYS B O   1 
ATOM   1313 C  CB  . LYS B 1 76 ? -7.646  -15.433 -5.585  1.00 31.24 ? 98  LYS B CB  1 
ATOM   1314 C  CG  . LYS B 1 76 ? -9.159  -15.626 -5.368  1.00 32.88 ? 98  LYS B CG  1 
ATOM   1315 C  CD  . LYS B 1 76 ? -9.726  -14.515 -4.470  1.00 33.60 ? 98  LYS B CD  1 
ATOM   1316 C  CE  . LYS B 1 76 ? -11.187 -14.788 -4.067  1.00 37.03 ? 98  LYS B CE  1 
ATOM   1317 N  NZ  . LYS B 1 76 ? -12.115 -14.078 -5.001  1.00 40.64 ? 98  LYS B NZ  1 
ATOM   1318 N  N   . ILE B 1 77 ? -4.685  -16.478 -5.820  1.00 27.73 ? 99  ILE B N   1 
ATOM   1319 C  CA  . ILE B 1 77 ? -3.246  -16.220 -5.981  1.00 27.36 ? 99  ILE B CA  1 
ATOM   1320 C  C   . ILE B 1 77 ? -2.708  -16.935 -7.221  1.00 27.28 ? 99  ILE B C   1 
ATOM   1321 O  O   . ILE B 1 77 ? -2.003  -16.313 -8.012  1.00 26.71 ? 99  ILE B O   1 
ATOM   1322 C  CB  . ILE B 1 77 ? -2.428  -16.530 -4.710  1.00 27.00 ? 99  ILE B CB  1 
ATOM   1323 C  CG1 . ILE B 1 77 ? -2.662  -15.410 -3.672  1.00 26.92 ? 99  ILE B CG1 1 
ATOM   1324 C  CG2 . ILE B 1 77 ? -0.923  -16.677 -5.035  1.00 25.25 ? 99  ILE B CG2 1 
ATOM   1325 C  CD1 . ILE B 1 77 ? -2.492  -15.846 -2.211  1.00 26.96 ? 99  ILE B CD1 1 
ATOM   1326 N  N   . TYR B 1 78 ? -3.088  -18.204 -7.422  1.00 27.13 ? 100 TYR B N   1 
ATOM   1327 C  CA  . TYR B 1 78 ? -2.646  -18.930 -8.622  1.00 26.55 ? 100 TYR B CA  1 
ATOM   1328 C  C   . TYR B 1 78 ? -3.123  -18.254 -9.912  1.00 26.37 ? 100 TYR B C   1 
ATOM   1329 O  O   . TYR B 1 78 ? -2.386  -18.178 -10.880 1.00 26.11 ? 100 TYR B O   1 
ATOM   1330 C  CB  . TYR B 1 78 ? -3.020  -20.420 -8.572  1.00 26.79 ? 100 TYR B CB  1 
ATOM   1331 C  CG  . TYR B 1 78 ? -2.211  -21.175 -7.535  1.00 26.23 ? 100 TYR B CG  1 
ATOM   1332 C  CD1 . TYR B 1 78 ? -2.833  -21.774 -6.444  1.00 25.59 ? 100 TYR B CD1 1 
ATOM   1333 C  CD2 . TYR B 1 78 ? -0.808  -21.239 -7.619  1.00 25.96 ? 100 TYR B CD2 1 
ATOM   1334 C  CE1 . TYR B 1 78 ? -2.108  -22.454 -5.494  1.00 25.06 ? 100 TYR B CE1 1 
ATOM   1335 C  CE2 . TYR B 1 78 ? -0.068  -21.895 -6.660  1.00 26.83 ? 100 TYR B CE2 1 
ATOM   1336 C  CZ  . TYR B 1 78 ? -0.735  -22.500 -5.596  1.00 27.40 ? 100 TYR B CZ  1 
ATOM   1337 O  OH  . TYR B 1 78 ? -0.023  -23.148 -4.635  1.00 29.56 ? 100 TYR B OH  1 
ATOM   1338 N  N   . THR B 1 79 ? -4.350  -17.740 -9.899  1.00 25.97 ? 101 THR B N   1 
ATOM   1339 C  CA  . THR B 1 79 ? -4.894  -17.037 -11.039 1.00 27.02 ? 101 THR B CA  1 
ATOM   1340 C  C   . THR B 1 79 ? -4.019  -15.839 -11.350 1.00 26.63 ? 101 THR B C   1 
ATOM   1341 O  O   . THR B 1 79 ? -3.674  -15.613 -12.493 1.00 26.91 ? 101 THR B O   1 
ATOM   1342 C  CB  . THR B 1 79 ? -6.381  -16.641 -10.803 1.00 27.12 ? 101 THR B CB  1 
ATOM   1343 O  OG1 . THR B 1 79 ? -7.160  -17.842 -10.663 1.00 28.88 ? 101 THR B OG1 1 
ATOM   1344 C  CG2 . THR B 1 79 ? -6.929  -15.839 -11.975 1.00 28.36 ? 101 THR B CG2 1 
ATOM   1345 N  N   . MET B 1 80 ? -3.623  -15.099 -10.320 1.00 26.65 ? 102 MET B N   1 
ATOM   1346 C  CA  . MET B 1 80 ? -2.803  -13.906 -10.504 1.00 26.15 ? 102 MET B CA  1 
ATOM   1347 C  C   . MET B 1 80 ? -1.393  -14.236 -10.934 1.00 25.48 ? 102 MET B C   1 
ATOM   1348 O  O   . MET B 1 80 ? -0.833  -13.528 -11.780 1.00 25.42 ? 102 MET B O   1 
ATOM   1349 C  CB  . MET B 1 80 ? -2.813  -13.041 -9.238  1.00 25.87 ? 102 MET B CB  1 
ATOM   1350 C  CG  . MET B 1 80 ? -4.216  -12.563 -8.848  1.00 25.63 ? 102 MET B CG  1 
ATOM   1351 S  SD  . MET B 1 80 ? -4.209  -11.409 -7.459  1.00 27.01 ? 102 MET B SD  1 
ATOM   1352 C  CE  . MET B 1 80 ? -4.095  -12.496 -6.032  1.00 24.70 ? 102 MET B CE  1 
ATOM   1353 N  N   . ILE B 1 81 ? -0.816  -15.304 -10.374 1.00 24.55 ? 103 ILE B N   1 
ATOM   1354 C  CA  . ILE B 1 81 ? 0.478   -15.779 -10.852 1.00 24.41 ? 103 ILE B CA  1 
ATOM   1355 C  C   . ILE B 1 81 ? 0.427   -16.215 -12.339 1.00 24.83 ? 103 ILE B C   1 
ATOM   1356 O  O   . ILE B 1 81 ? 1.311   -15.861 -13.126 1.00 24.36 ? 103 ILE B O   1 
ATOM   1357 C  CB  . ILE B 1 81 ? 1.044   -16.947 -9.974  1.00 24.53 ? 103 ILE B CB  1 
ATOM   1358 C  CG1 . ILE B 1 81 ? 1.477   -16.430 -8.588  1.00 23.05 ? 103 ILE B CG1 1 
ATOM   1359 C  CG2 . ILE B 1 81 ? 2.219   -17.637 -10.676 1.00 24.25 ? 103 ILE B CG2 1 
ATOM   1360 C  CD1 . ILE B 1 81 ? 1.715   -17.564 -7.542  1.00 23.66 ? 103 ILE B CD1 1 
ATOM   1361 N  N   . TYR B 1 82 ? -0.595  -16.979 -12.726 1.00 24.95 ? 104 TYR B N   1 
ATOM   1362 C  CA  . TYR B 1 82 ? -0.640  -17.515 -14.094 1.00 25.31 ? 104 TYR B CA  1 
ATOM   1363 C  C   . TYR B 1 82 ? -0.790  -16.426 -15.167 1.00 26.46 ? 104 TYR B C   1 
ATOM   1364 O  O   . TYR B 1 82 ? -0.361  -16.625 -16.301 1.00 26.43 ? 104 TYR B O   1 
ATOM   1365 C  CB  . TYR B 1 82 ? -1.691  -18.635 -14.243 1.00 25.19 ? 104 TYR B CB  1 
ATOM   1366 C  CG  . TYR B 1 82 ? -1.124  -20.024 -13.988 1.00 23.72 ? 104 TYR B CG  1 
ATOM   1367 C  CD1 . TYR B 1 82 ? -0.502  -20.730 -15.014 1.00 23.54 ? 104 TYR B CD1 1 
ATOM   1368 C  CD2 . TYR B 1 82 ? -1.186  -20.618 -12.709 1.00 20.89 ? 104 TYR B CD2 1 
ATOM   1369 C  CE1 . TYR B 1 82 ? 0.045   -22.009 -14.799 1.00 24.40 ? 104 TYR B CE1 1 
ATOM   1370 C  CE2 . TYR B 1 82 ? -0.656  -21.890 -12.479 1.00 23.25 ? 104 TYR B CE2 1 
ATOM   1371 C  CZ  . TYR B 1 82 ? -0.044  -22.572 -13.521 1.00 24.12 ? 104 TYR B CZ  1 
ATOM   1372 O  OH  . TYR B 1 82 ? 0.483   -23.803 -13.319 1.00 25.72 ? 104 TYR B OH  1 
ATOM   1373 N  N   . ARG B 1 83 ? -1.362  -15.275 -14.810 1.00 27.42 ? 105 ARG B N   1 
ATOM   1374 C  CA  . ARG B 1 83 ? -1.382  -14.116 -15.722 1.00 28.77 ? 105 ARG B CA  1 
ATOM   1375 C  C   . ARG B 1 83 ? 0.021   -13.584 -16.020 1.00 28.13 ? 105 ARG B C   1 
ATOM   1376 O  O   . ARG B 1 83 ? 0.237   -12.826 -16.982 1.00 28.58 ? 105 ARG B O   1 
ATOM   1377 C  CB  . ARG B 1 83 ? -2.226  -12.990 -15.133 1.00 29.71 ? 105 ARG B CB  1 
ATOM   1378 C  CG  . ARG B 1 83 ? -3.711  -13.183 -15.291 1.00 34.09 ? 105 ARG B CG  1 
ATOM   1379 C  CD  . ARG B 1 83 ? -4.428  -12.344 -14.241 1.00 41.23 ? 105 ARG B CD  1 
ATOM   1380 N  NE  . ARG B 1 83 ? -5.879  -12.336 -14.406 1.00 45.63 ? 105 ARG B NE  1 
ATOM   1381 C  CZ  . ARG B 1 83 ? -6.739  -12.299 -13.385 1.00 47.86 ? 105 ARG B CZ  1 
ATOM   1382 N  NH1 . ARG B 1 83 ? -6.289  -12.280 -12.126 1.00 47.34 ? 105 ARG B NH1 1 
ATOM   1383 N  NH2 . ARG B 1 83 ? -8.051  -12.289 -13.625 1.00 49.61 ? 105 ARG B NH2 1 
ATOM   1384 N  N   . ASN B 1 84 ? 0.975   -13.989 -15.191 1.00 27.38 ? 106 ASN B N   1 
ATOM   1385 C  CA  . ASN B 1 84 ? 2.360   -13.565 -15.325 1.00 26.50 ? 106 ASN B CA  1 
ATOM   1386 C  C   . ASN B 1 84 ? 3.302   -14.699 -15.702 1.00 26.36 ? 106 ASN B C   1 
ATOM   1387 O  O   . ASN B 1 84 ? 4.504   -14.609 -15.489 1.00 26.61 ? 106 ASN B O   1 
ATOM   1388 C  CB  . ASN B 1 84 ? 2.804   -12.925 -14.021 1.00 26.16 ? 106 ASN B CB  1 
ATOM   1389 C  CG  . ASN B 1 84 ? 2.104   -11.618 -13.759 1.00 26.93 ? 106 ASN B CG  1 
ATOM   1390 O  OD1 . ASN B 1 84 ? 2.521   -10.569 -14.267 1.00 28.50 ? 106 ASN B OD1 1 
ATOM   1391 N  ND2 . ASN B 1 84 ? 1.043   -11.661 -12.954 1.00 23.10 ? 106 ASN B ND2 1 
ATOM   1392 N  N   . LEU B 1 85 ? 2.749   -15.768 -16.261 1.00 27.27 ? 107 LEU B N   1 
ATOM   1393 C  CA  . LEU B 1 85 ? 3.547   -16.870 -16.782 1.00 27.81 ? 107 LEU B CA  1 
ATOM   1394 C  C   . LEU B 1 85 ? 3.342   -17.021 -18.298 1.00 29.50 ? 107 LEU B C   1 
ATOM   1395 O  O   . LEU B 1 85 ? 2.215   -16.925 -18.798 1.00 28.67 ? 107 LEU B O   1 
ATOM   1396 C  CB  . LEU B 1 85 ? 3.178   -18.177 -16.077 1.00 27.42 ? 107 LEU B CB  1 
ATOM   1397 C  CG  . LEU B 1 85 ? 3.461   -18.239 -14.577 1.00 26.53 ? 107 LEU B CG  1 
ATOM   1398 C  CD1 . LEU B 1 85 ? 2.945   -19.544 -14.001 1.00 25.88 ? 107 LEU B CD1 1 
ATOM   1399 C  CD2 . LEU B 1 85 ? 4.934   -18.062 -14.226 1.00 26.85 ? 107 LEU B CD2 1 
ATOM   1400 N  N   . VAL B 1 86 ? 4.445   -17.271 -18.998 1.00 31.79 ? 108 VAL B N   1 
ATOM   1401 C  CA  . VAL B 1 86 ? 4.490   -17.400 -20.461 1.00 34.17 ? 108 VAL B CA  1 
ATOM   1402 C  C   . VAL B 1 86 ? 3.829   -18.699 -20.866 1.00 35.77 ? 108 VAL B C   1 
ATOM   1403 O  O   . VAL B 1 86 ? 4.212   -19.764 -20.370 1.00 36.30 ? 108 VAL B O   1 
ATOM   1404 C  CB  . VAL B 1 86 ? 5.964   -17.399 -20.974 1.00 33.92 ? 108 VAL B CB  1 
ATOM   1405 C  CG1 . VAL B 1 86 ? 6.041   -17.751 -22.474 1.00 34.29 ? 108 VAL B CG1 1 
ATOM   1406 C  CG2 . VAL B 1 86 ? 6.679   -16.046 -20.665 1.00 33.52 ? 108 VAL B CG2 1 
ATOM   1407 N  N   . VAL B 1 87 ? 2.844   -18.603 -21.759 1.00 38.44 ? 109 VAL B N   1 
ATOM   1408 C  CA  . VAL B 1 87 ? 2.198   -19.785 -22.352 1.00 41.04 ? 109 VAL B CA  1 
ATOM   1409 C  C   . VAL B 1 87 ? 3.106   -20.410 -23.427 1.00 42.43 ? 109 VAL B C   1 
ATOM   1410 O  O   . VAL B 1 87 ? 3.321   -19.862 -24.532 1.00 43.48 ? 109 VAL B O   1 
ATOM   1411 C  CB  . VAL B 1 87 ? 0.744   -19.520 -22.908 1.00 40.84 ? 109 VAL B CB  1 
ATOM   1412 C  CG1 . VAL B 1 87 ? -0.063  -18.617 -21.984 1.00 41.51 ? 109 VAL B CG1 1 
ATOM   1413 C  CG2 . VAL B 1 87 ? 0.765   -18.920 -24.326 1.00 42.71 ? 109 VAL B CG2 1 
ATOM   1414 O  OXT . VAL B 1 87 ? 3.660   -21.496 -23.191 1.00 43.96 ? 109 VAL B OXT 1 
HETATM 1415 CL CL2 . LTZ C 2 .  ? -13.919 13.423  6.650   1.00 29.00 ? 201 LTZ A CL2 1 
HETATM 1416 C  C30 . LTZ C 2 .  ? -13.827 13.368  4.877   1.00 29.18 ? 201 LTZ A C30 1 
HETATM 1417 C  C29 . LTZ C 2 .  ? -13.531 14.540  4.201   1.00 26.91 ? 201 LTZ A C29 1 
HETATM 1418 C  C28 . LTZ C 2 .  ? -13.442 14.510  2.826   1.00 28.71 ? 201 LTZ A C28 1 
HETATM 1419 C  C31 . LTZ C 2 .  ? -14.047 12.157  4.214   1.00 29.25 ? 201 LTZ A C31 1 
HETATM 1420 C  C32 . LTZ C 2 .  ? -13.972 12.133  2.829   1.00 27.57 ? 201 LTZ A C32 1 
HETATM 1421 C  C27 . LTZ C 2 .  ? -13.650 13.306  2.131   1.00 28.17 ? 201 LTZ A C27 1 
HETATM 1422 C  C19 . LTZ C 2 .  ? -13.562 13.277  0.629   1.00 29.17 ? 201 LTZ A C19 1 
HETATM 1423 C  C33 . LTZ C 2 .  ? -14.584 14.284  0.089   1.00 28.64 ? 201 LTZ A C33 1 
HETATM 1424 C  C20 . LTZ C 2 .  ? -12.148 13.575  0.056   1.00 28.49 ? 201 LTZ A C20 1 
HETATM 1425 C  C21 . LTZ C 2 .  ? -11.143 13.155  1.085   1.00 26.34 ? 201 LTZ A C21 1 
HETATM 1426 C  C26 . LTZ C 2 .  ? -10.396 14.117  1.779   1.00 24.05 ? 201 LTZ A C26 1 
HETATM 1427 C  C25 . LTZ C 2 .  ? -9.483  13.735  2.762   1.00 26.14 ? 201 LTZ A C25 1 
HETATM 1428 C  C24 . LTZ C 2 .  ? -9.331  12.396  3.060   1.00 26.92 ? 201 LTZ A C24 1 
HETATM 1429 CL CL1 . LTZ C 2 .  ? -8.200  11.893  4.348   1.00 26.22 ? 201 LTZ A CL1 1 
HETATM 1430 C  C23 . LTZ C 2 .  ? -10.078 11.416  2.386   1.00 25.58 ? 201 LTZ A C23 1 
HETATM 1431 C  C22 . LTZ C 2 .  ? -10.967 11.804  1.392   1.00 24.80 ? 201 LTZ A C22 1 
HETATM 1432 N  N4  . LTZ C 2 .  ? -12.209 12.672  -1.109  1.00 29.73 ? 201 LTZ A N4  1 
HETATM 1433 C  C17 . LTZ C 2 .  ? -11.508 12.563  -2.266  1.00 30.41 ? 201 LTZ A C17 1 
HETATM 1434 C  C34 . LTZ C 2 .  ? -10.365 13.389  -2.728  1.00 31.90 ? 201 LTZ A C34 1 
HETATM 1435 C  C36 . LTZ C 2 .  ? -9.155  13.038  -1.879  1.00 35.01 ? 201 LTZ A C36 1 
HETATM 1436 C  C35 . LTZ C 2 .  ? -10.739 14.862  -2.688  1.00 34.43 ? 201 LTZ A C35 1 
HETATM 1437 N  N5  . LTZ C 2 .  ? -13.865 11.919  0.146   1.00 29.98 ? 201 LTZ A N5  1 
HETATM 1438 C  C18 . LTZ C 2 .  ? -13.170 11.765  -1.007  1.00 29.63 ? 201 LTZ A C18 1 
HETATM 1439 S  S   . LTZ C 2 .  ? -13.336 10.616  -2.274  1.00 31.24 ? 201 LTZ A S   1 
HETATM 1440 C  C16 . LTZ C 2 .  ? -12.014 11.408  -3.044  1.00 29.60 ? 201 LTZ A C16 1 
HETATM 1441 C  C15 . LTZ C 2 .  ? -11.558 11.029  -4.393  1.00 29.79 ? 201 LTZ A C15 1 
HETATM 1442 O  O3  . LTZ C 2 .  ? -11.582 11.990  -5.147  1.00 32.38 ? 201 LTZ A O3  1 
HETATM 1443 N  N1  . LTZ C 2 .  ? -11.237 9.809   -4.822  1.00 32.26 ? 201 LTZ A N1  1 
HETATM 1444 C  C6  . LTZ C 2 .  ? -11.106 9.591   -6.259  1.00 33.06 ? 201 LTZ A C6  1 
HETATM 1445 C  C5  . LTZ C 2 .  ? -10.805 8.106   -6.342  1.00 33.89 ? 201 LTZ A C5  1 
HETATM 1446 C  C4  . LTZ C 2 .  ? -10.664 7.553   -4.942  1.00 30.67 ? 201 LTZ A C4  1 
HETATM 1447 C  C1  . LTZ C 2 .  ? -11.031 8.651   -3.960  1.00 30.97 ? 201 LTZ A C1  1 
HETATM 1448 C  C2  . LTZ C 2 .  ? -9.806  8.939   -3.104  1.00 29.97 ? 201 LTZ A C2  1 
HETATM 1449 C  C3  . LTZ C 2 .  ? -9.779  7.994   -1.925  1.00 27.17 ? 201 LTZ A C3  1 
HETATM 1450 C  C7  . LTZ C 2 .  ? -12.367 9.923   -7.035  1.00 35.39 ? 201 LTZ A C7  1 
HETATM 1451 O  O1  . LTZ C 2 .  ? -13.466 9.875   -6.469  1.00 35.77 ? 201 LTZ A O1  1 
HETATM 1452 N  N2  . LTZ C 2 .  ? -12.226 10.290  -8.322  1.00 36.17 ? 201 LTZ A N2  1 
HETATM 1453 C  C11 . LTZ C 2 .  ? -10.924 10.409  -8.974  1.00 38.62 ? 201 LTZ A C11 1 
HETATM 1454 C  C10 . LTZ C 2 .  ? -10.861 9.445   -10.165 1.00 39.39 ? 201 LTZ A C10 1 
HETATM 1455 C  C12 . LTZ C 2 .  ? -10.764 7.960   -9.778  1.00 40.87 ? 201 LTZ A C12 1 
HETATM 1456 N  N3  . LTZ C 2 .  ? -12.019 9.708   -11.035 1.00 40.00 ? 201 LTZ A N3  1 
HETATM 1457 C  C13 . LTZ C 2 .  ? -11.817 9.894   -12.361 1.00 41.04 ? 201 LTZ A C13 1 
HETATM 1458 C  C14 . LTZ C 2 .  ? -10.428 9.683   -12.894 1.00 42.16 ? 201 LTZ A C14 1 
HETATM 1459 O  O2  . LTZ C 2 .  ? -12.721 10.215  -13.117 1.00 42.72 ? 201 LTZ A O2  1 
HETATM 1460 C  C9  . LTZ C 2 .  ? -13.336 9.677   -10.362 1.00 37.25 ? 201 LTZ A C9  1 
HETATM 1461 C  C8  . LTZ C 2 .  ? -13.358 10.647  -9.183  1.00 37.24 ? 201 LTZ A C8  1 
HETATM 1462 S  S   . SO4 D 3 .  ? -17.312 6.132   11.568  1.00 25.82 ? 202 SO4 A S   1 
HETATM 1463 O  O1  . SO4 D 3 .  ? -16.057 6.712   11.091  1.00 24.65 ? 202 SO4 A O1  1 
HETATM 1464 O  O2  . SO4 D 3 .  ? -17.775 5.139   10.646  1.00 25.85 ? 202 SO4 A O2  1 
HETATM 1465 O  O3  . SO4 D 3 .  ? -17.153 5.588   12.912  1.00 26.49 ? 202 SO4 A O3  1 
HETATM 1466 O  O4  . SO4 D 3 .  ? -18.267 7.222   11.474  1.00 24.96 ? 202 SO4 A O4  1 
HETATM 1467 CL CL2 . LTZ E 2 .  ? -1.203  -20.005 -3.330  1.00 29.56 ? 201 LTZ B CL2 1 
HETATM 1468 C  C30 . LTZ E 2 .  ? -0.276  -19.645 -1.863  1.00 28.75 ? 201 LTZ B C30 1 
HETATM 1469 C  C29 . LTZ E 2 .  ? 0.912   -20.307 -1.574  1.00 27.33 ? 201 LTZ B C29 1 
HETATM 1470 C  C28 . LTZ E 2 .  ? 1.593   -19.998 -0.402  1.00 27.73 ? 201 LTZ B C28 1 
HETATM 1471 C  C31 . LTZ E 2 .  ? -0.780  -18.678 -0.999  1.00 29.90 ? 201 LTZ B C31 1 
HETATM 1472 C  C32 . LTZ E 2 .  ? -0.092  -18.375 0.173   1.00 28.82 ? 201 LTZ B C32 1 
HETATM 1473 C  C27 . LTZ E 2 .  ? 1.099   -19.022 0.475   1.00 28.82 ? 201 LTZ B C27 1 
HETATM 1474 C  C19 . LTZ E 2 .  ? 1.839   -18.627 1.717   1.00 28.83 ? 201 LTZ B C19 1 
HETATM 1475 C  C33 . LTZ E 2 .  ? 2.494   -19.880 2.331   1.00 29.89 ? 201 LTZ B C33 1 
HETATM 1476 C  C20 . LTZ E 2 .  ? 2.951   -17.529 1.490   1.00 27.42 ? 201 LTZ B C20 1 
HETATM 1477 C  C21 . LTZ E 2 .  ? 2.723   -16.700 0.314   1.00 24.69 ? 201 LTZ B C21 1 
HETATM 1478 C  C26 . LTZ E 2 .  ? 3.335   -17.042 -0.886  1.00 21.39 ? 201 LTZ B C26 1 
HETATM 1479 C  C25 . LTZ E 2 .  ? 3.089   -16.282 -2.023  1.00 20.78 ? 201 LTZ B C25 1 
HETATM 1480 C  C24 . LTZ E 2 .  ? 2.225   -15.185 -1.931  1.00 22.79 ? 201 LTZ B C24 1 
HETATM 1481 CL CL1 . LTZ E 2 .  ? 1.866   -14.192 -3.377  1.00 25.34 ? 201 LTZ B CL1 1 
HETATM 1482 C  C23 . LTZ E 2 .  ? 1.602   -14.860 -0.737  1.00 24.78 ? 201 LTZ B C23 1 
HETATM 1483 C  C22 . LTZ E 2 .  ? 1.851   -15.613 0.404   1.00 24.66 ? 201 LTZ B C22 1 
HETATM 1484 N  N4  . LTZ E 2 .  ? 2.802   -16.813 2.774   1.00 30.46 ? 201 LTZ B N4  1 
HETATM 1485 C  C17 . LTZ E 2 .  ? 3.649   -16.009 3.463   1.00 30.71 ? 201 LTZ B C17 1 
HETATM 1486 C  C34 . LTZ E 2 .  ? 4.945   -15.564 2.862   1.00 31.59 ? 201 LTZ B C34 1 
HETATM 1487 C  C36 . LTZ E 2 .  ? 4.863   -14.055 2.633   1.00 31.96 ? 201 LTZ B C36 1 
HETATM 1488 C  C35 . LTZ E 2 .  ? 6.220   -15.978 3.581   1.00 32.34 ? 201 LTZ B C35 1 
HETATM 1489 N  N5  . LTZ E 2 .  ? 0.914   -17.991 2.669   1.00 29.82 ? 201 LTZ B N5  1 
HETATM 1490 C  C18 . LTZ E 2 .  ? 1.663   -17.105 3.394   1.00 29.48 ? 201 LTZ B C18 1 
HETATM 1491 S  S   . LTZ E 2 .  ? 1.427   -16.408 4.936   1.00 30.98 ? 201 LTZ B S   1 
HETATM 1492 C  C16 . LTZ E 2 .  ? 2.991   -15.608 4.755   1.00 29.48 ? 201 LTZ B C16 1 
HETATM 1493 C  C15 . LTZ E 2 .  ? 3.642   -14.802 5.839   1.00 30.07 ? 201 LTZ B C15 1 
HETATM 1494 O  O3  . LTZ E 2 .  ? 4.719   -15.302 6.186   1.00 31.20 ? 201 LTZ B O3  1 
HETATM 1495 N  N1  . LTZ E 2 .  ? 3.199   -13.766 6.558   1.00 29.60 ? 201 LTZ B N1  1 
HETATM 1496 C  C6  . LTZ E 2 .  ? 3.775   -13.604 7.889   1.00 30.26 ? 201 LTZ B C6  1 
HETATM 1497 C  C5  . LTZ E 2 .  ? 3.239   -12.270 8.356   1.00 29.93 ? 201 LTZ B C5  1 
HETATM 1498 C  C4  . LTZ E 2 .  ? 2.114   -11.905 7.397   1.00 29.44 ? 201 LTZ B C4  1 
HETATM 1499 C  C1  . LTZ E 2 .  ? 2.149   -12.843 6.184   1.00 28.82 ? 201 LTZ B C1  1 
HETATM 1500 C  C2  . LTZ E 2 .  ? 2.615   -12.080 4.953   1.00 27.68 ? 201 LTZ B C2  1 
HETATM 1501 C  C3  . LTZ E 2 .  ? 1.454   -11.326 4.329   1.00 28.71 ? 201 LTZ B C3  1 
HETATM 1502 C  C7  . LTZ E 2 .  ? 3.249   -14.693 8.791   1.00 34.28 ? 201 LTZ B C7  1 
HETATM 1503 O  O1  . LTZ E 2 .  ? 2.257   -15.318 8.427   1.00 32.20 ? 201 LTZ B O1  1 
HETATM 1504 N  N2  . LTZ E 2 .  ? 3.868   -14.941 9.956   1.00 35.21 ? 201 LTZ B N2  1 
HETATM 1505 C  C11 . LTZ E 2 .  ? 3.158   -15.664 11.015  1.00 37.01 ? 201 LTZ B C11 1 
HETATM 1506 C  C10 . LTZ E 2 .  ? 4.140   -16.669 11.610  1.00 37.40 ? 201 LTZ B C10 1 
HETATM 1507 C  C12 . LTZ E 2 .  ? 4.690   -17.647 10.559  1.00 36.18 ? 201 LTZ B C12 1 
HETATM 1508 N  N3  . LTZ E 2 .  ? 5.160   -15.861 12.319  1.00 37.76 ? 201 LTZ B N3  1 
HETATM 1509 C  C13 . LTZ E 2 .  ? 5.690   -16.280 13.478  1.00 38.18 ? 201 LTZ B C13 1 
HETATM 1510 C  C14 . LTZ E 2 .  ? 5.066   -17.483 14.104  1.00 35.69 ? 201 LTZ B C14 1 
HETATM 1511 O  O2  . LTZ E 2 .  ? 6.624   -15.683 14.025  1.00 39.78 ? 201 LTZ B O2  1 
HETATM 1512 C  C9  . LTZ E 2 .  ? 5.480   -14.554 11.735  1.00 36.12 ? 201 LTZ B C9  1 
HETATM 1513 C  C8  . LTZ E 2 .  ? 5.256   -14.534 10.233  1.00 36.79 ? 201 LTZ B C8  1 
HETATM 1514 S  S   . SO4 F 3 .  ? -8.605  -21.713 -1.527  1.00 51.64 ? 202 SO4 B S   1 
HETATM 1515 O  O1  . SO4 F 3 .  ? -9.071  -20.749 -2.538  1.00 51.25 ? 202 SO4 B O1  1 
HETATM 1516 O  O2  . SO4 F 3 .  ? -8.193  -22.980 -2.132  1.00 52.86 ? 202 SO4 B O2  1 
HETATM 1517 O  O3  . SO4 F 3 .  ? -7.478  -21.198 -0.753  1.00 51.63 ? 202 SO4 B O3  1 
HETATM 1518 O  O4  . SO4 F 3 .  ? -9.726  -21.965 -0.640  1.00 53.39 ? 202 SO4 B O4  1 
HETATM 1519 S  S   . SO4 G 3 .  ? -1.434  -19.887 4.370   1.00 70.81 ? 203 SO4 B S   1 
HETATM 1520 O  O1  . SO4 G 3 .  ? -1.355  -19.736 2.919   1.00 70.99 ? 203 SO4 B O1  1 
HETATM 1521 O  O2  . SO4 G 3 .  ? -2.826  -20.126 4.761   1.00 71.43 ? 203 SO4 B O2  1 
HETATM 1522 O  O3  . SO4 G 3 .  ? -0.604  -21.012 4.798   1.00 70.60 ? 203 SO4 B O3  1 
HETATM 1523 O  O4  . SO4 G 3 .  ? -0.970  -18.649 4.991   1.00 71.87 ? 203 SO4 B O4  1 
HETATM 1524 O  O   . HOH H 4 .  ? -3.355  1.858   -6.240  1.00 45.59 ? 301 HOH A O   1 
HETATM 1525 O  O   . HOH H 4 .  ? -4.231  20.629  18.186  1.00 23.75 ? 302 HOH A O   1 
HETATM 1526 O  O   . HOH H 4 .  ? 2.502   -1.798  0.970   1.00 27.68 ? 303 HOH A O   1 
HETATM 1527 O  O   . HOH H 4 .  ? -4.022  29.274  11.530  1.00 48.38 ? 304 HOH A O   1 
HETATM 1528 O  O   . HOH H 4 .  ? -8.606  20.292  19.418  1.00 33.71 ? 305 HOH A O   1 
HETATM 1529 O  O   . HOH H 4 .  ? -16.673 10.690  0.209   1.00 38.44 ? 306 HOH A O   1 
HETATM 1530 O  O   . HOH H 4 .  ? 4.481   11.791  14.366  1.00 47.75 ? 307 HOH A O   1 
HETATM 1531 O  O   . HOH H 4 .  ? -12.265 18.700  15.778  1.00 35.44 ? 308 HOH A O   1 
HETATM 1532 O  O   . HOH H 4 .  ? -11.937 3.328   7.945   1.00 25.72 ? 309 HOH A O   1 
HETATM 1533 O  O   . HOH H 4 .  ? -12.965 22.945  10.154  1.00 29.85 ? 310 HOH A O   1 
HETATM 1534 O  O   . HOH H 4 .  ? 2.202   22.214  13.929  1.00 28.03 ? 311 HOH A O   1 
HETATM 1535 O  O   . HOH H 4 .  ? -0.750  3.114   -1.951  1.00 35.32 ? 312 HOH A O   1 
HETATM 1536 O  O   . HOH H 4 .  ? -14.700 8.270   -4.417  1.00 29.37 ? 313 HOH A O   1 
HETATM 1537 O  O   . HOH H 4 .  ? 2.513   13.339  13.179  1.00 28.74 ? 314 HOH A O   1 
HETATM 1538 O  O   . HOH H 4 .  ? -11.937 6.098   8.007   1.00 20.48 ? 315 HOH A O   1 
HETATM 1539 O  O   . HOH H 4 .  ? 3.815   14.817  -0.962  1.00 31.19 ? 316 HOH A O   1 
HETATM 1540 O  O   . HOH H 4 .  ? 2.605   18.966  23.124  1.00 38.54 ? 317 HOH A O   1 
HETATM 1541 O  O   . HOH H 4 .  ? -2.900  25.193  19.513  1.00 38.96 ? 318 HOH A O   1 
HETATM 1542 O  O   . HOH H 4 .  ? -3.988  9.848   -8.444  1.00 40.03 ? 319 HOH A O   1 
HETATM 1543 O  O   . HOH H 4 .  ? -11.838 19.996  3.856   1.00 29.51 ? 320 HOH A O   1 
HETATM 1544 O  O   . HOH H 4 .  ? -8.950  27.950  18.013  1.00 39.73 ? 321 HOH A O   1 
HETATM 1545 O  O   . HOH H 4 .  ? 5.709   13.829  14.705  1.00 35.14 ? 322 HOH A O   1 
HETATM 1546 O  O   . HOH H 4 .  ? 3.258   5.857   -1.396  1.00 41.63 ? 323 HOH A O   1 
HETATM 1547 O  O   . HOH H 4 .  ? -8.883  2.329   -3.581  1.00 33.94 ? 324 HOH A O   1 
HETATM 1548 O  O   . HOH H 4 .  ? 3.183   6.926   -4.016  1.00 46.37 ? 325 HOH A O   1 
HETATM 1549 O  O   . HOH H 4 .  ? -9.347  2.565   16.659  1.00 38.21 ? 326 HOH A O   1 
HETATM 1550 O  O   . HOH H 4 .  ? 7.598   19.196  10.548  1.00 31.00 ? 327 HOH A O   1 
HETATM 1551 O  O   . HOH H 4 .  ? -10.331 -0.070  4.722   1.00 36.67 ? 328 HOH A O   1 
HETATM 1552 O  O   . HOH H 4 .  ? 2.370   15.135  -3.244  1.00 30.75 ? 329 HOH A O   1 
HETATM 1553 O  O   . HOH H 4 .  ? -11.815 0.111   11.032  1.00 32.19 ? 330 HOH A O   1 
HETATM 1554 O  O   . HOH H 4 .  ? 2.095   22.065  21.770  1.00 42.23 ? 331 HOH A O   1 
HETATM 1555 O  O   . HOH H 4 .  ? -7.124  -1.544  6.728   1.00 33.37 ? 332 HOH A O   1 
HETATM 1556 O  O   . HOH H 4 .  ? 6.790   2.349   0.470   1.00 49.54 ? 333 HOH A O   1 
HETATM 1557 O  O   . HOH H 4 .  ? -14.362 1.342   -2.632  1.00 39.60 ? 334 HOH A O   1 
HETATM 1558 O  O   . HOH H 4 .  ? -0.132  25.291  22.315  1.00 30.06 ? 335 HOH A O   1 
HETATM 1559 O  O   . HOH H 4 .  ? -10.188 2.390   9.766   1.00 35.29 ? 336 HOH A O   1 
HETATM 1560 O  O   . HOH H 4 .  ? -1.375  25.731  0.229   1.00 43.98 ? 337 HOH A O   1 
HETATM 1561 O  O   . HOH H 4 .  ? -9.069  3.855   11.993  1.00 36.67 ? 338 HOH A O   1 
HETATM 1562 O  O   . HOH H 4 .  ? -8.330  -3.017  2.891   1.00 40.03 ? 339 HOH A O   1 
HETATM 1563 O  O   . HOH H 4 .  ? 0.212   17.773  23.273  1.00 25.18 ? 340 HOH A O   1 
HETATM 1564 O  O   . HOH H 4 .  ? -11.408 22.963  13.175  1.00 29.58 ? 341 HOH A O   1 
HETATM 1565 O  O   . HOH H 4 .  ? 7.749   23.690  9.191   1.00 50.17 ? 342 HOH A O   1 
HETATM 1566 O  O   . HOH H 4 .  ? -18.742 8.725   9.390   1.00 44.58 ? 343 HOH A O   1 
HETATM 1567 O  O   . HOH H 4 .  ? -17.807 10.316  2.478   1.00 37.71 ? 344 HOH A O   1 
HETATM 1568 O  O   . HOH H 4 .  ? 0.282   29.756  12.028  1.00 39.68 ? 345 HOH A O   1 
HETATM 1569 O  O   . HOH H 4 .  ? -21.235 6.028   -2.410  1.00 49.44 ? 346 HOH A O   1 
HETATM 1570 O  O   . HOH H 4 .  ? 1.606   9.606   14.851  1.00 38.87 ? 347 HOH A O   1 
HETATM 1571 O  O   . HOH H 4 .  ? -13.036 17.207  -0.754  1.00 31.37 ? 348 HOH A O   1 
HETATM 1572 O  O   . HOH H 4 .  ? -1.371  23.430  -4.698  1.00 37.55 ? 349 HOH A O   1 
HETATM 1573 O  O   . HOH H 4 .  ? -2.948  23.423  -2.425  1.00 30.35 ? 350 HOH A O   1 
HETATM 1574 O  O   . HOH H 4 .  ? -10.904 -0.122  7.248   1.00 41.44 ? 351 HOH A O   1 
HETATM 1575 O  O   . HOH H 4 .  ? -15.917 1.426   -5.767  1.00 41.29 ? 352 HOH A O   1 
HETATM 1576 O  O   . HOH H 4 .  ? 5.773   8.207   2.201   1.00 33.03 ? 353 HOH A O   1 
HETATM 1577 O  O   . HOH H 4 .  ? -5.334  22.980  21.846  1.00 32.36 ? 354 HOH A O   1 
HETATM 1578 O  O   . HOH H 4 .  ? 6.658   8.159   -1.115  1.00 44.10 ? 355 HOH A O   1 
HETATM 1579 O  O   . HOH H 4 .  ? -9.808  -3.256  7.008   1.00 42.95 ? 356 HOH A O   1 
HETATM 1580 O  O   . HOH H 4 .  ? -11.500 26.049  7.200   1.00 41.85 ? 357 HOH A O   1 
HETATM 1581 O  O   . HOH H 4 .  ? 3.501   24.591  16.287  1.00 44.84 ? 358 HOH A O   1 
HETATM 1582 O  O   . HOH H 4 .  ? 6.433   26.753  5.415   1.00 40.90 ? 359 HOH A O   1 
HETATM 1583 O  O   . HOH H 4 .  ? -6.646  22.041  19.220  1.00 36.30 ? 360 HOH A O   1 
HETATM 1584 O  O   . HOH H 4 .  ? -18.041 2.686   10.675  1.00 39.79 ? 361 HOH A O   1 
HETATM 1585 O  O   . HOH H 4 .  ? -5.129  3.947   13.964  1.00 37.51 ? 362 HOH A O   1 
HETATM 1586 O  O   . HOH H 4 .  ? 4.145   20.369  16.114  1.00 34.47 ? 363 HOH A O   1 
HETATM 1587 O  O   . HOH H 4 .  ? 2.065   26.199  21.427  1.00 46.44 ? 364 HOH A O   1 
HETATM 1588 O  O   . HOH H 4 .  ? -19.671 5.751   8.589   1.00 35.33 ? 365 HOH A O   1 
HETATM 1589 O  O   . HOH H 4 .  ? -13.497 12.155  -15.980 1.00 29.36 ? 366 HOH A O   1 
HETATM 1590 O  O   . HOH H 4 .  ? -19.681 8.322   -3.161  1.00 53.13 ? 367 HOH A O   1 
HETATM 1591 O  O   . HOH H 4 .  ? -1.994  6.807   15.181  1.00 43.46 ? 368 HOH A O   1 
HETATM 1592 O  O   . HOH H 4 .  ? 7.881   20.479  13.145  1.00 45.06 ? 369 HOH A O   1 
HETATM 1593 O  O   . HOH H 4 .  ? -4.714  4.759   -8.743  1.00 67.13 ? 370 HOH A O   1 
HETATM 1594 O  O   . HOH H 4 .  ? -2.206  4.628   16.094  1.00 40.00 ? 371 HOH A O   1 
HETATM 1595 O  O   . HOH H 4 .  ? -10.070 24.489  20.801  1.00 37.60 ? 372 HOH A O   1 
HETATM 1596 O  O   . HOH H 4 .  ? 5.812   12.581  -0.115  1.00 42.52 ? 373 HOH A O   1 
HETATM 1597 O  O   . HOH H 4 .  ? 2.286   3.297   12.484  1.00 40.59 ? 374 HOH A O   1 
HETATM 1598 O  O   . HOH H 4 .  ? -8.423  0.579   8.576   1.00 37.31 ? 375 HOH A O   1 
HETATM 1599 O  O   . HOH H 4 .  ? 2.808   13.450  -7.341  1.00 45.71 ? 376 HOH A O   1 
HETATM 1600 O  O   . HOH H 4 .  ? -8.704  7.085   -12.135 1.00 61.39 ? 377 HOH A O   1 
HETATM 1601 O  O   . HOH H 4 .  ? -20.124 4.098   6.597   1.00 41.20 ? 378 HOH A O   1 
HETATM 1602 O  O   . HOH I 4 .  ? -1.814  -24.283 -2.044  1.00 36.12 ? 301 HOH B O   1 
HETATM 1603 O  O   . HOH I 4 .  ? 4.165   -10.552 13.934  1.00 42.69 ? 302 HOH B O   1 
HETATM 1604 O  O   . HOH I 4 .  ? 5.260   -8.636  -17.864 1.00 36.34 ? 303 HOH B O   1 
HETATM 1605 O  O   . HOH I 4 .  ? -9.218  -18.654 -3.510  1.00 33.58 ? 304 HOH B O   1 
HETATM 1606 O  O   . HOH I 4 .  ? -3.742  -10.965 11.958  1.00 40.16 ? 305 HOH B O   1 
HETATM 1607 O  O   . HOH I 4 .  ? 3.658   -27.829 -17.994 1.00 40.42 ? 306 HOH B O   1 
HETATM 1608 O  O   . HOH I 4 .  ? 1.066   -25.017 -15.699 1.00 28.38 ? 307 HOH B O   1 
HETATM 1609 O  O   . HOH I 4 .  ? 4.826   -10.285 -15.565 1.00 23.84 ? 308 HOH B O   1 
HETATM 1610 O  O   . HOH I 4 .  ? 7.651   -1.538  -6.625  1.00 28.02 ? 309 HOH B O   1 
HETATM 1611 O  O   . HOH I 4 .  ? 2.329   -16.026 -22.891 1.00 37.41 ? 310 HOH B O   1 
HETATM 1612 O  O   . HOH I 4 .  ? 6.805   -27.077 -7.448  1.00 34.55 ? 311 HOH B O   1 
HETATM 1613 O  O   . HOH I 4 .  ? -5.822  -10.497 8.466   1.00 32.52 ? 312 HOH B O   1 
HETATM 1614 O  O   . HOH I 4 .  ? -3.016  -1.444  11.576  1.00 39.76 ? 313 HOH B O   1 
HETATM 1615 O  O   . HOH I 4 .  ? 5.652   -27.101 -9.994  1.00 37.10 ? 314 HOH B O   1 
HETATM 1616 O  O   . HOH I 4 .  ? 11.421  -26.721 -6.252  1.00 37.47 ? 315 HOH B O   1 
HETATM 1617 O  O   . HOH I 4 .  ? 4.583   -18.341 5.821   1.00 40.31 ? 316 HOH B O   1 
HETATM 1618 O  O   . HOH I 4 .  ? 8.680   -8.907  7.204   1.00 13.16 ? 317 HOH B O   1 
HETATM 1619 O  O   . HOH I 4 .  ? 8.805   -0.336  6.747   1.00 33.06 ? 318 HOH B O   1 
HETATM 1620 O  O   . HOH I 4 .  ? -1.635  -6.801  6.342   1.00 24.86 ? 319 HOH B O   1 
HETATM 1621 O  O   . HOH I 4 .  ? 5.084   -24.038 -18.192 1.00 27.46 ? 320 HOH B O   1 
HETATM 1622 O  O   . HOH I 4 .  ? 11.535  -15.892 -17.591 1.00 32.80 ? 321 HOH B O   1 
HETATM 1623 O  O   . HOH I 4 .  ? 8.522   -17.497 1.129   1.00 33.67 ? 322 HOH B O   1 
HETATM 1624 O  O   . HOH I 4 .  ? 5.817   -0.988  -1.715  1.00 32.36 ? 323 HOH B O   1 
HETATM 1625 O  O   . HOH I 4 .  ? -7.827  -12.181 -2.058  1.00 28.78 ? 324 HOH B O   1 
HETATM 1626 O  O   . HOH I 4 .  ? 5.209   -21.029 -18.078 1.00 29.92 ? 325 HOH B O   1 
HETATM 1627 O  O   . HOH I 4 .  ? 15.011  -4.343  7.416   1.00 34.02 ? 326 HOH B O   1 
HETATM 1628 O  O   . HOH I 4 .  ? -1.675  -1.396  -0.541  1.00 39.80 ? 327 HOH B O   1 
HETATM 1629 O  O   . HOH I 4 .  ? 7.559   -22.128 -1.577  1.00 25.42 ? 328 HOH B O   1 
HETATM 1630 O  O   . HOH I 4 .  ? -4.965  -16.324 -14.777 1.00 35.55 ? 329 HOH B O   1 
HETATM 1631 O  O   . HOH I 4 .  ? -12.715 -24.310 -7.951  1.00 49.78 ? 330 HOH B O   1 
HETATM 1632 O  O   . HOH I 4 .  ? 15.325  -7.329  -10.781 1.00 34.86 ? 331 HOH B O   1 
HETATM 1633 O  O   . HOH I 4 .  ? -7.700  -8.064  0.584   1.00 35.14 ? 332 HOH B O   1 
HETATM 1634 O  O   . HOH I 4 .  ? 12.992  -6.444  -3.745  1.00 41.97 ? 333 HOH B O   1 
HETATM 1635 O  O   . HOH I 4 .  ? 6.187   -18.212 0.397   1.00 42.97 ? 334 HOH B O   1 
HETATM 1636 O  O   . HOH I 4 .  ? 0.181   -23.190 1.476   1.00 68.55 ? 335 HOH B O   1 
HETATM 1637 O  O   . HOH I 4 .  ? 6.272   -19.071 8.038   1.00 37.53 ? 336 HOH B O   1 
HETATM 1638 O  O   . HOH I 4 .  ? 17.026  -11.701 -16.317 1.00 41.98 ? 337 HOH B O   1 
HETATM 1639 O  O   . HOH I 4 .  ? 3.476   -25.464 -16.678 1.00 33.94 ? 338 HOH B O   1 
HETATM 1640 O  O   . HOH I 4 .  ? -5.321  -2.457  11.192  1.00 31.51 ? 339 HOH B O   1 
HETATM 1641 O  O   . HOH I 4 .  ? -11.646 -11.747 -3.631  1.00 52.99 ? 340 HOH B O   1 
HETATM 1642 O  O   . HOH I 4 .  ? 2.497   -3.467  10.928  1.00 29.94 ? 341 HOH B O   1 
HETATM 1643 O  O   . HOH I 4 .  ? -5.793  -23.936 -3.300  1.00 53.49 ? 342 HOH B O   1 
HETATM 1644 O  O   . HOH I 4 .  ? 0.206   -0.819  7.536   1.00 35.27 ? 343 HOH B O   1 
HETATM 1645 O  O   . HOH I 4 .  ? 3.612   -0.488  -1.297  1.00 45.55 ? 344 HOH B O   1 
HETATM 1646 O  O   . HOH I 4 .  ? 1.147   -8.776  -15.692 1.00 35.10 ? 345 HOH B O   1 
HETATM 1647 O  O   . HOH I 4 .  ? 16.454  -15.575 -2.346  1.00 36.90 ? 346 HOH B O   1 
HETATM 1648 O  O   . HOH I 4 .  ? -0.131  -0.715  -8.035  1.00 35.18 ? 347 HOH B O   1 
HETATM 1649 O  O   . HOH I 4 .  ? -3.103  -2.769  -10.129 1.00 39.68 ? 348 HOH B O   1 
HETATM 1650 O  O   . HOH I 4 .  ? -7.411  -1.077  10.412  1.00 38.48 ? 349 HOH B O   1 
HETATM 1651 O  O   . HOH I 4 .  ? 7.760   -1.440  0.542   1.00 38.58 ? 350 HOH B O   1 
HETATM 1652 O  O   . HOH I 4 .  ? 15.942  -20.929 -6.994  1.00 36.74 ? 351 HOH B O   1 
HETATM 1653 O  O   . HOH I 4 .  ? 17.673  -20.934 -16.253 1.00 48.43 ? 352 HOH B O   1 
HETATM 1654 O  O   . HOH I 4 .  ? 14.986  -5.121  -11.139 1.00 49.07 ? 353 HOH B O   1 
HETATM 1655 O  O   . HOH I 4 .  ? 5.815   -30.176 -20.516 1.00 50.90 ? 354 HOH B O   1 
HETATM 1656 O  O   . HOH I 4 .  ? -9.033  -13.782 4.445   1.00 44.71 ? 355 HOH B O   1 
HETATM 1657 O  O   . HOH I 4 .  ? 11.000  -29.388 -19.862 1.00 54.72 ? 356 HOH B O   1 
HETATM 1658 O  O   . HOH I 4 .  ? 9.932   -3.976  -12.862 1.00 55.43 ? 357 HOH B O   1 
# 
loop_
_pdbx_poly_seq_scheme.asym_id 
_pdbx_poly_seq_scheme.entity_id 
_pdbx_poly_seq_scheme.seq_id 
_pdbx_poly_seq_scheme.mon_id 
_pdbx_poly_seq_scheme.ndb_seq_num 
_pdbx_poly_seq_scheme.pdb_seq_num 
_pdbx_poly_seq_scheme.auth_seq_num 
_pdbx_poly_seq_scheme.pdb_mon_id 
_pdbx_poly_seq_scheme.auth_mon_id 
_pdbx_poly_seq_scheme.pdb_strand_id 
_pdbx_poly_seq_scheme.pdb_ins_code 
_pdbx_poly_seq_scheme.hetero 
A 1 1  GLY 1  23  ?   ?   ?   A . n 
A 1 2  SER 2  24  ?   ?   ?   A . n 
A 1 3  GLU 3  25  25  GLU GLU A . n 
A 1 4  THR 4  26  26  THR THR A . n 
A 1 5  LEU 5  27  27  LEU LEU A . n 
A 1 6  VAL 6  28  28  VAL VAL A . n 
A 1 7  ARG 7  29  29  ARG ARG A . n 
A 1 8  PRO 8  30  30  PRO PRO A . n 
A 1 9  LYS 9  31  31  LYS LYS A . n 
A 1 10 PRO 10 32  32  PRO PRO A . n 
A 1 11 GLU 11 33  33  GLU GLU A . n 
A 1 12 LEU 12 34  34  LEU LEU A . n 
A 1 13 LEU 13 35  35  LEU LEU A . n 
A 1 14 LYS 14 36  36  LYS LYS A . n 
A 1 15 LEU 15 37  37  LEU LEU A . n 
A 1 16 LEU 16 38  38  LEU LEU A . n 
A 1 17 LYS 17 39  39  LYS LYS A . n 
A 1 18 SER 18 40  40  SER SER A . n 
A 1 19 VAL 19 41  41  VAL VAL A . n 
A 1 20 GLY 20 42  42  GLY GLY A . n 
A 1 21 ALA 21 43  43  ALA ALA A . n 
A 1 22 GLN 22 44  44  GLN GLN A . n 
A 1 23 LYS 23 45  45  LYS LYS A . n 
A 1 24 ASP 24 46  46  ASP ASP A . n 
A 1 25 THR 25 47  47  THR THR A . n 
A 1 26 TYR 26 48  48  TYR TYR A . n 
A 1 27 THR 27 49  49  THR THR A . n 
A 1 28 MET 28 50  50  MET MET A . n 
A 1 29 LYS 29 51  51  LYS LYS A . n 
A 1 30 GLU 30 52  52  GLU GLU A . n 
A 1 31 VAL 31 53  53  VAL VAL A . n 
A 1 32 LEU 32 54  54  LEU LEU A . n 
A 1 33 PHE 33 55  55  PHE PHE A . n 
A 1 34 TYR 34 56  56  TYR TYR A . n 
A 1 35 LEU 35 57  57  LEU LEU A . n 
A 1 36 GLY 36 58  58  GLY GLY A . n 
A 1 37 GLN 37 59  59  GLN GLN A . n 
A 1 38 TYR 38 60  60  TYR TYR A . n 
A 1 39 ILE 39 61  61  ILE ILE A . n 
A 1 40 MET 40 62  62  MET MET A . n 
A 1 41 THR 41 63  63  THR THR A . n 
A 1 42 LYS 42 64  64  LYS LYS A . n 
A 1 43 ARG 43 65  65  ARG ARG A . n 
A 1 44 LEU 44 66  66  LEU LEU A . n 
A 1 45 TYR 45 67  67  TYR TYR A . n 
A 1 46 ASP 46 68  68  ASP ASP A . n 
A 1 47 GLU 47 69  69  GLU GLU A . n 
A 1 48 LYS 48 70  70  LYS LYS A . n 
A 1 49 GLN 49 71  71  GLN GLN A . n 
A 1 50 GLN 50 72  72  GLN GLN A . n 
A 1 51 HIS 51 73  73  HIS HIS A . n 
A 1 52 ILE 52 74  74  ILE ILE A . n 
A 1 53 VAL 53 75  75  VAL VAL A . n 
A 1 54 TYR 54 76  76  TYR TYR A . n 
A 1 55 CYS 55 77  77  CYS CYS A . n 
A 1 56 SER 56 78  78  SER SER A . n 
A 1 57 ASN 57 79  79  ASN ASN A . n 
A 1 58 ASP 58 80  80  ASP ASP A . n 
A 1 59 LEU 59 81  81  LEU LEU A . n 
A 1 60 LEU 60 82  82  LEU LEU A . n 
A 1 61 GLY 61 83  83  GLY GLY A . n 
A 1 62 ASP 62 84  84  ASP ASP A . n 
A 1 63 LEU 63 85  85  LEU LEU A . n 
A 1 64 PHE 64 86  86  PHE PHE A . n 
A 1 65 GLY 65 87  87  GLY GLY A . n 
A 1 66 VAL 66 88  88  VAL VAL A . n 
A 1 67 PRO 67 89  89  PRO PRO A . n 
A 1 68 SER 68 90  90  SER SER A . n 
A 1 69 PHE 69 91  91  PHE PHE A . n 
A 1 70 SER 70 92  92  SER SER A . n 
A 1 71 VAL 71 93  93  VAL VAL A . n 
A 1 72 LYS 72 94  94  LYS LYS A . n 
A 1 73 GLU 73 95  95  GLU GLU A . n 
A 1 74 HIS 74 96  96  HIS HIS A . n 
A 1 75 ARG 75 97  97  ARG ARG A . n 
A 1 76 LYS 76 98  98  LYS LYS A . n 
A 1 77 ILE 77 99  99  ILE ILE A . n 
A 1 78 TYR 78 100 100 TYR TYR A . n 
A 1 79 THR 79 101 101 THR THR A . n 
A 1 80 MET 80 102 102 MET MET A . n 
A 1 81 ILE 81 103 103 ILE ILE A . n 
A 1 82 TYR 82 104 104 TYR TYR A . n 
A 1 83 ARG 83 105 105 ARG ARG A . n 
A 1 84 ASN 84 106 106 ASN ASN A . n 
A 1 85 LEU 85 107 107 LEU LEU A . n 
A 1 86 VAL 86 108 108 VAL VAL A . n 
A 1 87 VAL 87 109 109 VAL VAL A . n 
B 1 1  GLY 1  23  ?   ?   ?   B . n 
B 1 2  SER 2  24  ?   ?   ?   B . n 
B 1 3  GLU 3  25  25  GLU GLU B . n 
B 1 4  THR 4  26  26  THR THR B . n 
B 1 5  LEU 5  27  27  LEU LEU B . n 
B 1 6  VAL 6  28  28  VAL VAL B . n 
B 1 7  ARG 7  29  29  ARG ARG B . n 
B 1 8  PRO 8  30  30  PRO PRO B . n 
B 1 9  LYS 9  31  31  LYS LYS B . n 
B 1 10 PRO 10 32  32  PRO PRO B . n 
B 1 11 GLU 11 33  33  GLU GLU B . n 
B 1 12 LEU 12 34  34  LEU LEU B . n 
B 1 13 LEU 13 35  35  LEU LEU B . n 
B 1 14 LYS 14 36  36  LYS LYS B . n 
B 1 15 LEU 15 37  37  LEU LEU B . n 
B 1 16 LEU 16 38  38  LEU LEU B . n 
B 1 17 LYS 17 39  39  LYS LYS B . n 
B 1 18 SER 18 40  40  SER SER B . n 
B 1 19 VAL 19 41  41  VAL VAL B . n 
B 1 20 GLY 20 42  42  GLY GLY B . n 
B 1 21 ALA 21 43  43  ALA ALA B . n 
B 1 22 GLN 22 44  44  GLN GLN B . n 
B 1 23 LYS 23 45  45  LYS LYS B . n 
B 1 24 ASP 24 46  46  ASP ASP B . n 
B 1 25 THR 25 47  47  THR THR B . n 
B 1 26 TYR 26 48  48  TYR TYR B . n 
B 1 27 THR 27 49  49  THR THR B . n 
B 1 28 MET 28 50  50  MET MET B . n 
B 1 29 LYS 29 51  51  LYS LYS B . n 
B 1 30 GLU 30 52  52  GLU GLU B . n 
B 1 31 VAL 31 53  53  VAL VAL B . n 
B 1 32 LEU 32 54  54  LEU LEU B . n 
B 1 33 PHE 33 55  55  PHE PHE B . n 
B 1 34 TYR 34 56  56  TYR TYR B . n 
B 1 35 LEU 35 57  57  LEU LEU B . n 
B 1 36 GLY 36 58  58  GLY GLY B . n 
B 1 37 GLN 37 59  59  GLN GLN B . n 
B 1 38 TYR 38 60  60  TYR TYR B . n 
B 1 39 ILE 39 61  61  ILE ILE B . n 
B 1 40 MET 40 62  62  MET MET B . n 
B 1 41 THR 41 63  63  THR THR B . n 
B 1 42 LYS 42 64  64  LYS LYS B . n 
B 1 43 ARG 43 65  65  ARG ARG B . n 
B 1 44 LEU 44 66  66  LEU LEU B . n 
B 1 45 TYR 45 67  67  TYR TYR B . n 
B 1 46 ASP 46 68  68  ASP ASP B . n 
B 1 47 GLU 47 69  69  GLU GLU B . n 
B 1 48 LYS 48 70  70  LYS LYS B . n 
B 1 49 GLN 49 71  71  GLN GLN B . n 
B 1 50 GLN 50 72  72  GLN GLN B . n 
B 1 51 HIS 51 73  73  HIS HIS B . n 
B 1 52 ILE 52 74  74  ILE ILE B . n 
B 1 53 VAL 53 75  75  VAL VAL B . n 
B 1 54 TYR 54 76  76  TYR TYR B . n 
B 1 55 CYS 55 77  77  CYS CYS B . n 
B 1 56 SER 56 78  78  SER SER B . n 
B 1 57 ASN 57 79  79  ASN ASN B . n 
B 1 58 ASP 58 80  80  ASP ASP B . n 
B 1 59 LEU 59 81  81  LEU LEU B . n 
B 1 60 LEU 60 82  82  LEU LEU B . n 
B 1 61 GLY 61 83  83  GLY GLY B . n 
B 1 62 ASP 62 84  84  ASP ASP B . n 
B 1 63 LEU 63 85  85  LEU LEU B . n 
B 1 64 PHE 64 86  86  PHE PHE B . n 
B 1 65 GLY 65 87  87  GLY GLY B . n 
B 1 66 VAL 66 88  88  VAL VAL B . n 
B 1 67 PRO 67 89  89  PRO PRO B . n 
B 1 68 SER 68 90  90  SER SER B . n 
B 1 69 PHE 69 91  91  PHE PHE B . n 
B 1 70 SER 70 92  92  SER SER B . n 
B 1 71 VAL 71 93  93  VAL VAL B . n 
B 1 72 LYS 72 94  94  LYS LYS B . n 
B 1 73 GLU 73 95  95  GLU GLU B . n 
B 1 74 HIS 74 96  96  HIS HIS B . n 
B 1 75 ARG 75 97  97  ARG ARG B . n 
B 1 76 LYS 76 98  98  LYS LYS B . n 
B 1 77 ILE 77 99  99  ILE ILE B . n 
B 1 78 TYR 78 100 100 TYR TYR B . n 
B 1 79 THR 79 101 101 THR THR B . n 
B 1 80 MET 80 102 102 MET MET B . n 
B 1 81 ILE 81 103 103 ILE ILE B . n 
B 1 82 TYR 82 104 104 TYR TYR B . n 
B 1 83 ARG 83 105 105 ARG ARG B . n 
B 1 84 ASN 84 106 106 ASN ASN B . n 
B 1 85 LEU 85 107 107 LEU LEU B . n 
B 1 86 VAL 86 108 108 VAL VAL B . n 
B 1 87 VAL 87 109 109 VAL VAL B . n 
# 
loop_
_pdbx_nonpoly_scheme.asym_id 
_pdbx_nonpoly_scheme.entity_id 
_pdbx_nonpoly_scheme.mon_id 
_pdbx_nonpoly_scheme.ndb_seq_num 
_pdbx_nonpoly_scheme.pdb_seq_num 
_pdbx_nonpoly_scheme.auth_seq_num 
_pdbx_nonpoly_scheme.pdb_mon_id 
_pdbx_nonpoly_scheme.auth_mon_id 
_pdbx_nonpoly_scheme.pdb_strand_id 
_pdbx_nonpoly_scheme.pdb_ins_code 
C 2 LTZ 1  201 200 LTZ LIG A . 
D 3 SO4 1  202 1   SO4 SO4 A . 
E 2 LTZ 1  201 201 LTZ LIG B . 
F 3 SO4 1  202 1   SO4 SO4 B . 
G 3 SO4 1  203 1   SO4 SO4 B . 
H 4 HOH 1  301 8   HOH HOH A . 
H 4 HOH 2  302 10  HOH HOH A . 
H 4 HOH 3  303 11  HOH HOH A . 
H 4 HOH 4  304 12  HOH HOH A . 
H 4 HOH 5  305 15  HOH HOH A . 
H 4 HOH 6  306 22  HOH HOH A . 
H 4 HOH 7  307 24  HOH HOH A . 
H 4 HOH 8  308 26  HOH HOH A . 
H 4 HOH 9  309 27  HOH HOH A . 
H 4 HOH 10 310 28  HOH HOH A . 
H 4 HOH 11 311 31  HOH HOH A . 
H 4 HOH 12 312 32  HOH HOH A . 
H 4 HOH 13 313 33  HOH HOH A . 
H 4 HOH 14 314 34  HOH HOH A . 
H 4 HOH 15 315 35  HOH HOH A . 
H 4 HOH 16 316 36  HOH HOH A . 
H 4 HOH 17 317 37  HOH HOH A . 
H 4 HOH 18 318 39  HOH HOH A . 
H 4 HOH 19 319 40  HOH HOH A . 
H 4 HOH 20 320 41  HOH HOH A . 
H 4 HOH 21 321 42  HOH HOH A . 
H 4 HOH 22 322 49  HOH HOH A . 
H 4 HOH 23 323 50  HOH HOH A . 
H 4 HOH 24 324 51  HOH HOH A . 
H 4 HOH 25 325 52  HOH HOH A . 
H 4 HOH 26 326 53  HOH HOH A . 
H 4 HOH 27 327 54  HOH HOH A . 
H 4 HOH 28 328 55  HOH HOH A . 
H 4 HOH 29 329 56  HOH HOH A . 
H 4 HOH 30 330 57  HOH HOH A . 
H 4 HOH 31 331 58  HOH HOH A . 
H 4 HOH 32 332 60  HOH HOH A . 
H 4 HOH 33 333 61  HOH HOH A . 
H 4 HOH 34 334 62  HOH HOH A . 
H 4 HOH 35 335 63  HOH HOH A . 
H 4 HOH 36 336 65  HOH HOH A . 
H 4 HOH 37 337 69  HOH HOH A . 
H 4 HOH 38 338 70  HOH HOH A . 
H 4 HOH 39 339 72  HOH HOH A . 
H 4 HOH 40 340 73  HOH HOH A . 
H 4 HOH 41 341 75  HOH HOH A . 
H 4 HOH 42 342 76  HOH HOH A . 
H 4 HOH 43 343 79  HOH HOH A . 
H 4 HOH 44 344 80  HOH HOH A . 
H 4 HOH 45 345 83  HOH HOH A . 
H 4 HOH 46 346 91  HOH HOH A . 
H 4 HOH 47 347 92  HOH HOH A . 
H 4 HOH 48 348 95  HOH HOH A . 
H 4 HOH 49 349 96  HOH HOH A . 
H 4 HOH 50 350 97  HOH HOH A . 
H 4 HOH 51 351 98  HOH HOH A . 
H 4 HOH 52 352 99  HOH HOH A . 
H 4 HOH 53 353 100 HOH HOH A . 
H 4 HOH 54 354 101 HOH HOH A . 
H 4 HOH 55 355 103 HOH HOH A . 
H 4 HOH 56 356 104 HOH HOH A . 
H 4 HOH 57 357 105 HOH HOH A . 
H 4 HOH 58 358 106 HOH HOH A . 
H 4 HOH 59 359 107 HOH HOH A . 
H 4 HOH 60 360 108 HOH HOH A . 
H 4 HOH 61 361 109 HOH HOH A . 
H 4 HOH 62 362 110 HOH HOH A . 
H 4 HOH 63 363 112 HOH HOH A . 
H 4 HOH 64 364 115 HOH HOH A . 
H 4 HOH 65 365 117 HOH HOH A . 
H 4 HOH 66 366 118 HOH HOH A . 
H 4 HOH 67 367 119 HOH HOH A . 
H 4 HOH 68 368 120 HOH HOH A . 
H 4 HOH 69 369 121 HOH HOH A . 
H 4 HOH 70 370 123 HOH HOH A . 
H 4 HOH 71 371 125 HOH HOH A . 
H 4 HOH 72 372 126 HOH HOH A . 
H 4 HOH 73 373 127 HOH HOH A . 
H 4 HOH 74 374 129 HOH HOH A . 
H 4 HOH 75 375 131 HOH HOH A . 
H 4 HOH 76 376 132 HOH HOH A . 
H 4 HOH 77 377 133 HOH HOH A . 
H 4 HOH 78 378 136 HOH HOH A . 
I 4 HOH 1  301 2   HOH HOH B . 
I 4 HOH 2  302 3   HOH HOH B . 
I 4 HOH 3  303 4   HOH HOH B . 
I 4 HOH 4  304 5   HOH HOH B . 
I 4 HOH 5  305 6   HOH HOH B . 
I 4 HOH 6  306 7   HOH HOH B . 
I 4 HOH 7  307 9   HOH HOH B . 
I 4 HOH 8  308 13  HOH HOH B . 
I 4 HOH 9  309 14  HOH HOH B . 
I 4 HOH 10 310 16  HOH HOH B . 
I 4 HOH 11 311 17  HOH HOH B . 
I 4 HOH 12 312 18  HOH HOH B . 
I 4 HOH 13 313 19  HOH HOH B . 
I 4 HOH 14 314 20  HOH HOH B . 
I 4 HOH 15 315 21  HOH HOH B . 
I 4 HOH 16 316 23  HOH HOH B . 
I 4 HOH 17 317 25  HOH HOH B . 
I 4 HOH 18 318 29  HOH HOH B . 
I 4 HOH 19 319 30  HOH HOH B . 
I 4 HOH 20 320 38  HOH HOH B . 
I 4 HOH 21 321 43  HOH HOH B . 
I 4 HOH 22 322 44  HOH HOH B . 
I 4 HOH 23 323 45  HOH HOH B . 
I 4 HOH 24 324 46  HOH HOH B . 
I 4 HOH 25 325 47  HOH HOH B . 
I 4 HOH 26 326 48  HOH HOH B . 
I 4 HOH 27 327 59  HOH HOH B . 
I 4 HOH 28 328 64  HOH HOH B . 
I 4 HOH 29 329 66  HOH HOH B . 
I 4 HOH 30 330 67  HOH HOH B . 
I 4 HOH 31 331 68  HOH HOH B . 
I 4 HOH 32 332 71  HOH HOH B . 
I 4 HOH 33 333 74  HOH HOH B . 
I 4 HOH 34 334 77  HOH HOH B . 
I 4 HOH 35 335 78  HOH HOH B . 
I 4 HOH 36 336 81  HOH HOH B . 
I 4 HOH 37 337 82  HOH HOH B . 
I 4 HOH 38 338 84  HOH HOH B . 
I 4 HOH 39 339 85  HOH HOH B . 
I 4 HOH 40 340 86  HOH HOH B . 
I 4 HOH 41 341 87  HOH HOH B . 
I 4 HOH 42 342 88  HOH HOH B . 
I 4 HOH 43 343 89  HOH HOH B . 
I 4 HOH 44 344 90  HOH HOH B . 
I 4 HOH 45 345 93  HOH HOH B . 
I 4 HOH 46 346 94  HOH HOH B . 
I 4 HOH 47 347 102 HOH HOH B . 
I 4 HOH 48 348 111 HOH HOH B . 
I 4 HOH 49 349 113 HOH HOH B . 
I 4 HOH 50 350 114 HOH HOH B . 
I 4 HOH 51 351 116 HOH HOH B . 
I 4 HOH 52 352 122 HOH HOH B . 
I 4 HOH 53 353 124 HOH HOH B . 
I 4 HOH 54 354 128 HOH HOH B . 
I 4 HOH 55 355 130 HOH HOH B . 
I 4 HOH 56 356 134 HOH HOH B . 
I 4 HOH 57 357 135 HOH HOH B . 
# 
loop_
_pdbx_struct_assembly.id 
_pdbx_struct_assembly.details 
_pdbx_struct_assembly.method_details 
_pdbx_struct_assembly.oligomeric_details 
_pdbx_struct_assembly.oligomeric_count 
1 author_and_software_defined_assembly PISA monomeric 1 
2 author_and_software_defined_assembly PISA monomeric 1 
# 
loop_
_pdbx_struct_assembly_gen.assembly_id 
_pdbx_struct_assembly_gen.oper_expression 
_pdbx_struct_assembly_gen.asym_id_list 
1 1 A,C,D,H   
2 1 B,E,F,G,I 
# 
_pdbx_struct_oper_list.id                   1 
_pdbx_struct_oper_list.type                 'identity operation' 
_pdbx_struct_oper_list.name                 1_555 
_pdbx_struct_oper_list.symmetry_operation   x,y,z 
_pdbx_struct_oper_list.matrix[1][1]         1.0000000000 
_pdbx_struct_oper_list.matrix[1][2]         0.0000000000 
_pdbx_struct_oper_list.matrix[1][3]         0.0000000000 
_pdbx_struct_oper_list.vector[1]            0.0000000000 
_pdbx_struct_oper_list.matrix[2][1]         0.0000000000 
_pdbx_struct_oper_list.matrix[2][2]         1.0000000000 
_pdbx_struct_oper_list.matrix[2][3]         0.0000000000 
_pdbx_struct_oper_list.vector[2]            0.0000000000 
_pdbx_struct_oper_list.matrix[3][1]         0.0000000000 
_pdbx_struct_oper_list.matrix[3][2]         0.0000000000 
_pdbx_struct_oper_list.matrix[3][3]         1.0000000000 
_pdbx_struct_oper_list.vector[3]            0.0000000000 
# 
loop_
_pdbx_audit_revision_history.ordinal 
_pdbx_audit_revision_history.data_content_type 
_pdbx_audit_revision_history.major_revision 
_pdbx_audit_revision_history.minor_revision 
_pdbx_audit_revision_history.revision_date 
1 'Structure model' 1 0 2013-06-05 
2 'Structure model' 1 1 2014-04-30 
3 'Structure model' 1 2 2023-11-08 
# 
_pdbx_audit_revision_details.ordinal             1 
_pdbx_audit_revision_details.revision_ordinal    1 
_pdbx_audit_revision_details.data_content_type   'Structure model' 
_pdbx_audit_revision_details.provider            repository 
_pdbx_audit_revision_details.type                'Initial release' 
_pdbx_audit_revision_details.description         ? 
_pdbx_audit_revision_details.details             ? 
# 
loop_
_pdbx_audit_revision_group.ordinal 
_pdbx_audit_revision_group.revision_ordinal 
_pdbx_audit_revision_group.data_content_type 
_pdbx_audit_revision_group.group 
1 2 'Structure model' 'Database references'    
2 3 'Structure model' 'Data collection'        
3 3 'Structure model' 'Database references'    
4 3 'Structure model' 'Derived calculations'   
5 3 'Structure model' 'Refinement description' 
# 
loop_
_pdbx_audit_revision_category.ordinal 
_pdbx_audit_revision_category.revision_ordinal 
_pdbx_audit_revision_category.data_content_type 
_pdbx_audit_revision_category.category 
1 3 'Structure model' chem_comp_atom                
2 3 'Structure model' chem_comp_bond                
3 3 'Structure model' database_2                    
4 3 'Structure model' pdbx_initial_refinement_model 
5 3 'Structure model' struct_ref_seq_dif            
6 3 'Structure model' struct_site                   
# 
loop_
_pdbx_audit_revision_item.ordinal 
_pdbx_audit_revision_item.revision_ordinal 
_pdbx_audit_revision_item.data_content_type 
_pdbx_audit_revision_item.item 
1 3 'Structure model' '_database_2.pdbx_DOI'                
2 3 'Structure model' '_database_2.pdbx_database_accession' 
3 3 'Structure model' '_struct_ref_seq_dif.details'         
4 3 'Structure model' '_struct_site.pdbx_auth_asym_id'      
5 3 'Structure model' '_struct_site.pdbx_auth_comp_id'      
6 3 'Structure model' '_struct_site.pdbx_auth_seq_id'       
# 
loop_
_software.name 
_software.classification 
_software.version 
_software.citation_id 
_software.pdbx_ordinal 
CrystalClear 'data collection' .        ? 1 
MOLREP       phasing           .        ? 2 
REFMAC       refinement        5.2.0019 ? 3 
PROCESS      'data reduction'  .        ? 4 
SCALA        'data scaling'    .        ? 5 
# 
_pdbx_validate_symm_contact.id                1 
_pdbx_validate_symm_contact.PDB_model_num     1 
_pdbx_validate_symm_contact.auth_atom_id_1    O 
_pdbx_validate_symm_contact.auth_asym_id_1    A 
_pdbx_validate_symm_contact.auth_comp_id_1    HOH 
_pdbx_validate_symm_contact.auth_seq_id_1     377 
_pdbx_validate_symm_contact.PDB_ins_code_1    ? 
_pdbx_validate_symm_contact.label_alt_id_1    ? 
_pdbx_validate_symm_contact.site_symmetry_1   1_555 
_pdbx_validate_symm_contact.auth_atom_id_2    O 
_pdbx_validate_symm_contact.auth_asym_id_2    B 
_pdbx_validate_symm_contact.auth_comp_id_2    HOH 
_pdbx_validate_symm_contact.auth_seq_id_2     301 
_pdbx_validate_symm_contact.PDB_ins_code_2    ? 
_pdbx_validate_symm_contact.label_alt_id_2    ? 
_pdbx_validate_symm_contact.site_symmetry_2   3_444 
_pdbx_validate_symm_contact.dist              2.14 
# 
loop_
_pdbx_validate_rmsd_angle.id 
_pdbx_validate_rmsd_angle.PDB_model_num 
_pdbx_validate_rmsd_angle.auth_atom_id_1 
_pdbx_validate_rmsd_angle.auth_asym_id_1 
_pdbx_validate_rmsd_angle.auth_comp_id_1 
_pdbx_validate_rmsd_angle.auth_seq_id_1 
_pdbx_validate_rmsd_angle.PDB_ins_code_1 
_pdbx_validate_rmsd_angle.label_alt_id_1 
_pdbx_validate_rmsd_angle.auth_atom_id_2 
_pdbx_validate_rmsd_angle.auth_asym_id_2 
_pdbx_validate_rmsd_angle.auth_comp_id_2 
_pdbx_validate_rmsd_angle.auth_seq_id_2 
_pdbx_validate_rmsd_angle.PDB_ins_code_2 
_pdbx_validate_rmsd_angle.label_alt_id_2 
_pdbx_validate_rmsd_angle.auth_atom_id_3 
_pdbx_validate_rmsd_angle.auth_asym_id_3 
_pdbx_validate_rmsd_angle.auth_comp_id_3 
_pdbx_validate_rmsd_angle.auth_seq_id_3 
_pdbx_validate_rmsd_angle.PDB_ins_code_3 
_pdbx_validate_rmsd_angle.label_alt_id_3 
_pdbx_validate_rmsd_angle.angle_value 
_pdbx_validate_rmsd_angle.angle_target_value 
_pdbx_validate_rmsd_angle.angle_deviation 
_pdbx_validate_rmsd_angle.angle_standard_deviation 
_pdbx_validate_rmsd_angle.linker_flag 
1 1 CA A LEU 37 ? ? CB A LEU 37 ? ? CG A LEU 37 ? ? 131.30 115.30 16.00 2.30 N 
2 1 CA B LEU 37 ? ? CB B LEU 37 ? ? CG B LEU 37 ? ? 131.76 115.30 16.46 2.30 N 
# 
loop_
_pdbx_validate_torsion.id 
_pdbx_validate_torsion.PDB_model_num 
_pdbx_validate_torsion.auth_comp_id 
_pdbx_validate_torsion.auth_asym_id 
_pdbx_validate_torsion.auth_seq_id 
_pdbx_validate_torsion.PDB_ins_code 
_pdbx_validate_torsion.label_alt_id 
_pdbx_validate_torsion.phi 
_pdbx_validate_torsion.psi 
1 1 LEU B 66 ? ? -87.62  48.75 
2 1 GLU B 95 ? ? -104.83 73.79 
# 
loop_
_pdbx_unobs_or_zero_occ_residues.id 
_pdbx_unobs_or_zero_occ_residues.PDB_model_num 
_pdbx_unobs_or_zero_occ_residues.polymer_flag 
_pdbx_unobs_or_zero_occ_residues.occupancy_flag 
_pdbx_unobs_or_zero_occ_residues.auth_asym_id 
_pdbx_unobs_or_zero_occ_residues.auth_comp_id 
_pdbx_unobs_or_zero_occ_residues.auth_seq_id 
_pdbx_unobs_or_zero_occ_residues.PDB_ins_code 
_pdbx_unobs_or_zero_occ_residues.label_asym_id 
_pdbx_unobs_or_zero_occ_residues.label_comp_id 
_pdbx_unobs_or_zero_occ_residues.label_seq_id 
1 1 Y 1 A GLY 23 ? A GLY 1 
2 1 Y 1 A SER 24 ? A SER 2 
3 1 Y 1 B GLY 23 ? B GLY 1 
4 1 Y 1 B SER 24 ? B SER 2 
# 
loop_
_chem_comp_atom.comp_id 
_chem_comp_atom.atom_id 
_chem_comp_atom.type_symbol 
_chem_comp_atom.pdbx_aromatic_flag 
_chem_comp_atom.pdbx_stereo_config 
_chem_comp_atom.pdbx_ordinal 
ALA N    N  N N 1   
ALA CA   C  N S 2   
ALA C    C  N N 3   
ALA O    O  N N 4   
ALA CB   C  N N 5   
ALA OXT  O  N N 6   
ALA H    H  N N 7   
ALA H2   H  N N 8   
ALA HA   H  N N 9   
ALA HB1  H  N N 10  
ALA HB2  H  N N 11  
ALA HB3  H  N N 12  
ALA HXT  H  N N 13  
ARG N    N  N N 14  
ARG CA   C  N S 15  
ARG C    C  N N 16  
ARG O    O  N N 17  
ARG CB   C  N N 18  
ARG CG   C  N N 19  
ARG CD   C  N N 20  
ARG NE   N  N N 21  
ARG CZ   C  N N 22  
ARG NH1  N  N N 23  
ARG NH2  N  N N 24  
ARG OXT  O  N N 25  
ARG H    H  N N 26  
ARG H2   H  N N 27  
ARG HA   H  N N 28  
ARG HB2  H  N N 29  
ARG HB3  H  N N 30  
ARG HG2  H  N N 31  
ARG HG3  H  N N 32  
ARG HD2  H  N N 33  
ARG HD3  H  N N 34  
ARG HE   H  N N 35  
ARG HH11 H  N N 36  
ARG HH12 H  N N 37  
ARG HH21 H  N N 38  
ARG HH22 H  N N 39  
ARG HXT  H  N N 40  
ASN N    N  N N 41  
ASN CA   C  N S 42  
ASN C    C  N N 43  
ASN O    O  N N 44  
ASN CB   C  N N 45  
ASN CG   C  N N 46  
ASN OD1  O  N N 47  
ASN ND2  N  N N 48  
ASN OXT  O  N N 49  
ASN H    H  N N 50  
ASN H2   H  N N 51  
ASN HA   H  N N 52  
ASN HB2  H  N N 53  
ASN HB3  H  N N 54  
ASN HD21 H  N N 55  
ASN HD22 H  N N 56  
ASN HXT  H  N N 57  
ASP N    N  N N 58  
ASP CA   C  N S 59  
ASP C    C  N N 60  
ASP O    O  N N 61  
ASP CB   C  N N 62  
ASP CG   C  N N 63  
ASP OD1  O  N N 64  
ASP OD2  O  N N 65  
ASP OXT  O  N N 66  
ASP H    H  N N 67  
ASP H2   H  N N 68  
ASP HA   H  N N 69  
ASP HB2  H  N N 70  
ASP HB3  H  N N 71  
ASP HD2  H  N N 72  
ASP HXT  H  N N 73  
CYS N    N  N N 74  
CYS CA   C  N R 75  
CYS C    C  N N 76  
CYS O    O  N N 77  
CYS CB   C  N N 78  
CYS SG   S  N N 79  
CYS OXT  O  N N 80  
CYS H    H  N N 81  
CYS H2   H  N N 82  
CYS HA   H  N N 83  
CYS HB2  H  N N 84  
CYS HB3  H  N N 85  
CYS HG   H  N N 86  
CYS HXT  H  N N 87  
GLN N    N  N N 88  
GLN CA   C  N S 89  
GLN C    C  N N 90  
GLN O    O  N N 91  
GLN CB   C  N N 92  
GLN CG   C  N N 93  
GLN CD   C  N N 94  
GLN OE1  O  N N 95  
GLN NE2  N  N N 96  
GLN OXT  O  N N 97  
GLN H    H  N N 98  
GLN H2   H  N N 99  
GLN HA   H  N N 100 
GLN HB2  H  N N 101 
GLN HB3  H  N N 102 
GLN HG2  H  N N 103 
GLN HG3  H  N N 104 
GLN HE21 H  N N 105 
GLN HE22 H  N N 106 
GLN HXT  H  N N 107 
GLU N    N  N N 108 
GLU CA   C  N S 109 
GLU C    C  N N 110 
GLU O    O  N N 111 
GLU CB   C  N N 112 
GLU CG   C  N N 113 
GLU CD   C  N N 114 
GLU OE1  O  N N 115 
GLU OE2  O  N N 116 
GLU OXT  O  N N 117 
GLU H    H  N N 118 
GLU H2   H  N N 119 
GLU HA   H  N N 120 
GLU HB2  H  N N 121 
GLU HB3  H  N N 122 
GLU HG2  H  N N 123 
GLU HG3  H  N N 124 
GLU HE2  H  N N 125 
GLU HXT  H  N N 126 
GLY N    N  N N 127 
GLY CA   C  N N 128 
GLY C    C  N N 129 
GLY O    O  N N 130 
GLY OXT  O  N N 131 
GLY H    H  N N 132 
GLY H2   H  N N 133 
GLY HA2  H  N N 134 
GLY HA3  H  N N 135 
GLY HXT  H  N N 136 
HIS N    N  N N 137 
HIS CA   C  N S 138 
HIS C    C  N N 139 
HIS O    O  N N 140 
HIS CB   C  N N 141 
HIS CG   C  Y N 142 
HIS ND1  N  Y N 143 
HIS CD2  C  Y N 144 
HIS CE1  C  Y N 145 
HIS NE2  N  Y N 146 
HIS OXT  O  N N 147 
HIS H    H  N N 148 
HIS H2   H  N N 149 
HIS HA   H  N N 150 
HIS HB2  H  N N 151 
HIS HB3  H  N N 152 
HIS HD1  H  N N 153 
HIS HD2  H  N N 154 
HIS HE1  H  N N 155 
HIS HE2  H  N N 156 
HIS HXT  H  N N 157 
HOH O    O  N N 158 
HOH H1   H  N N 159 
HOH H2   H  N N 160 
ILE N    N  N N 161 
ILE CA   C  N S 162 
ILE C    C  N N 163 
ILE O    O  N N 164 
ILE CB   C  N S 165 
ILE CG1  C  N N 166 
ILE CG2  C  N N 167 
ILE CD1  C  N N 168 
ILE OXT  O  N N 169 
ILE H    H  N N 170 
ILE H2   H  N N 171 
ILE HA   H  N N 172 
ILE HB   H  N N 173 
ILE HG12 H  N N 174 
ILE HG13 H  N N 175 
ILE HG21 H  N N 176 
ILE HG22 H  N N 177 
ILE HG23 H  N N 178 
ILE HD11 H  N N 179 
ILE HD12 H  N N 180 
ILE HD13 H  N N 181 
ILE HXT  H  N N 182 
LEU N    N  N N 183 
LEU CA   C  N S 184 
LEU C    C  N N 185 
LEU O    O  N N 186 
LEU CB   C  N N 187 
LEU CG   C  N N 188 
LEU CD1  C  N N 189 
LEU CD2  C  N N 190 
LEU OXT  O  N N 191 
LEU H    H  N N 192 
LEU H2   H  N N 193 
LEU HA   H  N N 194 
LEU HB2  H  N N 195 
LEU HB3  H  N N 196 
LEU HG   H  N N 197 
LEU HD11 H  N N 198 
LEU HD12 H  N N 199 
LEU HD13 H  N N 200 
LEU HD21 H  N N 201 
LEU HD22 H  N N 202 
LEU HD23 H  N N 203 
LEU HXT  H  N N 204 
LTZ CL2  CL N N 205 
LTZ C30  C  Y N 206 
LTZ C29  C  Y N 207 
LTZ C28  C  Y N 208 
LTZ C31  C  Y N 209 
LTZ C32  C  Y N 210 
LTZ C27  C  Y N 211 
LTZ C19  C  N S 212 
LTZ C33  C  N N 213 
LTZ C20  C  N R 214 
LTZ C21  C  Y N 215 
LTZ C26  C  Y N 216 
LTZ C25  C  Y N 217 
LTZ C24  C  Y N 218 
LTZ CL1  CL N N 219 
LTZ C23  C  Y N 220 
LTZ C22  C  Y N 221 
LTZ N4   N  N N 222 
LTZ C17  C  N N 223 
LTZ C34  C  N N 224 
LTZ C36  C  N N 225 
LTZ C35  C  N N 226 
LTZ N5   N  N N 227 
LTZ C18  C  N N 228 
LTZ S    S  N N 229 
LTZ C16  C  N N 230 
LTZ C15  C  N N 231 
LTZ O3   O  N N 232 
LTZ N1   N  N N 233 
LTZ C6   C  N S 234 
LTZ C5   C  N N 235 
LTZ C4   C  N N 236 
LTZ C1   C  N R 237 
LTZ C2   C  N N 238 
LTZ C3   C  N N 239 
LTZ C7   C  N N 240 
LTZ O1   O  N N 241 
LTZ N2   N  N N 242 
LTZ C11  C  N N 243 
LTZ C10  C  N R 244 
LTZ C12  C  N N 245 
LTZ N3   N  N N 246 
LTZ C13  C  N N 247 
LTZ C14  C  N N 248 
LTZ O2   O  N N 249 
LTZ C9   C  N N 250 
LTZ C8   C  N N 251 
LTZ H1   H  N N 252 
LTZ H2   H  N N 253 
LTZ H3   H  N N 254 
LTZ H4   H  N N 255 
LTZ H5   H  N N 256 
LTZ H6   H  N N 257 
LTZ H7   H  N N 258 
LTZ H8   H  N N 259 
LTZ H9   H  N N 260 
LTZ H10  H  N N 261 
LTZ H11  H  N N 262 
LTZ H12  H  N N 263 
LTZ H13  H  N N 264 
LTZ H14  H  N N 265 
LTZ H15  H  N N 266 
LTZ H16  H  N N 267 
LTZ H17  H  N N 268 
LTZ H18  H  N N 269 
LTZ H19  H  N N 270 
LTZ H21  H  N N 271 
LTZ H22  H  N N 272 
LTZ H23  H  N N 273 
LTZ H24  H  N N 274 
LTZ H25  H  N N 275 
LTZ H26  H  N N 276 
LTZ H27  H  N N 277 
LTZ H28  H  N N 278 
LTZ H29  H  N N 279 
LTZ H30  H  N N 280 
LTZ H31  H  N N 281 
LTZ H32  H  N N 282 
LTZ H33  H  N N 283 
LTZ H34  H  N N 284 
LTZ H35  H  N N 285 
LTZ H36  H  N N 286 
LTZ H37  H  N N 287 
LTZ H38  H  N N 288 
LTZ H39  H  N N 289 
LTZ H40  H  N N 290 
LTZ H41  H  N N 291 
LTZ H42  H  N N 292 
LTZ H20  H  N N 293 
LTZ H43  H  N N 294 
LYS N    N  N N 295 
LYS CA   C  N S 296 
LYS C    C  N N 297 
LYS O    O  N N 298 
LYS CB   C  N N 299 
LYS CG   C  N N 300 
LYS CD   C  N N 301 
LYS CE   C  N N 302 
LYS NZ   N  N N 303 
LYS OXT  O  N N 304 
LYS H    H  N N 305 
LYS H2   H  N N 306 
LYS HA   H  N N 307 
LYS HB2  H  N N 308 
LYS HB3  H  N N 309 
LYS HG2  H  N N 310 
LYS HG3  H  N N 311 
LYS HD2  H  N N 312 
LYS HD3  H  N N 313 
LYS HE2  H  N N 314 
LYS HE3  H  N N 315 
LYS HZ1  H  N N 316 
LYS HZ2  H  N N 317 
LYS HZ3  H  N N 318 
LYS HXT  H  N N 319 
MET N    N  N N 320 
MET CA   C  N S 321 
MET C    C  N N 322 
MET O    O  N N 323 
MET CB   C  N N 324 
MET CG   C  N N 325 
MET SD   S  N N 326 
MET CE   C  N N 327 
MET OXT  O  N N 328 
MET H    H  N N 329 
MET H2   H  N N 330 
MET HA   H  N N 331 
MET HB2  H  N N 332 
MET HB3  H  N N 333 
MET HG2  H  N N 334 
MET HG3  H  N N 335 
MET HE1  H  N N 336 
MET HE2  H  N N 337 
MET HE3  H  N N 338 
MET HXT  H  N N 339 
PHE N    N  N N 340 
PHE CA   C  N S 341 
PHE C    C  N N 342 
PHE O    O  N N 343 
PHE CB   C  N N 344 
PHE CG   C  Y N 345 
PHE CD1  C  Y N 346 
PHE CD2  C  Y N 347 
PHE CE1  C  Y N 348 
PHE CE2  C  Y N 349 
PHE CZ   C  Y N 350 
PHE OXT  O  N N 351 
PHE H    H  N N 352 
PHE H2   H  N N 353 
PHE HA   H  N N 354 
PHE HB2  H  N N 355 
PHE HB3  H  N N 356 
PHE HD1  H  N N 357 
PHE HD2  H  N N 358 
PHE HE1  H  N N 359 
PHE HE2  H  N N 360 
PHE HZ   H  N N 361 
PHE HXT  H  N N 362 
PRO N    N  N N 363 
PRO CA   C  N S 364 
PRO C    C  N N 365 
PRO O    O  N N 366 
PRO CB   C  N N 367 
PRO CG   C  N N 368 
PRO CD   C  N N 369 
PRO OXT  O  N N 370 
PRO H    H  N N 371 
PRO HA   H  N N 372 
PRO HB2  H  N N 373 
PRO HB3  H  N N 374 
PRO HG2  H  N N 375 
PRO HG3  H  N N 376 
PRO HD2  H  N N 377 
PRO HD3  H  N N 378 
PRO HXT  H  N N 379 
SER N    N  N N 380 
SER CA   C  N S 381 
SER C    C  N N 382 
SER O    O  N N 383 
SER CB   C  N N 384 
SER OG   O  N N 385 
SER OXT  O  N N 386 
SER H    H  N N 387 
SER H2   H  N N 388 
SER HA   H  N N 389 
SER HB2  H  N N 390 
SER HB3  H  N N 391 
SER HG   H  N N 392 
SER HXT  H  N N 393 
SO4 S    S  N N 394 
SO4 O1   O  N N 395 
SO4 O2   O  N N 396 
SO4 O3   O  N N 397 
SO4 O4   O  N N 398 
THR N    N  N N 399 
THR CA   C  N S 400 
THR C    C  N N 401 
THR O    O  N N 402 
THR CB   C  N R 403 
THR OG1  O  N N 404 
THR CG2  C  N N 405 
THR OXT  O  N N 406 
THR H    H  N N 407 
THR H2   H  N N 408 
THR HA   H  N N 409 
THR HB   H  N N 410 
THR HG1  H  N N 411 
THR HG21 H  N N 412 
THR HG22 H  N N 413 
THR HG23 H  N N 414 
THR HXT  H  N N 415 
TYR N    N  N N 416 
TYR CA   C  N S 417 
TYR C    C  N N 418 
TYR O    O  N N 419 
TYR CB   C  N N 420 
TYR CG   C  Y N 421 
TYR CD1  C  Y N 422 
TYR CD2  C  Y N 423 
TYR CE1  C  Y N 424 
TYR CE2  C  Y N 425 
TYR CZ   C  Y N 426 
TYR OH   O  N N 427 
TYR OXT  O  N N 428 
TYR H    H  N N 429 
TYR H2   H  N N 430 
TYR HA   H  N N 431 
TYR HB2  H  N N 432 
TYR HB3  H  N N 433 
TYR HD1  H  N N 434 
TYR HD2  H  N N 435 
TYR HE1  H  N N 436 
TYR HE2  H  N N 437 
TYR HH   H  N N 438 
TYR HXT  H  N N 439 
VAL N    N  N N 440 
VAL CA   C  N S 441 
VAL C    C  N N 442 
VAL O    O  N N 443 
VAL CB   C  N N 444 
VAL CG1  C  N N 445 
VAL CG2  C  N N 446 
VAL OXT  O  N N 447 
VAL H    H  N N 448 
VAL H2   H  N N 449 
VAL HA   H  N N 450 
VAL HB   H  N N 451 
VAL HG11 H  N N 452 
VAL HG12 H  N N 453 
VAL HG13 H  N N 454 
VAL HG21 H  N N 455 
VAL HG22 H  N N 456 
VAL HG23 H  N N 457 
VAL HXT  H  N N 458 
# 
loop_
_chem_comp_bond.comp_id 
_chem_comp_bond.atom_id_1 
_chem_comp_bond.atom_id_2 
_chem_comp_bond.value_order 
_chem_comp_bond.pdbx_aromatic_flag 
_chem_comp_bond.pdbx_stereo_config 
_chem_comp_bond.pdbx_ordinal 
ALA N   CA   sing N N 1   
ALA N   H    sing N N 2   
ALA N   H2   sing N N 3   
ALA CA  C    sing N N 4   
ALA CA  CB   sing N N 5   
ALA CA  HA   sing N N 6   
ALA C   O    doub N N 7   
ALA C   OXT  sing N N 8   
ALA CB  HB1  sing N N 9   
ALA CB  HB2  sing N N 10  
ALA CB  HB3  sing N N 11  
ALA OXT HXT  sing N N 12  
ARG N   CA   sing N N 13  
ARG N   H    sing N N 14  
ARG N   H2   sing N N 15  
ARG CA  C    sing N N 16  
ARG CA  CB   sing N N 17  
ARG CA  HA   sing N N 18  
ARG C   O    doub N N 19  
ARG C   OXT  sing N N 20  
ARG CB  CG   sing N N 21  
ARG CB  HB2  sing N N 22  
ARG CB  HB3  sing N N 23  
ARG CG  CD   sing N N 24  
ARG CG  HG2  sing N N 25  
ARG CG  HG3  sing N N 26  
ARG CD  NE   sing N N 27  
ARG CD  HD2  sing N N 28  
ARG CD  HD3  sing N N 29  
ARG NE  CZ   sing N N 30  
ARG NE  HE   sing N N 31  
ARG CZ  NH1  sing N N 32  
ARG CZ  NH2  doub N N 33  
ARG NH1 HH11 sing N N 34  
ARG NH1 HH12 sing N N 35  
ARG NH2 HH21 sing N N 36  
ARG NH2 HH22 sing N N 37  
ARG OXT HXT  sing N N 38  
ASN N   CA   sing N N 39  
ASN N   H    sing N N 40  
ASN N   H2   sing N N 41  
ASN CA  C    sing N N 42  
ASN CA  CB   sing N N 43  
ASN CA  HA   sing N N 44  
ASN C   O    doub N N 45  
ASN C   OXT  sing N N 46  
ASN CB  CG   sing N N 47  
ASN CB  HB2  sing N N 48  
ASN CB  HB3  sing N N 49  
ASN CG  OD1  doub N N 50  
ASN CG  ND2  sing N N 51  
ASN ND2 HD21 sing N N 52  
ASN ND2 HD22 sing N N 53  
ASN OXT HXT  sing N N 54  
ASP N   CA   sing N N 55  
ASP N   H    sing N N 56  
ASP N   H2   sing N N 57  
ASP CA  C    sing N N 58  
ASP CA  CB   sing N N 59  
ASP CA  HA   sing N N 60  
ASP C   O    doub N N 61  
ASP C   OXT  sing N N 62  
ASP CB  CG   sing N N 63  
ASP CB  HB2  sing N N 64  
ASP CB  HB3  sing N N 65  
ASP CG  OD1  doub N N 66  
ASP CG  OD2  sing N N 67  
ASP OD2 HD2  sing N N 68  
ASP OXT HXT  sing N N 69  
CYS N   CA   sing N N 70  
CYS N   H    sing N N 71  
CYS N   H2   sing N N 72  
CYS CA  C    sing N N 73  
CYS CA  CB   sing N N 74  
CYS CA  HA   sing N N 75  
CYS C   O    doub N N 76  
CYS C   OXT  sing N N 77  
CYS CB  SG   sing N N 78  
CYS CB  HB2  sing N N 79  
CYS CB  HB3  sing N N 80  
CYS SG  HG   sing N N 81  
CYS OXT HXT  sing N N 82  
GLN N   CA   sing N N 83  
GLN N   H    sing N N 84  
GLN N   H2   sing N N 85  
GLN CA  C    sing N N 86  
GLN CA  CB   sing N N 87  
GLN CA  HA   sing N N 88  
GLN C   O    doub N N 89  
GLN C   OXT  sing N N 90  
GLN CB  CG   sing N N 91  
GLN CB  HB2  sing N N 92  
GLN CB  HB3  sing N N 93  
GLN CG  CD   sing N N 94  
GLN CG  HG2  sing N N 95  
GLN CG  HG3  sing N N 96  
GLN CD  OE1  doub N N 97  
GLN CD  NE2  sing N N 98  
GLN NE2 HE21 sing N N 99  
GLN NE2 HE22 sing N N 100 
GLN OXT HXT  sing N N 101 
GLU N   CA   sing N N 102 
GLU N   H    sing N N 103 
GLU N   H2   sing N N 104 
GLU CA  C    sing N N 105 
GLU CA  CB   sing N N 106 
GLU CA  HA   sing N N 107 
GLU C   O    doub N N 108 
GLU C   OXT  sing N N 109 
GLU CB  CG   sing N N 110 
GLU CB  HB2  sing N N 111 
GLU CB  HB3  sing N N 112 
GLU CG  CD   sing N N 113 
GLU CG  HG2  sing N N 114 
GLU CG  HG3  sing N N 115 
GLU CD  OE1  doub N N 116 
GLU CD  OE2  sing N N 117 
GLU OE2 HE2  sing N N 118 
GLU OXT HXT  sing N N 119 
GLY N   CA   sing N N 120 
GLY N   H    sing N N 121 
GLY N   H2   sing N N 122 
GLY CA  C    sing N N 123 
GLY CA  HA2  sing N N 124 
GLY CA  HA3  sing N N 125 
GLY C   O    doub N N 126 
GLY C   OXT  sing N N 127 
GLY OXT HXT  sing N N 128 
HIS N   CA   sing N N 129 
HIS N   H    sing N N 130 
HIS N   H2   sing N N 131 
HIS CA  C    sing N N 132 
HIS CA  CB   sing N N 133 
HIS CA  HA   sing N N 134 
HIS C   O    doub N N 135 
HIS C   OXT  sing N N 136 
HIS CB  CG   sing N N 137 
HIS CB  HB2  sing N N 138 
HIS CB  HB3  sing N N 139 
HIS CG  ND1  sing Y N 140 
HIS CG  CD2  doub Y N 141 
HIS ND1 CE1  doub Y N 142 
HIS ND1 HD1  sing N N 143 
HIS CD2 NE2  sing Y N 144 
HIS CD2 HD2  sing N N 145 
HIS CE1 NE2  sing Y N 146 
HIS CE1 HE1  sing N N 147 
HIS NE2 HE2  sing N N 148 
HIS OXT HXT  sing N N 149 
HOH O   H1   sing N N 150 
HOH O   H2   sing N N 151 
ILE N   CA   sing N N 152 
ILE N   H    sing N N 153 
ILE N   H2   sing N N 154 
ILE CA  C    sing N N 155 
ILE CA  CB   sing N N 156 
ILE CA  HA   sing N N 157 
ILE C   O    doub N N 158 
ILE C   OXT  sing N N 159 
ILE CB  CG1  sing N N 160 
ILE CB  CG2  sing N N 161 
ILE CB  HB   sing N N 162 
ILE CG1 CD1  sing N N 163 
ILE CG1 HG12 sing N N 164 
ILE CG1 HG13 sing N N 165 
ILE CG2 HG21 sing N N 166 
ILE CG2 HG22 sing N N 167 
ILE CG2 HG23 sing N N 168 
ILE CD1 HD11 sing N N 169 
ILE CD1 HD12 sing N N 170 
ILE CD1 HD13 sing N N 171 
ILE OXT HXT  sing N N 172 
LEU N   CA   sing N N 173 
LEU N   H    sing N N 174 
LEU N   H2   sing N N 175 
LEU CA  C    sing N N 176 
LEU CA  CB   sing N N 177 
LEU CA  HA   sing N N 178 
LEU C   O    doub N N 179 
LEU C   OXT  sing N N 180 
LEU CB  CG   sing N N 181 
LEU CB  HB2  sing N N 182 
LEU CB  HB3  sing N N 183 
LEU CG  CD1  sing N N 184 
LEU CG  CD2  sing N N 185 
LEU CG  HG   sing N N 186 
LEU CD1 HD11 sing N N 187 
LEU CD1 HD12 sing N N 188 
LEU CD1 HD13 sing N N 189 
LEU CD2 HD21 sing N N 190 
LEU CD2 HD22 sing N N 191 
LEU CD2 HD23 sing N N 192 
LEU OXT HXT  sing N N 193 
LTZ O2  C13  doub N N 194 
LTZ C14 C13  sing N N 195 
LTZ C13 N3   sing N N 196 
LTZ N3  C9   sing N N 197 
LTZ N3  C10  sing N N 198 
LTZ C9  C8   sing N N 199 
LTZ C12 C10  sing N N 200 
LTZ C10 C11  sing N N 201 
LTZ C8  N2   sing N N 202 
LTZ C11 N2   sing N N 203 
LTZ N2  C7   sing N N 204 
LTZ C7  O1   doub N N 205 
LTZ C7  C6   sing N N 206 
LTZ C5  C6   sing N N 207 
LTZ C5  C4   sing N N 208 
LTZ C6  N1   sing N N 209 
LTZ C4  C1   sing N N 210 
LTZ N1  C1   sing N N 211 
LTZ N1  C15  sing N N 212 
LTZ O3  C15  doub N N 213 
LTZ C1  C2   sing N N 214 
LTZ C15 C16  sing N N 215 
LTZ C2  C3   sing N N 216 
LTZ C16 S    sing N N 217 
LTZ C16 C17  doub N N 218 
LTZ S   C18  sing N N 219 
LTZ C17 C34  sing N N 220 
LTZ C17 N4   sing N N 221 
LTZ C34 C35  sing N N 222 
LTZ C34 C36  sing N N 223 
LTZ C18 N4   sing N N 224 
LTZ C18 N5   doub N N 225 
LTZ N4  C20  sing N N 226 
LTZ N5  C19  sing N N 227 
LTZ C33 C19  sing N N 228 
LTZ C20 C19  sing N N 229 
LTZ C20 C21  sing N N 230 
LTZ C19 C27  sing N N 231 
LTZ C22 C21  doub Y N 232 
LTZ C22 C23  sing Y N 233 
LTZ C21 C26  sing Y N 234 
LTZ C27 C32  doub Y N 235 
LTZ C27 C28  sing Y N 236 
LTZ C32 C31  sing Y N 237 
LTZ C23 C24  doub Y N 238 
LTZ C26 C25  doub Y N 239 
LTZ C28 C29  doub Y N 240 
LTZ C24 C25  sing Y N 241 
LTZ C24 CL1  sing N N 242 
LTZ C31 C30  doub Y N 243 
LTZ C29 C30  sing Y N 244 
LTZ C30 CL2  sing N N 245 
LTZ C29 H1   sing N N 246 
LTZ C28 H2   sing N N 247 
LTZ C31 H3   sing N N 248 
LTZ C32 H4   sing N N 249 
LTZ C33 H5   sing N N 250 
LTZ C33 H6   sing N N 251 
LTZ C33 H7   sing N N 252 
LTZ C20 H8   sing N N 253 
LTZ C26 H9   sing N N 254 
LTZ C25 H10  sing N N 255 
LTZ C23 H11  sing N N 256 
LTZ C22 H12  sing N N 257 
LTZ C34 H13  sing N N 258 
LTZ C36 H14  sing N N 259 
LTZ C36 H15  sing N N 260 
LTZ C36 H16  sing N N 261 
LTZ C35 H17  sing N N 262 
LTZ C35 H18  sing N N 263 
LTZ C35 H19  sing N N 264 
LTZ C6  H21  sing N N 265 
LTZ C5  H22  sing N N 266 
LTZ C4  H23  sing N N 267 
LTZ C1  H24  sing N N 268 
LTZ C2  H25  sing N N 269 
LTZ C2  H26  sing N N 270 
LTZ C3  H27  sing N N 271 
LTZ C3  H28  sing N N 272 
LTZ C3  H29  sing N N 273 
LTZ C11 H30  sing N N 274 
LTZ C11 H31  sing N N 275 
LTZ C10 H32  sing N N 276 
LTZ C12 H33  sing N N 277 
LTZ C12 H34  sing N N 278 
LTZ C12 H35  sing N N 279 
LTZ C14 H36  sing N N 280 
LTZ C14 H37  sing N N 281 
LTZ C14 H38  sing N N 282 
LTZ C9  H39  sing N N 283 
LTZ C9  H40  sing N N 284 
LTZ C8  H41  sing N N 285 
LTZ C8  H42  sing N N 286 
LTZ C5  H20  sing N N 287 
LTZ C4  H43  sing N N 288 
LYS N   CA   sing N N 289 
LYS N   H    sing N N 290 
LYS N   H2   sing N N 291 
LYS CA  C    sing N N 292 
LYS CA  CB   sing N N 293 
LYS CA  HA   sing N N 294 
LYS C   O    doub N N 295 
LYS C   OXT  sing N N 296 
LYS CB  CG   sing N N 297 
LYS CB  HB2  sing N N 298 
LYS CB  HB3  sing N N 299 
LYS CG  CD   sing N N 300 
LYS CG  HG2  sing N N 301 
LYS CG  HG3  sing N N 302 
LYS CD  CE   sing N N 303 
LYS CD  HD2  sing N N 304 
LYS CD  HD3  sing N N 305 
LYS CE  NZ   sing N N 306 
LYS CE  HE2  sing N N 307 
LYS CE  HE3  sing N N 308 
LYS NZ  HZ1  sing N N 309 
LYS NZ  HZ2  sing N N 310 
LYS NZ  HZ3  sing N N 311 
LYS OXT HXT  sing N N 312 
MET N   CA   sing N N 313 
MET N   H    sing N N 314 
MET N   H2   sing N N 315 
MET CA  C    sing N N 316 
MET CA  CB   sing N N 317 
MET CA  HA   sing N N 318 
MET C   O    doub N N 319 
MET C   OXT  sing N N 320 
MET CB  CG   sing N N 321 
MET CB  HB2  sing N N 322 
MET CB  HB3  sing N N 323 
MET CG  SD   sing N N 324 
MET CG  HG2  sing N N 325 
MET CG  HG3  sing N N 326 
MET SD  CE   sing N N 327 
MET CE  HE1  sing N N 328 
MET CE  HE2  sing N N 329 
MET CE  HE3  sing N N 330 
MET OXT HXT  sing N N 331 
PHE N   CA   sing N N 332 
PHE N   H    sing N N 333 
PHE N   H2   sing N N 334 
PHE CA  C    sing N N 335 
PHE CA  CB   sing N N 336 
PHE CA  HA   sing N N 337 
PHE C   O    doub N N 338 
PHE C   OXT  sing N N 339 
PHE CB  CG   sing N N 340 
PHE CB  HB2  sing N N 341 
PHE CB  HB3  sing N N 342 
PHE CG  CD1  doub Y N 343 
PHE CG  CD2  sing Y N 344 
PHE CD1 CE1  sing Y N 345 
PHE CD1 HD1  sing N N 346 
PHE CD2 CE2  doub Y N 347 
PHE CD2 HD2  sing N N 348 
PHE CE1 CZ   doub Y N 349 
PHE CE1 HE1  sing N N 350 
PHE CE2 CZ   sing Y N 351 
PHE CE2 HE2  sing N N 352 
PHE CZ  HZ   sing N N 353 
PHE OXT HXT  sing N N 354 
PRO N   CA   sing N N 355 
PRO N   CD   sing N N 356 
PRO N   H    sing N N 357 
PRO CA  C    sing N N 358 
PRO CA  CB   sing N N 359 
PRO CA  HA   sing N N 360 
PRO C   O    doub N N 361 
PRO C   OXT  sing N N 362 
PRO CB  CG   sing N N 363 
PRO CB  HB2  sing N N 364 
PRO CB  HB3  sing N N 365 
PRO CG  CD   sing N N 366 
PRO CG  HG2  sing N N 367 
PRO CG  HG3  sing N N 368 
PRO CD  HD2  sing N N 369 
PRO CD  HD3  sing N N 370 
PRO OXT HXT  sing N N 371 
SER N   CA   sing N N 372 
SER N   H    sing N N 373 
SER N   H2   sing N N 374 
SER CA  C    sing N N 375 
SER CA  CB   sing N N 376 
SER CA  HA   sing N N 377 
SER C   O    doub N N 378 
SER C   OXT  sing N N 379 
SER CB  OG   sing N N 380 
SER CB  HB2  sing N N 381 
SER CB  HB3  sing N N 382 
SER OG  HG   sing N N 383 
SER OXT HXT  sing N N 384 
SO4 S   O1   doub N N 385 
SO4 S   O2   doub N N 386 
SO4 S   O3   sing N N 387 
SO4 S   O4   sing N N 388 
THR N   CA   sing N N 389 
THR N   H    sing N N 390 
THR N   H2   sing N N 391 
THR CA  C    sing N N 392 
THR CA  CB   sing N N 393 
THR CA  HA   sing N N 394 
THR C   O    doub N N 395 
THR C   OXT  sing N N 396 
THR CB  OG1  sing N N 397 
THR CB  CG2  sing N N 398 
THR CB  HB   sing N N 399 
THR OG1 HG1  sing N N 400 
THR CG2 HG21 sing N N 401 
THR CG2 HG22 sing N N 402 
THR CG2 HG23 sing N N 403 
THR OXT HXT  sing N N 404 
TYR N   CA   sing N N 405 
TYR N   H    sing N N 406 
TYR N   H2   sing N N 407 
TYR CA  C    sing N N 408 
TYR CA  CB   sing N N 409 
TYR CA  HA   sing N N 410 
TYR C   O    doub N N 411 
TYR C   OXT  sing N N 412 
TYR CB  CG   sing N N 413 
TYR CB  HB2  sing N N 414 
TYR CB  HB3  sing N N 415 
TYR CG  CD1  doub Y N 416 
TYR CG  CD2  sing Y N 417 
TYR CD1 CE1  sing Y N 418 
TYR CD1 HD1  sing N N 419 
TYR CD2 CE2  doub Y N 420 
TYR CD2 HD2  sing N N 421 
TYR CE1 CZ   doub Y N 422 
TYR CE1 HE1  sing N N 423 
TYR CE2 CZ   sing Y N 424 
TYR CE2 HE2  sing N N 425 
TYR CZ  OH   sing N N 426 
TYR OH  HH   sing N N 427 
TYR OXT HXT  sing N N 428 
VAL N   CA   sing N N 429 
VAL N   H    sing N N 430 
VAL N   H2   sing N N 431 
VAL CA  C    sing N N 432 
VAL CA  CB   sing N N 433 
VAL CA  HA   sing N N 434 
VAL C   O    doub N N 435 
VAL C   OXT  sing N N 436 
VAL CB  CG1  sing N N 437 
VAL CB  CG2  sing N N 438 
VAL CB  HB   sing N N 439 
VAL CG1 HG11 sing N N 440 
VAL CG1 HG12 sing N N 441 
VAL CG1 HG13 sing N N 442 
VAL CG2 HG21 sing N N 443 
VAL CG2 HG22 sing N N 444 
VAL CG2 HG23 sing N N 445 
VAL OXT HXT  sing N N 446 
# 
loop_
_pdbx_entity_nonpoly.entity_id 
_pdbx_entity_nonpoly.name 
_pdbx_entity_nonpoly.comp_id 
2 
;(5R,6S)-2-[((2S,5R)-2-{[(3R)-4-acetyl-3-methylpiperazin-1-yl]carbonyl}-5-ethylpyrrolidin-1-yl)carbonyl]-5,6-bis(4-chlorophenyl)-3-isopropyl-6-methyl-5,6-dihydroimidazo[2,1-b][1,3]thiazole
;
LTZ 
3 'SULFATE ION' SO4 
4 water HOH 
# 
_pdbx_initial_refinement_model.id               1 
_pdbx_initial_refinement_model.entity_id_list   ? 
_pdbx_initial_refinement_model.type             'experimental model' 
_pdbx_initial_refinement_model.source_name      PDB 
_pdbx_initial_refinement_model.accession_code   1RV1 
_pdbx_initial_refinement_model.details          ? 
# 
